data_4APL
#
_entry.id   4APL
#
_cell.length_a   251.560
_cell.length_b   51.000
_cell.length_c   145.340
_cell.angle_alpha   90.00
_cell.angle_beta   90.93
_cell.angle_gamma   90.00
#
_symmetry.space_group_name_H-M   'C 1 2 1'
#
loop_
_entity.id
_entity.type
_entity.pdbx_description
1 polymer 'APICAL MEMBRANE ANTIGEN 1'
2 water water
#
_entity_poly.entity_id   1
_entity_poly.type   'polypeptide(L)'
_entity_poly.pdbx_seq_one_letter_code
;GSAMGSASTPQNPFQTPELKAFLERYNVTLHHQSGVNVDLGQDKEVDGKLYREAAGLCPVWGKYIQLHQPNRPPYKNNFL
EDIPTEAEYQKSGNPLPGGFNMNFVTPAGQRISPYPMELLEKSSKIKASTELGKCAEFAYKTTAMDKSNQATQYRYPFVY
DSKRRLCYILSVSMQRMEGSKYCSTNDDPVNLTWYCFEPQKSPTANHNLIFGSAYVGKDPDAFLTKCPNQALKGYRFGHW
TNGRCHDYTELADSWIEAVDSKAQCWVKTFTNDEVASDQPRTYPLTSQHSWNDWWPVHEKDQPHSGGDGRNYGFFYFDSN
GKGKCALSHKAPDCLVSDSKAVSYTALGSLSEETPDIIIPSNPSVNPSTPDEALQCRSSEFPETFGSCDVQACKRQKTSC
VGGQIQSTSVDCTAEEQNDCGSNTAAALVPR
;
_entity_poly.pdbx_strand_id   A,B,D,E
#
# COMPACT_ATOMS: atom_id res chain seq x y z
N THR A 9 19.04 13.79 8.29
CA THR A 9 19.66 12.71 7.45
C THR A 9 18.65 12.09 6.51
N PRO A 10 19.10 11.73 5.29
CA PRO A 10 18.26 11.03 4.32
C PRO A 10 18.53 9.53 4.19
N GLN A 11 19.50 8.99 4.95
CA GLN A 11 20.10 7.71 4.58
C GLN A 11 19.99 6.55 5.55
N ASN A 12 19.77 5.38 4.97
CA ASN A 12 19.73 4.08 5.63
C ASN A 12 20.88 3.82 6.61
N PRO A 13 20.60 3.90 7.91
CA PRO A 13 21.69 3.70 8.86
C PRO A 13 22.32 2.31 8.72
N PHE A 14 21.64 1.43 7.98
CA PHE A 14 22.12 0.05 7.80
C PHE A 14 22.87 -0.11 6.49
N GLN A 15 23.03 0.99 5.76
CA GLN A 15 23.75 0.95 4.50
C GLN A 15 25.27 1.11 4.72
N THR A 16 25.68 1.25 5.97
CA THR A 16 27.10 1.25 6.30
C THR A 16 27.75 -0.04 5.78
N PRO A 17 29.08 -0.03 5.52
CA PRO A 17 29.78 -1.23 5.06
C PRO A 17 29.60 -2.42 5.99
N GLU A 18 29.77 -2.18 7.29
CA GLU A 18 29.72 -3.26 8.27
C GLU A 18 28.30 -3.79 8.43
N LEU A 19 27.33 -2.89 8.29
CA LEU A 19 25.92 -3.23 8.44
C LEU A 19 25.35 -3.88 7.16
N LYS A 20 25.77 -3.38 6.00
CA LYS A 20 25.38 -3.99 4.71
C LYS A 20 25.82 -5.45 4.57
N ALA A 21 27.04 -5.76 4.99
CA ALA A 21 27.47 -7.15 5.01
C ALA A 21 26.60 -7.97 5.96
N PHE A 22 26.23 -7.37 7.09
CA PHE A 22 25.41 -8.06 8.07
C PHE A 22 24.06 -8.42 7.46
N LEU A 23 23.32 -7.42 7.02
CA LEU A 23 22.04 -7.64 6.38
C LEU A 23 22.13 -8.58 5.17
N GLU A 24 23.19 -8.42 4.37
CA GLU A 24 23.40 -9.21 3.15
C GLU A 24 23.39 -10.71 3.39
N ARG A 25 23.96 -11.14 4.52
CA ARG A 25 23.94 -12.55 4.89
C ARG A 25 22.55 -13.17 5.12
N TYR A 26 21.51 -12.35 5.16
CA TYR A 26 20.12 -12.86 5.15
C TYR A 26 19.60 -13.11 3.73
N ASN A 27 20.37 -12.69 2.73
CA ASN A 27 19.94 -12.74 1.35
C ASN A 27 20.25 -14.09 0.67
N VAL A 28 19.22 -14.91 0.50
CA VAL A 28 19.37 -16.27 -0.02
C VAL A 28 19.91 -16.27 -1.44
N THR A 29 19.40 -15.36 -2.25
CA THR A 29 19.95 -15.02 -3.54
C THR A 29 21.47 -14.80 -3.56
N LEU A 30 22.01 -14.21 -2.49
CA LEU A 30 23.40 -13.73 -2.47
C LEU A 30 24.51 -14.74 -2.17
N HIS A 31 24.31 -15.63 -1.20
CA HIS A 31 25.32 -16.64 -0.93
CA HIS A 31 25.31 -16.64 -0.87
C HIS A 31 24.82 -18.04 -1.17
N HIS A 32 23.63 -18.35 -0.66
CA HIS A 32 23.08 -19.69 -0.85
C HIS A 32 22.92 -20.07 -2.29
N GLN A 33 22.23 -19.22 -3.06
CA GLN A 33 22.19 -19.32 -4.52
C GLN A 33 21.50 -20.58 -5.08
N SER A 34 20.64 -21.19 -4.28
CA SER A 34 19.90 -22.36 -4.73
C SER A 34 18.61 -22.49 -3.92
N GLY A 35 17.72 -23.38 -4.34
CA GLY A 35 16.49 -23.57 -3.60
C GLY A 35 16.82 -23.87 -2.15
N VAL A 36 15.88 -23.59 -1.24
CA VAL A 36 16.03 -24.09 0.11
C VAL A 36 15.09 -25.26 0.38
N ASN A 37 13.84 -25.15 -0.03
CA ASN A 37 12.86 -26.20 0.22
C ASN A 37 13.25 -27.49 -0.48
N VAL A 38 13.23 -27.46 -1.81
CA VAL A 38 14.04 -28.35 -2.62
C VAL A 38 15.24 -27.61 -3.19
N ASP A 39 16.40 -28.27 -3.14
CA ASP A 39 17.68 -27.72 -3.62
C ASP A 39 18.19 -28.64 -4.72
N LEU A 40 18.06 -28.19 -5.97
CA LEU A 40 18.55 -28.95 -7.11
C LEU A 40 19.06 -27.96 -8.14
N GLY A 41 20.07 -27.18 -7.74
CA GLY A 41 20.46 -26.00 -8.48
C GLY A 41 21.60 -26.21 -9.46
N GLN A 42 22.19 -27.40 -9.46
CA GLN A 42 23.22 -27.72 -10.42
C GLN A 42 22.90 -29.01 -11.17
N ASP A 43 23.56 -29.22 -12.30
CA ASP A 43 23.43 -30.48 -13.07
C ASP A 43 24.83 -31.05 -13.40
N LYS A 44 25.01 -32.34 -13.11
CA LYS A 44 26.28 -33.00 -13.41
C LYS A 44 26.05 -34.18 -14.34
N GLU A 45 27.05 -34.47 -15.16
CA GLU A 45 27.02 -35.65 -16.03
C GLU A 45 27.59 -36.85 -15.30
N VAL A 46 26.82 -37.94 -15.25
CA VAL A 46 27.33 -39.22 -14.77
C VAL A 46 26.93 -40.32 -15.76
N ASP A 47 27.92 -41.08 -16.23
CA ASP A 47 27.69 -42.17 -17.16
C ASP A 47 26.87 -41.77 -18.37
N GLY A 48 27.15 -40.60 -18.94
CA GLY A 48 26.45 -40.14 -20.12
C GLY A 48 25.24 -39.28 -19.82
N LYS A 49 24.46 -39.68 -18.83
CA LYS A 49 23.24 -38.95 -18.44
C LYS A 49 23.51 -37.74 -17.56
N LEU A 50 22.58 -36.78 -17.59
CA LEU A 50 22.69 -35.51 -16.87
C LEU A 50 21.72 -35.49 -15.69
N TYR A 51 22.23 -35.17 -14.51
CA TYR A 51 21.45 -35.31 -13.28
C TYR A 51 21.40 -34.03 -12.50
N ARG A 52 20.29 -33.83 -11.81
CA ARG A 52 20.14 -32.65 -10.96
C ARG A 52 20.93 -32.83 -9.67
N GLU A 53 21.40 -31.72 -9.13
CA GLU A 53 22.35 -31.76 -8.02
C GLU A 53 22.06 -30.65 -7.04
N ALA A 54 21.98 -31.00 -5.76
CA ALA A 54 21.94 -30.01 -4.71
C ALA A 54 23.22 -29.18 -4.78
N ALA A 55 23.06 -27.86 -4.72
CA ALA A 55 24.12 -26.93 -5.07
C ALA A 55 24.30 -25.81 -4.03
N GLY A 56 23.39 -25.71 -3.07
CA GLY A 56 23.31 -24.52 -2.20
C GLY A 56 24.44 -24.42 -1.19
N LEU A 57 24.91 -23.21 -0.93
CA LEU A 57 26.11 -23.01 -0.11
C LEU A 57 25.87 -22.89 1.39
N CYS A 58 24.60 -22.75 1.78
CA CYS A 58 24.25 -22.57 3.19
C CYS A 58 23.58 -23.84 3.74
N PRO A 59 23.91 -24.23 4.99
CA PRO A 59 23.19 -25.34 5.59
C PRO A 59 21.79 -24.89 5.97
N VAL A 60 20.80 -25.75 5.80
CA VAL A 60 19.46 -25.42 6.26
C VAL A 60 19.14 -26.18 7.53
N TRP A 61 18.81 -25.42 8.57
CA TRP A 61 18.60 -25.97 9.89
C TRP A 61 17.20 -26.47 10.06
N GLY A 62 17.06 -27.74 10.40
CA GLY A 62 15.79 -28.27 10.84
C GLY A 62 15.03 -28.93 9.73
N LYS A 63 15.61 -28.95 8.53
CA LYS A 63 14.96 -29.56 7.38
C LYS A 63 15.16 -31.06 7.40
N TYR A 64 14.07 -31.79 7.19
CA TYR A 64 14.17 -33.18 6.83
C TYR A 64 13.19 -33.51 5.69
N ILE A 65 13.36 -34.68 5.09
CA ILE A 65 12.43 -35.16 4.11
C ILE A 65 11.49 -36.11 4.83
N GLN A 66 10.19 -35.80 4.77
CA GLN A 66 9.12 -36.62 5.35
C GLN A 66 8.70 -37.74 4.42
N LEU A 67 8.62 -38.95 4.96
CA LEU A 67 8.31 -40.12 4.14
C LEU A 67 6.88 -40.60 4.37
N HIS A 68 6.25 -41.09 3.31
CA HIS A 68 4.89 -41.60 3.41
C HIS A 68 4.82 -43.02 2.99
N GLN A 69 5.73 -43.80 3.56
CA GLN A 69 5.66 -45.25 3.57
C GLN A 69 4.41 -45.70 4.35
N PRO A 70 3.97 -46.94 4.12
CA PRO A 70 2.79 -47.41 4.84
C PRO A 70 3.14 -47.77 6.28
N ASN A 71 2.22 -47.50 7.21
CA ASN A 71 2.50 -47.74 8.62
C ASN A 71 2.44 -49.20 9.04
N ARG A 72 3.47 -49.96 8.68
CA ARG A 72 3.54 -51.39 9.01
C ARG A 72 4.96 -51.87 8.73
N PRO A 73 5.38 -52.97 9.34
CA PRO A 73 6.69 -53.51 8.97
C PRO A 73 6.76 -53.86 7.47
N PRO A 74 7.96 -53.72 6.87
CA PRO A 74 9.21 -53.31 7.51
C PRO A 74 9.46 -51.80 7.47
N TYR A 75 8.43 -51.02 7.12
CA TYR A 75 8.57 -49.59 6.89
C TYR A 75 8.84 -48.79 8.17
N LYS A 76 9.67 -47.76 8.06
CA LYS A 76 10.14 -47.05 9.24
C LYS A 76 9.75 -45.58 9.20
N ASN A 77 9.50 -45.09 7.99
CA ASN A 77 9.30 -43.66 7.74
C ASN A 77 10.37 -42.80 8.35
N ASN A 78 11.60 -43.04 7.92
CA ASN A 78 12.75 -42.30 8.43
C ASN A 78 13.82 -42.28 7.34
N PHE A 79 14.11 -41.09 6.81
CA PHE A 79 14.86 -40.99 5.57
C PHE A 79 16.35 -41.21 5.81
N LEU A 80 16.69 -41.44 7.08
CA LEU A 80 18.08 -41.68 7.46
C LEU A 80 18.42 -43.15 7.44
N GLU A 81 17.46 -43.95 6.98
CA GLU A 81 17.65 -45.38 6.83
C GLU A 81 18.40 -45.66 5.55
N ASP A 82 19.20 -46.72 5.54
CA ASP A 82 19.84 -47.14 4.31
C ASP A 82 18.80 -47.29 3.21
N ILE A 83 19.19 -46.97 1.99
CA ILE A 83 18.43 -47.35 0.81
C ILE A 83 18.30 -48.88 0.77
N PRO A 84 17.25 -49.39 0.12
CA PRO A 84 16.94 -50.82 0.13
C PRO A 84 17.91 -51.69 -0.69
N THR A 85 18.13 -52.91 -0.20
CA THR A 85 18.83 -53.96 -0.93
C THR A 85 17.86 -54.66 -1.88
N GLU A 86 18.35 -55.11 -3.04
CA GLU A 86 17.51 -55.87 -3.98
C GLU A 86 16.68 -56.90 -3.25
N ALA A 87 17.35 -57.63 -2.35
CA ALA A 87 16.72 -58.68 -1.55
C ALA A 87 15.73 -58.11 -0.56
N GLU A 88 16.11 -57.02 0.11
CA GLU A 88 15.22 -56.36 1.07
C GLU A 88 13.96 -55.81 0.40
N TYR A 89 14.08 -55.45 -0.88
CA TYR A 89 12.98 -54.93 -1.67
C TYR A 89 12.16 -56.07 -2.29
N GLN A 90 12.85 -57.17 -2.60
CA GLN A 90 12.18 -58.42 -2.95
C GLN A 90 11.28 -58.92 -1.80
N LYS A 91 11.84 -58.97 -0.59
CA LYS A 91 11.12 -59.50 0.58
C LYS A 91 9.98 -58.60 1.07
N SER A 92 10.00 -57.34 0.66
CA SER A 92 9.03 -56.37 1.17
C SER A 92 7.91 -56.17 0.16
N GLY A 93 8.26 -56.20 -1.12
CA GLY A 93 7.35 -55.84 -2.19
C GLY A 93 7.31 -54.34 -2.30
N ASN A 94 6.35 -53.82 -3.06
CA ASN A 94 6.14 -52.40 -3.14
C ASN A 94 5.39 -51.84 -1.92
N PRO A 95 5.82 -50.67 -1.45
CA PRO A 95 6.86 -49.88 -2.11
C PRO A 95 8.23 -50.05 -1.47
N LEU A 96 9.24 -49.43 -2.08
CA LEU A 96 10.58 -49.38 -1.51
C LEU A 96 10.49 -49.31 0.01
N PRO A 97 11.24 -50.17 0.71
CA PRO A 97 11.48 -49.97 2.13
C PRO A 97 12.68 -49.06 2.31
N GLY A 98 13.14 -48.90 3.54
CA GLY A 98 14.38 -48.14 3.79
C GLY A 98 14.24 -46.64 3.70
N GLY A 99 15.35 -45.97 3.48
CA GLY A 99 15.39 -44.51 3.47
C GLY A 99 16.21 -43.95 2.33
N PHE A 100 16.89 -42.84 2.59
CA PHE A 100 17.64 -42.12 1.57
C PHE A 100 19.13 -42.31 1.77
N ASN A 101 19.52 -42.94 2.88
CA ASN A 101 20.91 -42.94 3.34
C ASN A 101 21.80 -43.88 2.58
N MET A 102 22.99 -43.41 2.23
CA MET A 102 23.93 -44.20 1.42
C MET A 102 24.53 -45.36 2.22
N ASN A 103 24.28 -46.58 1.75
CA ASN A 103 24.75 -47.82 2.42
C ASN A 103 26.02 -48.44 1.80
N PHE A 104 26.56 -47.76 0.80
CA PHE A 104 27.79 -48.17 0.10
C PHE A 104 28.98 -48.32 1.05
N VAL A 105 29.89 -49.26 0.74
CA VAL A 105 31.11 -49.43 1.57
C VAL A 105 32.46 -49.33 0.84
N THR A 106 33.41 -48.66 1.50
CA THR A 106 34.85 -48.69 1.20
C THR A 106 35.42 -50.03 0.68
N PRO A 107 36.36 -49.96 -0.27
CA PRO A 107 37.21 -51.10 -0.62
C PRO A 107 37.84 -51.81 0.59
N ALA A 108 38.16 -51.06 1.64
CA ALA A 108 38.65 -51.65 2.88
C ALA A 108 37.51 -52.21 3.73
N GLY A 109 36.31 -52.25 3.14
CA GLY A 109 35.16 -52.85 3.78
C GLY A 109 34.62 -52.03 4.94
N GLN A 110 34.95 -50.74 4.94
CA GLN A 110 34.38 -49.79 5.88
C GLN A 110 33.17 -49.13 5.25
N ARG A 111 32.44 -48.39 6.07
CA ARG A 111 31.08 -48.03 5.73
C ARG A 111 30.93 -46.51 5.79
N ILE A 112 30.38 -45.90 4.73
CA ILE A 112 30.52 -44.44 4.56
C ILE A 112 29.52 -43.59 5.36
N SER A 113 28.28 -44.07 5.49
CA SER A 113 27.23 -43.26 6.12
C SER A 113 26.28 -44.06 7.00
N PRO A 114 25.98 -43.56 8.21
CA PRO A 114 26.48 -42.34 8.83
C PRO A 114 27.94 -42.50 9.22
N TYR A 115 28.56 -41.43 9.68
CA TYR A 115 29.97 -41.47 10.03
C TYR A 115 30.19 -40.67 11.31
N PRO A 116 30.79 -41.31 12.34
CA PRO A 116 30.92 -40.70 13.66
C PRO A 116 31.75 -39.42 13.61
N MET A 117 31.28 -38.36 14.27
CA MET A 117 32.03 -37.13 14.34
C MET A 117 33.43 -37.34 14.95
N GLU A 118 33.53 -38.22 15.94
CA GLU A 118 34.80 -38.41 16.64
C GLU A 118 35.91 -38.84 15.70
N LEU A 119 35.57 -39.72 14.75
CA LEU A 119 36.47 -40.08 13.67
C LEU A 119 36.92 -38.87 12.84
N LEU A 120 35.96 -38.01 12.47
CA LEU A 120 36.28 -36.82 11.71
C LEU A 120 37.16 -35.89 12.53
N GLU A 121 36.88 -35.81 13.82
CA GLU A 121 37.66 -34.96 14.73
C GLU A 121 39.10 -35.45 14.78
N LYS A 122 39.29 -36.73 14.50
CA LYS A 122 40.60 -37.35 14.53
C LYS A 122 41.01 -37.84 13.14
N SER A 123 40.59 -37.10 12.12
CA SER A 123 41.18 -37.27 10.80
C SER A 123 41.80 -35.95 10.38
N SER A 124 43.02 -36.01 9.87
CA SER A 124 43.78 -34.81 9.62
C SER A 124 43.48 -34.20 8.25
N LYS A 125 42.86 -34.99 7.37
CA LYS A 125 42.46 -34.48 6.04
C LYS A 125 41.21 -33.60 6.14
N ILE A 126 40.59 -33.58 7.32
CA ILE A 126 39.44 -32.74 7.58
C ILE A 126 39.86 -31.48 8.34
N LYS A 127 39.79 -30.34 7.67
CA LYS A 127 40.33 -29.09 8.18
C LYS A 127 39.29 -28.23 8.88
N ALA A 128 38.05 -28.25 8.37
CA ALA A 128 36.98 -27.44 8.93
C ALA A 128 37.06 -27.22 10.46
N SER A 129 36.92 -25.97 10.88
CA SER A 129 37.12 -25.58 12.27
C SER A 129 35.91 -25.93 13.15
N THR A 130 34.80 -26.29 12.52
CA THR A 130 33.55 -26.50 13.23
C THR A 130 33.09 -27.96 13.23
N GLU A 131 32.16 -28.29 14.11
CA GLU A 131 31.59 -29.62 14.13
C GLU A 131 30.69 -29.85 12.89
N LEU A 132 29.73 -28.95 12.68
CA LEU A 132 28.88 -28.95 11.48
C LEU A 132 29.72 -28.88 10.22
N GLY A 133 30.70 -27.97 10.21
CA GLY A 133 31.57 -27.77 9.06
C GLY A 133 32.39 -29.00 8.69
N LYS A 134 32.87 -29.73 9.69
CA LYS A 134 33.66 -30.93 9.42
C LYS A 134 32.84 -31.89 8.59
N CYS A 135 31.60 -32.09 9.03
CA CYS A 135 30.66 -32.99 8.37
C CYS A 135 30.32 -32.52 6.95
N ALA A 136 30.12 -31.20 6.78
CA ALA A 136 29.99 -30.63 5.44
C ALA A 136 31.20 -31.00 4.59
N GLU A 137 32.39 -30.80 5.15
CA GLU A 137 33.64 -31.14 4.46
C GLU A 137 33.65 -32.60 4.02
N PHE A 138 33.19 -33.47 4.89
CA PHE A 138 33.13 -34.90 4.61
C PHE A 138 32.26 -35.17 3.41
N ALA A 139 31.13 -34.46 3.32
CA ALA A 139 30.22 -34.59 2.17
C ALA A 139 30.90 -34.15 0.88
N TYR A 140 31.64 -33.06 0.97
CA TYR A 140 32.27 -32.53 -0.21
C TYR A 140 33.30 -33.49 -0.79
N LYS A 141 33.96 -34.26 0.07
CA LYS A 141 34.98 -35.22 -0.38
C LYS A 141 34.32 -36.43 -1.04
N THR A 142 33.01 -36.53 -0.89
CA THR A 142 32.29 -37.72 -1.31
C THR A 142 31.61 -37.53 -2.65
N THR A 143 32.36 -37.86 -3.69
CA THR A 143 31.88 -37.83 -5.04
C THR A 143 31.27 -39.19 -5.37
N ALA A 144 30.32 -39.19 -6.30
CA ALA A 144 29.72 -40.42 -6.82
C ALA A 144 30.73 -41.18 -7.65
N MET A 145 30.64 -42.51 -7.63
CA MET A 145 31.37 -43.37 -8.55
C MET A 145 30.48 -43.68 -9.75
N ASP A 146 31.02 -43.62 -10.96
CA ASP A 146 30.26 -43.99 -12.16
C ASP A 146 30.07 -45.51 -12.39
N LYS A 147 29.36 -45.87 -13.47
CA LYS A 147 29.10 -47.27 -13.83
C LYS A 147 30.30 -47.98 -14.48
N SER A 148 31.47 -47.36 -14.44
CA SER A 148 32.73 -48.08 -14.64
C SER A 148 33.65 -47.81 -13.46
N ASN A 149 33.03 -47.50 -12.33
CA ASN A 149 33.72 -47.19 -11.08
C ASN A 149 34.87 -46.20 -11.20
N GLN A 150 34.56 -44.99 -11.69
CA GLN A 150 35.47 -43.84 -11.62
C GLN A 150 34.83 -42.67 -10.84
N ALA A 151 35.66 -41.72 -10.40
CA ALA A 151 35.15 -40.54 -9.69
C ALA A 151 34.54 -39.54 -10.66
N THR A 152 33.35 -39.05 -10.33
CA THR A 152 32.68 -38.04 -11.13
C THR A 152 32.71 -36.65 -10.45
N GLN A 153 31.87 -35.72 -10.88
CA GLN A 153 31.77 -34.44 -10.19
C GLN A 153 30.41 -34.28 -9.48
N TYR A 154 29.71 -35.39 -9.31
CA TYR A 154 28.39 -35.39 -8.70
C TYR A 154 28.50 -35.71 -7.23
N ARG A 155 27.82 -34.90 -6.42
CA ARG A 155 27.95 -34.99 -4.98
C ARG A 155 26.58 -35.12 -4.32
N TYR A 156 26.56 -35.82 -3.18
CA TYR A 156 25.33 -36.14 -2.50
C TYR A 156 25.06 -35.07 -1.45
N PRO A 157 23.77 -34.84 -1.14
CA PRO A 157 23.40 -34.02 0.03
C PRO A 157 23.84 -34.68 1.33
N PHE A 158 23.92 -33.89 2.39
CA PHE A 158 24.32 -34.40 3.70
C PHE A 158 23.35 -33.95 4.80
N VAL A 159 23.06 -34.83 5.74
CA VAL A 159 22.37 -34.45 6.98
C VAL A 159 23.21 -34.82 8.19
N TYR A 160 23.71 -33.82 8.90
CA TYR A 160 24.31 -34.03 10.20
C TYR A 160 23.22 -34.11 11.26
N ASP A 161 23.22 -35.20 12.02
CA ASP A 161 22.40 -35.29 13.23
C ASP A 161 23.28 -34.92 14.40
N SER A 162 23.06 -33.72 14.93
CA SER A 162 23.85 -33.20 16.04
C SER A 162 23.63 -33.96 17.35
N LYS A 163 22.40 -34.40 17.61
CA LYS A 163 22.12 -35.10 18.86
C LYS A 163 22.95 -36.38 18.97
N ARG A 164 23.11 -37.08 17.85
CA ARG A 164 23.80 -38.36 17.88
C ARG A 164 25.22 -38.25 17.31
N ARG A 165 25.58 -37.06 16.83
CA ARG A 165 26.92 -36.77 16.30
C ARG A 165 27.28 -37.75 15.18
N LEU A 166 26.29 -38.02 14.33
CA LEU A 166 26.46 -38.83 13.13
C LEU A 166 26.22 -37.98 11.88
N CYS A 167 27.12 -38.10 10.92
CA CYS A 167 27.03 -37.36 9.67
C CYS A 167 26.53 -38.31 8.56
N TYR A 168 25.35 -38.02 8.03
CA TYR A 168 24.73 -38.88 7.02
C TYR A 168 25.02 -38.37 5.62
N ILE A 169 25.46 -39.26 4.74
CA ILE A 169 25.54 -38.96 3.32
C ILE A 169 24.39 -39.63 2.57
N LEU A 170 23.59 -38.82 1.88
CA LEU A 170 22.32 -39.29 1.33
C LEU A 170 22.45 -39.73 -0.13
N SER A 171 22.28 -41.02 -0.39
CA SER A 171 22.39 -41.51 -1.74
C SER A 171 21.31 -40.88 -2.62
N VAL A 172 20.12 -40.74 -2.07
CA VAL A 172 19.00 -40.13 -2.76
C VAL A 172 19.12 -38.63 -2.66
N SER A 173 19.10 -37.94 -3.79
CA SER A 173 19.13 -36.48 -3.80
C SER A 173 17.75 -35.90 -4.09
N MET A 174 16.80 -36.78 -4.38
CA MET A 174 15.41 -36.37 -4.51
C MET A 174 14.94 -35.81 -3.17
N GLN A 175 14.23 -34.69 -3.22
CA GLN A 175 13.72 -34.07 -2.02
C GLN A 175 12.19 -33.97 -1.98
N ARG A 176 11.53 -34.20 -3.12
CA ARG A 176 10.08 -34.15 -3.20
C ARG A 176 9.50 -35.11 -4.23
N MET A 177 8.52 -35.92 -3.81
CA MET A 177 7.65 -36.64 -4.76
C MET A 177 6.15 -36.56 -4.41
N GLU A 178 5.36 -36.09 -5.38
CA GLU A 178 3.91 -35.87 -5.22
C GLU A 178 3.14 -36.62 -6.31
N GLY A 179 1.84 -36.81 -6.11
CA GLY A 179 0.94 -37.29 -7.16
C GLY A 179 0.71 -38.80 -7.22
N SER A 180 -0.56 -39.21 -7.11
CA SER A 180 -0.93 -40.62 -7.15
C SER A 180 -0.43 -41.36 -8.40
N LYS A 181 -0.28 -40.65 -9.50
CA LYS A 181 0.28 -41.25 -10.72
C LYS A 181 1.76 -41.62 -10.55
N TYR A 182 2.40 -41.08 -9.51
CA TYR A 182 3.85 -41.13 -9.37
C TYR A 182 4.34 -41.81 -8.10
N CYS A 183 3.59 -41.65 -7.02
CA CYS A 183 3.94 -42.30 -5.76
C CYS A 183 2.75 -42.59 -4.87
N SER A 184 2.90 -43.64 -4.07
CA SER A 184 1.92 -43.97 -3.03
C SER A 184 2.18 -43.17 -1.77
N THR A 185 1.12 -42.67 -1.17
CA THR A 185 1.20 -42.21 0.20
C THR A 185 0.32 -43.07 1.12
N ASN A 186 0.97 -43.73 2.09
CA ASN A 186 0.37 -44.83 2.87
C ASN A 186 -0.18 -46.00 2.07
N ASP A 187 0.54 -46.40 1.03
CA ASP A 187 0.10 -47.46 0.13
C ASP A 187 -1.26 -47.19 -0.51
N ASP A 188 -1.49 -45.93 -0.85
CA ASP A 188 -2.65 -45.50 -1.62
C ASP A 188 -2.15 -44.59 -2.73
N PRO A 189 -2.08 -45.09 -3.98
CA PRO A 189 -2.39 -46.43 -4.50
C PRO A 189 -1.46 -47.53 -4.03
N VAL A 190 -1.63 -48.73 -4.57
CA VAL A 190 -1.16 -49.93 -3.90
C VAL A 190 0.16 -50.52 -4.41
N ASN A 191 0.24 -50.80 -5.70
CA ASN A 191 1.45 -51.43 -6.24
C ASN A 191 2.39 -50.43 -6.89
N LEU A 192 2.77 -49.40 -6.13
CA LEU A 192 3.67 -48.37 -6.65
C LEU A 192 5.06 -48.51 -6.06
N THR A 193 6.06 -48.25 -6.91
CA THR A 193 7.46 -48.44 -6.54
C THR A 193 7.88 -47.45 -5.46
N TRP A 194 7.48 -46.19 -5.63
CA TRP A 194 7.90 -45.11 -4.74
C TRP A 194 6.83 -44.61 -3.82
N TYR A 195 7.12 -44.62 -2.52
CA TYR A 195 6.38 -43.82 -1.57
C TYR A 195 6.58 -42.33 -1.85
N CYS A 196 5.69 -41.50 -1.34
CA CYS A 196 5.83 -40.06 -1.52
C CYS A 196 6.66 -39.49 -0.39
N PHE A 197 7.26 -38.32 -0.65
CA PHE A 197 7.99 -37.60 0.38
C PHE A 197 8.00 -36.10 0.09
N GLU A 198 8.29 -35.29 1.12
CA GLU A 198 8.51 -33.85 0.97
C GLU A 198 9.48 -33.31 2.00
N PRO A 199 10.16 -32.21 1.67
CA PRO A 199 10.93 -31.45 2.65
C PRO A 199 10.04 -30.87 3.73
N GLN A 200 10.55 -30.82 4.95
CA GLN A 200 9.73 -30.37 6.07
C GLN A 200 10.61 -29.76 7.13
N LYS A 201 10.05 -28.82 7.89
CA LYS A 201 10.59 -28.39 9.18
C LYS A 201 9.48 -28.48 10.22
N SER A 202 9.81 -28.83 11.46
CA SER A 202 8.79 -28.91 12.52
C SER A 202 9.04 -27.90 13.63
N PRO A 203 7.96 -27.47 14.30
CA PRO A 203 8.11 -26.58 15.46
C PRO A 203 8.80 -27.29 16.61
N THR A 204 8.74 -28.62 16.61
CA THR A 204 9.22 -29.41 17.75
C THR A 204 10.21 -30.51 17.42
N ALA A 205 10.04 -31.16 16.27
CA ALA A 205 10.88 -32.31 15.93
C ALA A 205 12.11 -31.94 15.10
N ASN A 206 13.16 -32.72 15.27
CA ASN A 206 14.30 -32.73 14.33
C ASN A 206 15.06 -31.43 14.26
N HIS A 207 15.08 -30.66 15.34
CA HIS A 207 15.95 -29.51 15.38
C HIS A 207 17.38 -29.93 15.50
N ASN A 208 17.60 -31.23 15.66
CA ASN A 208 18.96 -31.79 15.68
C ASN A 208 19.46 -32.18 14.28
N LEU A 209 18.67 -31.89 13.25
CA LEU A 209 19.05 -32.24 11.89
C LEU A 209 19.36 -31.00 11.06
N ILE A 210 20.37 -31.11 10.20
CA ILE A 210 20.81 -30.02 9.33
C ILE A 210 21.09 -30.56 7.93
N PHE A 211 20.25 -30.14 6.98
CA PHE A 211 20.30 -30.60 5.62
C PHE A 211 21.13 -29.60 4.86
N GLY A 212 22.08 -30.08 4.07
CA GLY A 212 22.82 -29.24 3.14
C GLY A 212 23.29 -29.99 1.90
N SER A 213 23.57 -29.22 0.85
CA SER A 213 24.24 -29.78 -0.31
C SER A 213 25.73 -29.90 0.01
N ALA A 214 26.38 -30.94 -0.49
CA ALA A 214 27.80 -31.11 -0.24
C ALA A 214 28.59 -29.83 -0.50
N TYR A 215 28.08 -28.96 -1.36
CA TYR A 215 28.84 -27.77 -1.71
C TYR A 215 28.99 -26.78 -0.55
N VAL A 216 28.12 -26.93 0.47
CA VAL A 216 28.28 -26.21 1.74
C VAL A 216 29.65 -26.50 2.33
N GLY A 217 30.20 -27.65 1.99
CA GLY A 217 31.51 -28.05 2.48
C GLY A 217 32.67 -27.71 1.58
N LYS A 218 32.45 -26.89 0.55
CA LYS A 218 33.55 -26.52 -0.34
C LYS A 218 34.61 -25.70 0.39
N ASP A 219 34.29 -24.47 0.78
CA ASP A 219 35.04 -23.74 1.81
C ASP A 219 34.28 -23.80 3.11
N PRO A 220 34.54 -24.86 3.90
CA PRO A 220 33.68 -25.30 5.01
C PRO A 220 33.73 -24.38 6.23
N ASP A 221 34.40 -23.24 6.09
CA ASP A 221 34.40 -22.28 7.18
C ASP A 221 33.62 -21.03 6.79
N ALA A 222 33.26 -20.93 5.52
CA ALA A 222 32.63 -19.73 5.00
C ALA A 222 31.28 -19.47 5.65
N PHE A 223 30.49 -20.52 5.78
CA PHE A 223 29.08 -20.37 6.13
C PHE A 223 28.92 -19.85 7.54
N LEU A 224 30.00 -19.94 8.32
CA LEU A 224 30.05 -19.35 9.65
C LEU A 224 29.71 -17.87 9.63
N THR A 225 30.06 -17.17 8.56
CA THR A 225 29.91 -15.72 8.55
C THR A 225 29.09 -15.21 7.36
N LYS A 226 28.64 -16.13 6.51
CA LYS A 226 27.94 -15.74 5.28
C LYS A 226 26.54 -16.29 5.23
N CYS A 227 26.24 -17.23 6.12
CA CYS A 227 24.92 -17.82 6.18
C CYS A 227 24.15 -17.37 7.42
N PRO A 228 22.83 -17.24 7.32
CA PRO A 228 22.04 -16.75 8.45
C PRO A 228 21.57 -17.87 9.38
N ASN A 229 22.51 -18.45 10.12
CA ASN A 229 22.26 -19.69 10.85
C ASN A 229 21.46 -19.53 12.14
N GLN A 230 21.60 -18.39 12.82
CA GLN A 230 20.72 -18.11 13.97
C GLN A 230 19.56 -17.20 13.57
N ALA A 231 18.60 -17.05 14.47
CA ALA A 231 17.50 -16.11 14.29
C ALA A 231 17.85 -14.79 14.97
N LEU A 232 17.34 -13.69 14.42
CA LEU A 232 17.56 -12.37 15.02
C LEU A 232 16.52 -12.06 16.09
N LYS A 233 16.92 -12.14 17.36
CA LYS A 233 16.07 -11.71 18.47
C LYS A 233 16.00 -10.19 18.52
N GLY A 234 14.80 -9.64 18.59
CA GLY A 234 14.61 -8.22 18.84
C GLY A 234 14.56 -7.29 17.64
N TYR A 235 14.52 -7.85 16.42
CA TYR A 235 14.29 -7.03 15.21
C TYR A 235 13.29 -7.65 14.24
N ARG A 236 12.58 -6.80 13.51
CA ARG A 236 11.90 -7.24 12.29
C ARG A 236 12.72 -6.88 11.07
N PHE A 237 12.88 -7.87 10.18
CA PHE A 237 13.35 -7.60 8.82
C PHE A 237 12.55 -6.46 8.23
N GLY A 238 13.13 -5.78 7.25
CA GLY A 238 12.41 -4.71 6.57
C GLY A 238 13.14 -4.14 5.37
N HIS A 239 12.47 -3.25 4.65
CA HIS A 239 13.01 -2.68 3.43
C HIS A 239 13.03 -1.18 3.55
N TRP A 240 13.97 -0.54 2.87
CA TRP A 240 14.17 0.90 2.97
C TRP A 240 13.48 1.65 1.85
N THR A 241 12.38 2.33 2.16
CA THR A 241 11.70 3.20 1.18
C THR A 241 11.35 4.55 1.80
N ASN A 242 11.38 5.59 1.00
CA ASN A 242 10.90 6.90 1.42
C ASN A 242 11.60 7.35 2.69
N GLY A 243 12.89 7.07 2.76
CA GLY A 243 13.71 7.55 3.86
C GLY A 243 13.41 6.96 5.24
N ARG A 244 12.69 5.84 5.28
CA ARG A 244 12.53 5.08 6.53
C ARG A 244 12.27 3.58 6.36
N CYS A 245 12.66 2.81 7.37
CA CYS A 245 12.67 1.35 7.26
C CYS A 245 11.29 0.75 7.49
N HIS A 246 10.57 0.47 6.40
CA HIS A 246 9.30 -0.27 6.48
C HIS A 246 9.55 -1.74 6.81
N ASP A 247 9.04 -2.22 7.95
CA ASP A 247 9.08 -3.67 8.21
C ASP A 247 8.08 -4.35 7.28
N TYR A 248 8.02 -5.67 7.31
CA TYR A 248 7.19 -6.40 6.34
C TYR A 248 5.69 -6.15 6.49
N THR A 249 5.23 -5.80 7.70
CA THR A 249 3.80 -5.53 7.89
C THR A 249 3.32 -4.28 7.15
N GLU A 250 4.24 -3.53 6.56
CA GLU A 250 3.91 -2.30 5.84
C GLU A 250 4.01 -2.49 4.33
N LEU A 251 4.59 -3.62 3.93
CA LEU A 251 4.78 -3.94 2.51
C LEU A 251 3.58 -4.73 1.97
N ALA A 252 3.00 -4.23 0.90
CA ALA A 252 1.69 -4.72 0.43
C ALA A 252 1.66 -6.22 0.08
N ASP A 253 2.80 -6.76 -0.35
CA ASP A 253 2.86 -8.12 -0.87
C ASP A 253 3.29 -9.13 0.17
N SER A 254 3.38 -8.70 1.43
CA SER A 254 3.75 -9.60 2.51
C SER A 254 2.56 -10.45 2.94
N TRP A 255 2.84 -11.53 3.68
CA TRP A 255 1.78 -12.38 4.20
C TRP A 255 1.70 -12.26 5.68
N ILE A 256 0.50 -12.05 6.17
CA ILE A 256 0.30 -11.94 7.59
C ILE A 256 -0.61 -13.06 8.04
N GLU A 257 -0.03 -14.03 8.74
CA GLU A 257 -0.72 -15.25 9.15
C GLU A 257 -0.57 -15.40 10.66
N ALA A 258 -1.64 -15.82 11.33
CA ALA A 258 -1.60 -15.99 12.79
C ALA A 258 -0.88 -17.25 13.23
N VAL A 259 0.11 -17.11 14.10
CA VAL A 259 0.73 -18.26 14.74
C VAL A 259 0.50 -18.27 16.24
N ASP A 260 0.61 -19.45 16.85
CA ASP A 260 0.50 -19.58 18.30
C ASP A 260 1.85 -19.41 18.96
N SER A 261 2.90 -19.84 18.28
CA SER A 261 4.27 -19.63 18.75
C SER A 261 5.22 -19.15 17.64
N LYS A 262 6.25 -18.43 18.04
CA LYS A 262 7.36 -18.11 17.15
C LYS A 262 7.87 -19.34 16.35
N ALA A 263 8.01 -20.47 17.03
CA ALA A 263 8.36 -21.73 16.35
C ALA A 263 7.54 -21.93 15.06
N GLN A 264 6.26 -21.59 15.12
CA GLN A 264 5.37 -21.82 13.98
C GLN A 264 5.62 -20.86 12.80
N CYS A 265 6.02 -19.64 13.12
CA CYS A 265 6.43 -18.68 12.10
C CYS A 265 7.74 -19.13 11.43
N TRP A 266 8.67 -19.60 12.24
CA TRP A 266 9.95 -20.10 11.74
C TRP A 266 9.74 -21.23 10.75
N VAL A 267 8.84 -22.17 11.06
CA VAL A 267 8.47 -23.24 10.14
C VAL A 267 7.89 -22.70 8.83
N LYS A 268 7.05 -21.67 8.93
CA LYS A 268 6.35 -21.13 7.77
C LYS A 268 7.30 -20.51 6.73
N THR A 269 8.38 -19.87 7.19
CA THR A 269 9.36 -19.35 6.25
C THR A 269 9.81 -20.47 5.32
N PHE A 270 9.81 -21.70 5.83
CA PHE A 270 10.31 -22.84 5.07
C PHE A 270 9.21 -23.53 4.27
N THR A 271 7.97 -23.35 4.73
CA THR A 271 6.85 -24.21 4.35
C THR A 271 5.85 -23.57 3.40
N ASN A 272 5.79 -22.24 3.38
CA ASN A 272 4.85 -21.55 2.51
C ASN A 272 5.06 -21.92 1.06
N ASP A 273 3.97 -21.97 0.29
CA ASP A 273 4.00 -22.15 -1.17
C ASP A 273 5.19 -21.55 -1.87
N GLU A 274 5.55 -20.33 -1.51
CA GLU A 274 6.40 -19.53 -2.37
C GLU A 274 7.85 -19.47 -1.94
N VAL A 275 8.23 -20.27 -0.94
CA VAL A 275 9.63 -20.36 -0.54
C VAL A 275 10.49 -20.87 -1.69
N ALA A 276 11.69 -20.30 -1.82
CA ALA A 276 12.63 -20.62 -2.89
C ALA A 276 12.77 -22.12 -3.08
N SER A 277 12.43 -22.60 -4.28
CA SER A 277 12.37 -24.04 -4.55
C SER A 277 12.72 -24.38 -6.00
N ASP A 278 13.20 -25.60 -6.22
CA ASP A 278 13.58 -26.02 -7.56
C ASP A 278 12.73 -27.19 -8.08
N GLN A 279 11.61 -27.45 -7.40
CA GLN A 279 10.75 -28.57 -7.76
C GLN A 279 9.61 -28.17 -8.69
N PRO A 280 9.52 -28.82 -9.88
CA PRO A 280 8.44 -28.57 -10.87
C PRO A 280 7.14 -29.32 -10.55
N ARG A 281 6.00 -28.73 -10.93
CA ARG A 281 4.71 -29.34 -10.63
C ARG A 281 4.30 -30.37 -11.68
N THR A 282 5.14 -31.39 -11.88
CA THR A 282 4.71 -32.70 -12.38
C THR A 282 5.88 -33.67 -12.52
N HIS A 289 9.90 -43.45 -12.60
CA HIS A 289 10.99 -43.62 -11.65
C HIS A 289 11.20 -45.05 -11.25
N SER A 290 12.32 -45.62 -11.70
CA SER A 290 12.71 -46.99 -11.38
C SER A 290 13.05 -47.16 -9.90
N TRP A 291 13.14 -48.40 -9.43
CA TRP A 291 13.48 -48.67 -8.03
C TRP A 291 14.88 -48.23 -7.70
N ASN A 292 15.74 -48.21 -8.72
CA ASN A 292 17.19 -48.05 -8.56
C ASN A 292 17.61 -46.59 -8.73
N ASP A 293 16.66 -45.72 -9.06
CA ASP A 293 16.94 -44.37 -9.52
C ASP A 293 16.90 -43.31 -8.42
N TRP A 294 18.07 -43.00 -7.85
CA TRP A 294 18.16 -42.18 -6.63
C TRP A 294 18.19 -40.70 -6.89
N TRP A 295 18.55 -40.30 -8.11
CA TRP A 295 18.72 -38.88 -8.44
C TRP A 295 17.68 -38.42 -9.42
N PRO A 296 17.29 -37.14 -9.34
CA PRO A 296 16.43 -36.59 -10.38
C PRO A 296 17.19 -36.39 -11.68
N VAL A 297 16.49 -36.54 -12.79
CA VAL A 297 17.06 -36.33 -14.11
C VAL A 297 16.95 -34.86 -14.50
N HIS A 298 17.83 -34.41 -15.39
CA HIS A 298 17.71 -33.12 -16.04
C HIS A 298 16.56 -33.12 -17.03
N GLU A 299 15.84 -32.01 -17.10
CA GLU A 299 14.85 -31.75 -18.17
C GLU A 299 15.05 -30.34 -18.68
N LYS A 300 14.47 -30.02 -19.83
CA LYS A 300 14.86 -28.81 -20.58
C LYS A 300 14.50 -27.50 -19.89
N ASP A 301 13.44 -27.50 -19.08
CA ASP A 301 12.85 -26.25 -18.59
C ASP A 301 12.75 -26.19 -17.06
N GLN A 302 13.37 -27.15 -16.37
CA GLN A 302 13.25 -27.28 -14.92
C GLN A 302 13.61 -25.98 -14.20
N PRO A 303 12.91 -25.68 -13.10
CA PRO A 303 13.13 -24.41 -12.40
C PRO A 303 14.45 -24.37 -11.61
N HIS A 304 15.20 -23.29 -11.78
CA HIS A 304 16.21 -22.90 -10.81
C HIS A 304 15.78 -21.62 -10.18
N SER A 305 15.41 -21.70 -8.90
CA SER A 305 15.02 -20.52 -8.15
C SER A 305 16.23 -19.61 -8.02
N GLY A 306 17.39 -20.23 -7.83
CA GLY A 306 18.62 -19.50 -7.50
C GLY A 306 18.50 -18.78 -6.17
N GLY A 307 17.61 -19.27 -5.31
CA GLY A 307 17.43 -18.69 -3.98
C GLY A 307 16.32 -17.67 -3.85
N ASP A 308 15.69 -17.37 -4.98
CA ASP A 308 14.54 -16.46 -5.04
C ASP A 308 13.27 -17.04 -4.42
N GLY A 309 12.67 -16.29 -3.50
CA GLY A 309 11.35 -16.70 -3.00
C GLY A 309 10.94 -16.12 -1.67
N ARG A 310 9.74 -16.49 -1.24
CA ARG A 310 9.21 -16.07 0.05
C ARG A 310 9.99 -16.80 1.13
N ASN A 311 11.13 -16.23 1.49
CA ASN A 311 12.13 -16.88 2.31
C ASN A 311 12.21 -16.29 3.70
N TYR A 312 11.51 -15.18 3.91
CA TYR A 312 11.81 -14.28 5.00
C TYR A 312 10.55 -13.96 5.78
N GLY A 313 10.65 -13.93 7.12
CA GLY A 313 9.55 -13.46 7.94
C GLY A 313 9.94 -13.25 9.39
N PHE A 314 9.01 -12.74 10.18
CA PHE A 314 9.26 -12.56 11.60
C PHE A 314 8.04 -12.83 12.48
N PHE A 315 8.28 -13.36 13.68
CA PHE A 315 7.26 -13.40 14.72
C PHE A 315 7.10 -12.02 15.33
N TYR A 316 5.86 -11.66 15.65
CA TYR A 316 5.57 -10.38 16.28
C TYR A 316 4.17 -10.38 16.86
N PHE A 317 3.85 -9.33 17.61
CA PHE A 317 2.50 -9.18 18.17
C PHE A 317 1.70 -8.06 17.51
N ASP A 318 0.43 -8.35 17.28
CA ASP A 318 -0.58 -7.37 16.83
C ASP A 318 -0.68 -6.15 17.73
N SER A 319 -1.46 -5.16 17.26
CA SER A 319 -2.03 -4.12 18.14
C SER A 319 -2.74 -4.79 19.31
N ASN A 320 -3.42 -5.89 19.01
CA ASN A 320 -4.20 -6.62 19.99
C ASN A 320 -3.43 -7.77 20.62
N GLY A 321 -2.11 -7.80 20.38
CA GLY A 321 -1.25 -8.79 21.02
C GLY A 321 -1.59 -10.20 20.56
N LYS A 322 -2.06 -10.29 19.32
CA LYS A 322 -2.21 -11.57 18.65
C LYS A 322 -0.89 -11.97 18.00
N GLY A 323 -0.38 -13.13 18.36
CA GLY A 323 0.80 -13.68 17.72
C GLY A 323 0.60 -13.80 16.22
N LYS A 324 1.43 -13.08 15.46
CA LYS A 324 1.33 -13.11 14.02
C LYS A 324 2.68 -13.26 13.31
N CYS A 325 2.64 -13.62 12.04
CA CYS A 325 3.86 -13.93 11.32
C CYS A 325 3.84 -13.24 9.96
N ALA A 326 4.89 -12.48 9.67
CA ALA A 326 4.99 -11.70 8.44
C ALA A 326 5.98 -12.36 7.48
N LEU A 327 5.52 -12.74 6.29
CA LEU A 327 6.34 -13.48 5.33
C LEU A 327 6.45 -12.73 4.00
N SER A 328 7.66 -12.62 3.47
CA SER A 328 7.95 -11.70 2.37
C SER A 328 8.96 -12.27 1.38
N HIS A 329 8.96 -11.69 0.19
CA HIS A 329 9.88 -12.07 -0.87
C HIS A 329 11.17 -11.29 -0.76
N LYS A 330 11.16 -10.26 0.09
CA LYS A 330 12.13 -9.18 0.01
C LYS A 330 13.26 -9.30 1.01
N ALA A 331 14.44 -9.67 0.53
CA ALA A 331 15.62 -9.79 1.39
C ALA A 331 15.82 -8.50 2.18
N PRO A 332 15.95 -8.60 3.51
CA PRO A 332 15.91 -7.38 4.32
C PRO A 332 17.16 -6.55 4.14
N ASP A 333 16.98 -5.26 3.82
CA ASP A 333 18.08 -4.31 3.81
C ASP A 333 18.02 -3.27 4.94
N CYS A 334 17.29 -3.59 6.00
CA CYS A 334 17.30 -2.78 7.22
C CYS A 334 16.51 -3.46 8.34
N LEU A 335 16.49 -2.87 9.53
CA LEU A 335 15.78 -3.48 10.65
C LEU A 335 14.96 -2.48 11.47
N VAL A 336 13.80 -2.94 11.92
CA VAL A 336 12.98 -2.21 12.89
C VAL A 336 13.11 -2.88 14.27
N SER A 337 13.68 -2.16 15.24
CA SER A 337 13.95 -2.82 16.53
C SER A 337 12.65 -3.04 17.29
N ASP A 338 12.51 -4.23 17.88
CA ASP A 338 11.26 -4.68 18.50
C ASP A 338 11.56 -5.85 19.44
N SER A 339 11.42 -5.63 20.74
CA SER A 339 12.01 -6.51 21.75
C SER A 339 11.42 -7.91 21.68
N LYS A 340 10.15 -8.00 21.30
CA LYS A 340 9.38 -9.23 21.42
C LYS A 340 9.25 -9.95 20.06
N ALA A 341 9.80 -9.32 19.03
CA ALA A 341 9.84 -9.89 17.67
C ALA A 341 11.07 -10.76 17.48
N VAL A 342 10.97 -11.77 16.63
CA VAL A 342 12.15 -12.49 16.14
C VAL A 342 12.06 -12.76 14.63
N SER A 343 13.18 -12.55 13.93
CA SER A 343 13.27 -12.66 12.46
C SER A 343 13.92 -13.98 12.00
N TYR A 344 13.28 -14.66 11.06
CA TYR A 344 13.70 -15.99 10.60
C TYR A 344 13.88 -16.03 9.08
N THR A 345 14.80 -16.87 8.61
CA THR A 345 14.87 -17.23 7.19
C THR A 345 14.49 -18.67 6.96
N ALA A 346 14.17 -19.00 5.72
CA ALA A 346 13.97 -20.40 5.35
C ALA A 346 15.23 -21.24 5.50
N LEU A 347 16.37 -20.60 5.76
CA LEU A 347 17.63 -21.34 5.89
C LEU A 347 18.04 -21.66 7.34
N GLY A 348 17.67 -20.78 8.26
CA GLY A 348 18.28 -20.77 9.60
C GLY A 348 17.58 -21.62 10.64
N SER A 349 18.18 -21.70 11.82
CA SER A 349 17.60 -22.47 12.91
C SER A 349 16.53 -21.67 13.66
N LEU A 350 15.96 -22.29 14.67
CA LEU A 350 15.00 -21.63 15.54
C LEU A 350 15.78 -20.88 16.61
N SER A 351 17.03 -21.27 16.81
CA SER A 351 17.83 -20.74 17.90
C SER A 351 18.25 -19.30 17.65
N GLU A 352 18.20 -18.50 18.71
CA GLU A 352 18.50 -17.08 18.62
C GLU A 352 19.96 -16.85 19.01
N GLU A 353 20.58 -17.87 19.61
CA GLU A 353 21.96 -17.79 20.04
C GLU A 353 22.83 -18.79 19.27
N THR A 354 24.08 -18.42 19.02
CA THR A 354 25.06 -19.29 18.37
C THR A 354 25.02 -20.66 19.03
N PRO A 355 24.59 -21.69 18.27
CA PRO A 355 24.57 -23.05 18.79
C PRO A 355 25.97 -23.62 18.77
N ASP A 356 26.36 -24.33 19.83
CA ASP A 356 27.78 -24.66 19.99
C ASP A 356 28.25 -25.83 19.14
N ILE A 357 27.59 -26.06 18.01
CA ILE A 357 28.14 -26.98 17.02
C ILE A 357 28.70 -26.23 15.81
N ILE A 358 28.59 -24.92 15.85
CA ILE A 358 29.25 -24.07 14.86
C ILE A 358 30.12 -23.05 15.59
N ILE A 359 30.41 -23.32 16.86
CA ILE A 359 31.45 -22.59 17.56
C ILE A 359 32.75 -23.36 17.40
N PRO A 360 33.77 -22.74 16.79
CA PRO A 360 35.04 -23.47 16.79
C PRO A 360 35.55 -23.61 18.23
N SER A 361 36.20 -24.73 18.55
CA SER A 361 36.92 -24.83 19.82
C SER A 361 38.16 -23.91 19.82
N ASN A 362 38.72 -23.66 18.64
CA ASN A 362 39.77 -22.66 18.45
C ASN A 362 39.20 -21.31 18.04
N ASP A 371 25.21 -10.52 16.16
CA ASP A 371 26.63 -10.28 15.86
C ASP A 371 27.11 -8.89 16.30
N GLU A 372 28.43 -8.71 16.27
CA GLU A 372 29.10 -7.44 16.59
C GLU A 372 28.62 -6.26 15.74
N ALA A 373 28.04 -6.55 14.57
CA ALA A 373 27.64 -5.50 13.65
C ALA A 373 26.53 -4.61 14.24
N LEU A 374 25.70 -5.20 15.10
CA LEU A 374 24.52 -4.51 15.57
C LEU A 374 24.81 -3.62 16.79
N GLN A 375 26.09 -3.41 17.09
CA GLN A 375 26.49 -2.80 18.35
C GLN A 375 26.93 -1.35 18.22
N CYS A 376 26.78 -0.60 19.30
CA CYS A 376 27.00 0.83 19.27
C CYS A 376 27.27 1.34 20.69
N ARG A 377 27.83 2.53 20.77
CA ARG A 377 27.74 3.33 21.97
C ARG A 377 27.14 4.69 21.63
N SER A 378 26.40 5.27 22.57
CA SER A 378 25.71 6.54 22.36
C SER A 378 26.70 7.65 22.02
N SER A 379 27.83 7.64 22.72
CA SER A 379 28.90 8.61 22.50
C SER A 379 29.43 8.62 21.05
N GLU A 380 29.19 7.53 20.32
CA GLU A 380 29.72 7.36 18.96
C GLU A 380 28.63 7.42 17.89
N PHE A 381 27.40 7.14 18.32
CA PHE A 381 26.30 6.95 17.41
C PHE A 381 25.19 7.91 17.82
N PRO A 382 25.23 9.13 17.28
CA PRO A 382 24.21 10.13 17.61
C PRO A 382 22.80 9.72 17.16
N GLU A 383 21.80 10.27 17.84
CA GLU A 383 20.42 10.10 17.46
C GLU A 383 20.14 10.79 16.12
N THR A 384 19.25 10.23 15.32
CA THR A 384 19.01 10.75 13.99
C THR A 384 17.53 10.70 13.61
N PHE A 385 17.10 11.67 12.80
CA PHE A 385 15.71 11.73 12.36
C PHE A 385 15.62 12.00 10.87
N GLY A 386 14.88 11.16 10.16
CA GLY A 386 14.68 11.35 8.73
C GLY A 386 13.56 12.33 8.43
N SER A 387 13.31 12.56 7.14
CA SER A 387 12.20 13.40 6.75
C SER A 387 10.91 12.60 6.85
N CYS A 388 9.78 13.29 7.00
CA CYS A 388 8.51 12.62 7.10
C CYS A 388 8.26 11.84 5.82
N ASP A 389 8.08 10.54 5.95
CA ASP A 389 7.49 9.74 4.89
C ASP A 389 6.00 10.06 4.90
N VAL A 390 5.58 10.91 3.97
CA VAL A 390 4.27 11.55 4.04
C VAL A 390 3.14 10.56 3.82
N GLN A 391 3.41 9.52 3.04
CA GLN A 391 2.41 8.53 2.68
C GLN A 391 1.97 7.73 3.92
N ALA A 392 2.82 7.71 4.93
CA ALA A 392 2.53 6.97 6.15
C ALA A 392 2.55 7.86 7.39
N CYS A 393 2.85 9.14 7.17
CA CYS A 393 3.03 10.12 8.24
C CYS A 393 3.78 9.61 9.47
N LYS A 394 4.85 8.85 9.22
CA LYS A 394 5.89 8.59 10.22
C LYS A 394 7.27 8.98 9.67
N ARG A 395 8.26 8.98 10.56
CA ARG A 395 9.65 9.20 10.15
C ARG A 395 10.57 8.24 10.89
N GLN A 396 11.69 7.91 10.25
CA GLN A 396 12.70 7.04 10.84
C GLN A 396 13.31 7.68 12.11
N LYS A 397 13.56 6.88 13.14
CA LYS A 397 14.37 7.33 14.26
C LYS A 397 15.45 6.32 14.64
N THR A 398 16.70 6.69 14.39
CA THR A 398 17.85 5.84 14.72
C THR A 398 18.60 6.37 15.94
N SER A 399 18.95 5.48 16.86
CA SER A 399 19.72 5.84 18.04
C SER A 399 20.42 4.62 18.67
N CYS A 400 21.16 4.85 19.75
CA CYS A 400 21.79 3.73 20.45
C CYS A 400 21.17 3.48 21.83
N VAL A 401 20.36 2.43 21.92
CA VAL A 401 19.70 2.08 23.16
C VAL A 401 20.23 0.78 23.72
N GLY A 402 20.87 0.89 24.88
CA GLY A 402 21.41 -0.25 25.60
C GLY A 402 22.35 -1.06 24.73
N GLY A 403 23.33 -0.37 24.15
CA GLY A 403 24.42 -1.03 23.42
C GLY A 403 24.13 -1.48 22.00
N GLN A 404 22.87 -1.38 21.58
CA GLN A 404 22.45 -1.89 20.27
C GLN A 404 21.66 -0.84 19.49
N ILE A 405 21.78 -0.87 18.16
CA ILE A 405 21.07 0.07 17.30
C ILE A 405 19.58 -0.01 17.61
N GLN A 406 18.96 1.14 17.83
CA GLN A 406 17.51 1.23 17.77
C GLN A 406 17.06 1.89 16.49
N SER A 407 16.22 1.18 15.76
CA SER A 407 15.65 1.69 14.53
C SER A 407 14.15 1.56 14.66
N THR A 408 13.47 2.69 14.78
CA THR A 408 11.99 2.70 14.86
C THR A 408 11.39 3.72 13.92
N SER A 409 10.06 3.72 13.83
CA SER A 409 9.28 4.81 13.26
C SER A 409 8.60 5.58 14.39
N VAL A 410 8.54 6.90 14.24
CA VAL A 410 7.87 7.74 15.25
C VAL A 410 7.04 8.83 14.57
N ASP A 411 6.28 9.57 15.37
CA ASP A 411 5.51 10.69 14.86
C ASP A 411 6.40 11.74 14.19
N CYS A 412 5.91 12.27 13.08
CA CYS A 412 6.46 13.50 12.49
C CYS A 412 6.10 14.72 13.37
N THR A 413 6.82 15.82 13.16
CA THR A 413 6.49 17.08 13.85
C THR A 413 5.18 17.67 13.32
N ALA A 414 4.59 18.58 14.09
CA ALA A 414 3.43 19.34 13.64
C ALA A 414 3.66 19.96 12.26
N GLU A 415 4.76 20.67 12.09
CA GLU A 415 5.08 21.23 10.80
C GLU A 415 5.02 20.18 9.69
N GLU A 416 5.73 19.07 9.86
CA GLU A 416 5.80 18.01 8.86
C GLU A 416 4.44 17.41 8.52
N GLN A 417 3.55 17.33 9.52
CA GLN A 417 2.22 16.69 9.42
C GLN A 417 1.29 17.37 8.40
N ASN A 418 1.62 18.59 8.02
CA ASN A 418 0.78 19.36 7.11
C ASN A 418 1.06 19.00 5.66
N ASP A 419 1.81 17.91 5.45
CA ASP A 419 1.98 17.35 4.10
C ASP A 419 1.39 15.94 4.02
N CYS A 420 0.78 15.50 5.12
CA CYS A 420 0.02 14.26 5.13
C CYS A 420 -1.45 14.53 4.85
N GLN B 11 16.93 70.15 1.41
CA GLN B 11 15.82 70.19 2.40
C GLN B 11 15.26 68.77 2.65
N ASN B 12 15.42 67.90 1.64
CA ASN B 12 14.89 66.54 1.70
C ASN B 12 15.74 65.64 2.60
N PRO B 13 15.14 65.07 3.66
CA PRO B 13 15.90 64.25 4.61
C PRO B 13 16.29 62.89 4.07
N PHE B 14 15.71 62.49 2.94
CA PHE B 14 16.06 61.23 2.28
C PHE B 14 17.26 61.43 1.35
N GLN B 15 17.85 62.62 1.43
CA GLN B 15 18.95 62.98 0.56
C GLN B 15 20.30 62.81 1.25
N THR B 16 20.24 62.35 2.50
CA THR B 16 21.42 61.92 3.25
C THR B 16 22.09 60.74 2.54
N PRO B 17 23.44 60.71 2.51
CA PRO B 17 24.04 59.68 1.66
C PRO B 17 23.41 58.31 1.90
N GLU B 18 23.22 57.95 3.17
CA GLU B 18 22.68 56.65 3.56
C GLU B 18 21.25 56.43 3.07
N LEU B 19 20.39 57.41 3.30
CA LEU B 19 19.03 57.38 2.76
C LEU B 19 18.98 57.41 1.22
N LYS B 20 19.80 58.25 0.60
CA LYS B 20 19.87 58.35 -0.87
C LYS B 20 20.18 57.00 -1.48
N ALA B 21 21.25 56.37 -1.02
CA ALA B 21 21.66 55.06 -1.51
C ALA B 21 20.54 54.01 -1.40
N PHE B 22 19.76 54.12 -0.33
CA PHE B 22 18.70 53.16 -0.05
C PHE B 22 17.57 53.30 -1.05
N LEU B 23 17.15 54.54 -1.31
CA LEU B 23 16.13 54.81 -2.32
C LEU B 23 16.61 54.55 -3.75
N GLU B 24 17.89 54.79 -4.02
CA GLU B 24 18.46 54.63 -5.35
C GLU B 24 18.21 53.24 -5.94
N ARG B 25 18.27 52.24 -5.07
CA ARG B 25 18.16 50.86 -5.51
C ARG B 25 16.71 50.44 -5.66
N TYR B 26 15.81 51.40 -5.63
CA TYR B 26 14.43 51.17 -6.00
C TYR B 26 14.25 51.62 -7.44
N ASN B 27 15.29 52.25 -7.97
CA ASN B 27 15.22 52.89 -9.26
C ASN B 27 15.68 51.94 -10.35
N VAL B 28 14.74 51.28 -11.01
CA VAL B 28 15.08 50.27 -12.00
C VAL B 28 16.16 50.78 -12.97
N THR B 29 16.08 52.07 -13.28
CA THR B 29 16.94 52.69 -14.29
C THR B 29 18.42 52.75 -13.91
N LEU B 30 18.70 52.78 -12.60
CA LEU B 30 20.08 52.90 -12.14
C LEU B 30 20.89 51.61 -12.12
N HIS B 31 20.28 50.49 -11.75
CA HIS B 31 21.01 49.23 -11.70
CA HIS B 31 21.03 49.23 -11.73
C HIS B 31 20.54 48.21 -12.70
N HIS B 32 19.27 47.82 -12.61
CA HIS B 32 18.69 46.86 -13.56
C HIS B 32 18.88 47.21 -15.02
N GLN B 33 18.63 48.46 -15.38
CA GLN B 33 19.10 49.02 -16.66
C GLN B 33 18.45 48.48 -17.94
N SER B 34 17.42 47.65 -17.79
CA SER B 34 16.85 46.90 -18.89
C SER B 34 15.32 46.93 -18.76
N GLY B 35 14.62 46.33 -19.73
CA GLY B 35 13.18 46.08 -19.57
C GLY B 35 12.98 45.19 -18.36
N VAL B 36 11.81 45.28 -17.72
CA VAL B 36 11.52 44.33 -16.67
C VAL B 36 10.41 43.34 -17.00
N ASN B 37 9.34 43.81 -17.63
CA ASN B 37 8.28 42.92 -18.09
C ASN B 37 8.79 42.05 -19.23
N VAL B 38 9.33 42.71 -20.25
CA VAL B 38 10.12 42.00 -21.25
C VAL B 38 11.54 42.56 -21.29
N ASP B 39 12.47 41.75 -20.81
CA ASP B 39 13.87 42.12 -20.74
C ASP B 39 14.58 41.67 -22.01
N LEU B 40 14.79 42.59 -22.93
CA LEU B 40 15.67 42.33 -24.07
C LEU B 40 16.62 43.49 -24.32
N GLY B 41 17.47 43.76 -23.34
CA GLY B 41 18.21 45.01 -23.28
C GLY B 41 19.48 45.06 -24.14
N GLN B 42 19.94 43.90 -24.58
CA GLN B 42 21.21 43.82 -25.31
C GLN B 42 21.02 43.09 -26.63
N ASP B 43 21.99 43.25 -27.52
CA ASP B 43 22.04 42.47 -28.75
C ASP B 43 23.33 41.67 -28.78
N LYS B 44 23.27 40.44 -29.28
CA LYS B 44 24.49 39.66 -29.50
C LYS B 44 24.47 39.00 -30.87
N GLU B 45 25.64 38.66 -31.37
CA GLU B 45 25.76 38.07 -32.70
C GLU B 45 26.08 36.59 -32.63
N VAL B 46 25.37 35.80 -33.43
CA VAL B 46 25.56 34.36 -33.42
C VAL B 46 25.30 33.88 -34.84
N ASP B 47 26.33 33.30 -35.47
CA ASP B 47 26.29 32.99 -36.90
C ASP B 47 26.06 34.26 -37.74
N GLY B 48 26.75 35.34 -37.42
CA GLY B 48 26.58 36.60 -38.15
C GLY B 48 25.17 37.19 -38.09
N LYS B 49 24.19 36.45 -37.59
CA LYS B 49 22.87 37.01 -37.32
C LYS B 49 22.86 37.73 -35.97
N LEU B 50 22.14 38.84 -35.88
CA LEU B 50 22.10 39.63 -34.66
C LEU B 50 20.84 39.36 -33.84
N TYR B 51 21.06 38.81 -32.64
CA TYR B 51 19.97 38.31 -31.80
C TYR B 51 19.84 39.12 -30.52
N ARG B 52 18.58 39.39 -30.13
CA ARG B 52 18.25 40.11 -28.89
C ARG B 52 18.49 39.24 -27.66
N GLU B 53 18.95 39.87 -26.58
CA GLU B 53 19.42 39.14 -25.38
C GLU B 53 18.98 39.82 -24.09
N ALA B 54 18.42 39.03 -23.17
CA ALA B 54 18.05 39.54 -21.84
C ALA B 54 19.29 40.03 -21.09
N ALA B 55 19.16 41.18 -20.42
CA ALA B 55 20.33 41.97 -19.99
C ALA B 55 20.19 42.61 -18.61
N GLY B 56 19.02 42.46 -17.99
CA GLY B 56 18.71 43.14 -16.74
C GLY B 56 19.48 42.59 -15.56
N LEU B 57 20.03 43.50 -14.75
CA LEU B 57 20.95 43.12 -13.69
C LEU B 57 20.25 42.63 -12.42
N CYS B 58 18.98 42.99 -12.27
CA CYS B 58 18.21 42.59 -11.11
C CYS B 58 17.32 41.37 -11.36
N PRO B 59 17.16 40.51 -10.34
CA PRO B 59 16.21 39.42 -10.50
C PRO B 59 14.79 39.94 -10.38
N VAL B 60 13.86 39.28 -11.06
CA VAL B 60 12.50 39.74 -11.07
C VAL B 60 11.59 38.66 -10.54
N TRP B 61 11.02 38.95 -9.37
CA TRP B 61 10.41 37.95 -8.48
C TRP B 61 9.00 37.70 -8.87
N GLY B 62 8.68 36.43 -9.12
CA GLY B 62 7.30 36.04 -9.42
C GLY B 62 6.99 36.08 -10.90
N LYS B 63 7.85 36.71 -11.69
CA LYS B 63 7.71 36.68 -13.13
C LYS B 63 7.72 35.25 -13.65
N TYR B 64 6.67 34.88 -14.35
CA TYR B 64 6.67 33.66 -15.13
C TYR B 64 6.15 33.98 -16.53
N ILE B 65 6.53 33.18 -17.52
CA ILE B 65 5.91 33.28 -18.83
C ILE B 65 4.73 32.32 -18.86
N GLN B 66 3.56 32.85 -19.22
CA GLN B 66 2.39 32.01 -19.33
C GLN B 66 2.13 31.57 -20.77
N LEU B 67 1.82 30.28 -20.91
CA LEU B 67 1.66 29.69 -22.23
C LEU B 67 0.18 29.63 -22.58
N HIS B 68 -0.12 29.65 -23.88
CA HIS B 68 -1.51 29.59 -24.32
C HIS B 68 -1.69 28.43 -25.24
N GLN B 69 -1.08 27.32 -24.84
CA GLN B 69 -1.19 26.07 -25.57
C GLN B 69 -2.62 25.52 -25.47
N PRO B 70 -2.98 24.61 -26.42
CA PRO B 70 -4.30 24.00 -26.43
C PRO B 70 -4.49 23.20 -25.16
N ASN B 71 -5.68 23.26 -24.59
CA ASN B 71 -5.92 22.56 -23.34
C ASN B 71 -6.26 21.09 -23.55
N ARG B 72 -5.21 20.32 -23.87
CA ARG B 72 -5.31 18.87 -24.00
C ARG B 72 -3.89 18.24 -24.01
N PRO B 73 -3.83 16.88 -23.96
CA PRO B 73 -2.53 16.23 -24.17
C PRO B 73 -1.96 16.48 -25.55
N PRO B 74 -0.62 16.62 -25.65
CA PRO B 74 0.34 16.49 -24.55
C PRO B 74 0.70 17.81 -23.88
N TYR B 75 0.02 18.89 -24.26
CA TYR B 75 0.37 20.23 -23.75
C TYR B 75 0.19 20.42 -22.25
N LYS B 76 1.25 20.82 -21.56
CA LYS B 76 1.19 21.03 -20.12
C LYS B 76 1.08 22.51 -19.71
N ASN B 77 0.98 23.39 -20.71
CA ASN B 77 0.96 24.84 -20.50
C ASN B 77 1.86 25.29 -19.37
N ASN B 78 3.15 24.98 -19.49
CA ASN B 78 4.11 25.29 -18.45
C ASN B 78 5.45 25.57 -19.09
N PHE B 79 5.89 26.82 -18.99
CA PHE B 79 7.08 27.26 -19.71
C PHE B 79 8.38 26.65 -19.18
N LEU B 80 8.29 25.67 -18.30
CA LEU B 80 9.48 25.09 -17.69
C LEU B 80 9.66 23.66 -18.11
N GLU B 81 8.69 23.18 -18.88
CA GLU B 81 8.87 21.95 -19.65
C GLU B 81 10.03 22.15 -20.62
N ASP B 82 10.69 21.04 -20.95
CA ASP B 82 11.71 21.02 -21.99
C ASP B 82 11.21 21.54 -23.33
N ILE B 83 12.05 22.33 -23.99
CA ILE B 83 11.92 22.53 -25.43
C ILE B 83 11.64 21.21 -26.14
N PRO B 84 10.62 21.21 -27.03
CA PRO B 84 10.19 19.96 -27.65
C PRO B 84 11.28 19.34 -28.51
N THR B 85 11.27 18.02 -28.57
CA THR B 85 12.20 17.29 -29.36
C THR B 85 11.59 17.13 -30.75
N GLU B 86 12.41 16.88 -31.76
CA GLU B 86 11.90 16.70 -33.14
C GLU B 86 10.82 15.61 -33.21
N ALA B 87 11.05 14.51 -32.51
CA ALA B 87 10.03 13.47 -32.35
C ALA B 87 8.80 13.98 -31.63
N GLU B 88 9.03 14.62 -30.48
CA GLU B 88 7.93 15.10 -29.64
C GLU B 88 7.02 16.04 -30.44
N TYR B 89 7.61 16.77 -31.37
CA TYR B 89 6.89 17.82 -32.07
C TYR B 89 6.05 17.20 -33.15
N GLN B 90 6.63 16.27 -33.89
CA GLN B 90 5.91 15.68 -34.99
C GLN B 90 4.81 14.70 -34.56
N LYS B 91 4.92 14.18 -33.34
CA LYS B 91 3.83 13.41 -32.74
C LYS B 91 2.61 14.31 -32.55
N SER B 92 2.83 15.48 -31.99
CA SER B 92 1.74 16.37 -31.64
C SER B 92 1.24 17.18 -32.83
N GLY B 93 2.12 17.49 -33.77
CA GLY B 93 1.79 18.49 -34.78
C GLY B 93 1.82 19.88 -34.19
N ASN B 94 1.27 20.85 -34.93
CA ASN B 94 1.23 22.23 -34.48
C ASN B 94 0.13 22.45 -33.46
N PRO B 95 0.43 23.15 -32.35
CA PRO B 95 1.64 23.93 -32.14
C PRO B 95 2.68 23.19 -31.32
N LEU B 96 3.91 23.70 -31.30
CA LEU B 96 4.95 23.20 -30.42
C LEU B 96 4.39 22.74 -29.10
N PRO B 97 4.72 21.51 -28.69
CA PRO B 97 4.45 21.10 -27.33
C PRO B 97 5.55 21.55 -26.36
N GLY B 98 5.38 21.28 -25.06
CA GLY B 98 6.45 21.48 -24.08
C GLY B 98 6.71 22.93 -23.75
N GLY B 99 7.97 23.27 -23.47
CA GLY B 99 8.27 24.52 -22.79
C GLY B 99 9.41 25.33 -23.37
N PHE B 100 10.04 26.14 -22.52
CA PHE B 100 11.15 27.02 -22.89
C PHE B 100 12.48 26.47 -22.36
N ASN B 101 12.41 25.42 -21.56
CA ASN B 101 13.58 24.95 -20.83
C ASN B 101 14.61 24.24 -21.72
N MET B 102 15.89 24.57 -21.51
CA MET B 102 16.99 23.95 -22.24
C MET B 102 17.05 22.44 -21.99
N ASN B 103 17.04 21.67 -23.07
CA ASN B 103 16.99 20.20 -22.96
C ASN B 103 18.32 19.49 -23.20
N PHE B 104 19.37 20.27 -23.43
CA PHE B 104 20.70 19.74 -23.69
C PHE B 104 21.24 18.82 -22.60
N VAL B 105 22.02 17.83 -23.03
CA VAL B 105 22.57 16.86 -22.13
C VAL B 105 24.09 16.93 -22.05
N THR B 106 24.60 16.48 -20.91
CA THR B 106 25.99 16.13 -20.68
C THR B 106 26.54 15.25 -21.81
N PRO B 107 27.85 15.32 -22.09
CA PRO B 107 28.36 14.39 -23.11
C PRO B 107 28.06 12.94 -22.72
N ALA B 108 27.73 12.74 -21.45
CA ALA B 108 27.48 11.42 -20.89
C ALA B 108 25.99 11.18 -20.67
N GLY B 109 25.14 12.04 -21.24
CA GLY B 109 23.71 11.78 -21.32
C GLY B 109 22.87 12.36 -20.18
N GLN B 110 23.54 12.98 -19.21
CA GLN B 110 22.89 13.62 -18.07
C GLN B 110 22.26 14.96 -18.51
N ARG B 111 21.24 15.42 -17.79
CA ARG B 111 20.57 16.65 -18.18
C ARG B 111 21.14 17.91 -17.50
N ILE B 112 21.39 18.95 -18.30
CA ILE B 112 21.93 20.22 -17.78
C ILE B 112 20.91 20.94 -16.92
N SER B 113 19.68 21.06 -17.42
CA SER B 113 18.67 21.92 -16.79
C SER B 113 17.34 21.22 -16.64
N PRO B 114 16.63 21.48 -15.52
CA PRO B 114 17.07 22.29 -14.40
C PRO B 114 18.14 21.57 -13.60
N TYR B 115 19.00 22.34 -12.96
CA TYR B 115 20.16 21.80 -12.28
C TYR B 115 19.99 22.06 -10.80
N PRO B 116 20.05 20.99 -9.98
CA PRO B 116 19.60 21.08 -8.58
C PRO B 116 20.52 21.92 -7.71
N MET B 117 19.93 22.80 -6.90
CA MET B 117 20.71 23.67 -6.03
C MET B 117 21.81 22.86 -5.34
N GLU B 118 21.44 21.67 -4.87
CA GLU B 118 22.29 20.87 -4.01
C GLU B 118 23.67 20.64 -4.62
N LEU B 119 23.72 20.43 -5.93
CA LEU B 119 24.99 20.26 -6.63
C LEU B 119 25.73 21.58 -6.77
N LEU B 120 24.97 22.64 -7.03
CA LEU B 120 25.50 24.00 -7.07
C LEU B 120 26.11 24.48 -5.74
N GLU B 121 25.45 24.15 -4.62
CA GLU B 121 25.94 24.51 -3.28
C GLU B 121 27.25 23.80 -2.97
N LYS B 122 27.26 22.48 -3.14
CA LYS B 122 28.46 21.68 -2.92
C LYS B 122 29.35 21.69 -4.16
N SER B 123 29.82 22.88 -4.54
CA SER B 123 30.67 23.04 -5.72
C SER B 123 31.62 24.22 -5.55
N SER B 124 32.91 23.97 -5.71
CA SER B 124 33.91 24.96 -5.34
C SER B 124 34.13 26.02 -6.43
N LYS B 125 33.63 25.75 -7.64
CA LYS B 125 33.71 26.71 -8.75
C LYS B 125 32.61 27.78 -8.69
N ILE B 126 31.58 27.49 -7.91
CA ILE B 126 30.53 28.47 -7.64
C ILE B 126 30.89 29.33 -6.42
N LYS B 127 31.23 30.59 -6.68
CA LYS B 127 31.71 31.49 -5.63
C LYS B 127 30.56 32.30 -5.05
N ALA B 128 29.35 32.09 -5.58
CA ALA B 128 28.21 32.94 -5.25
C ALA B 128 27.78 32.80 -3.81
N SER B 129 27.41 33.92 -3.19
CA SER B 129 27.22 33.97 -1.75
C SER B 129 25.81 33.67 -1.22
N THR B 130 24.87 33.41 -2.13
CA THR B 130 23.48 33.13 -1.76
C THR B 130 22.94 32.04 -2.67
N GLU B 131 21.81 31.45 -2.28
CA GLU B 131 21.15 30.44 -3.09
C GLU B 131 20.80 30.98 -4.48
N LEU B 132 19.99 32.04 -4.50
CA LEU B 132 19.60 32.69 -5.74
C LEU B 132 20.81 33.11 -6.56
N GLY B 133 21.75 33.79 -5.92
CA GLY B 133 22.98 34.23 -6.58
C GLY B 133 23.80 33.10 -7.17
N LYS B 134 23.64 31.89 -6.65
CA LYS B 134 24.32 30.73 -7.20
C LYS B 134 23.64 30.32 -8.50
N CYS B 135 22.31 30.34 -8.49
CA CYS B 135 21.55 30.07 -9.71
C CYS B 135 21.88 31.09 -10.79
N ALA B 136 21.93 32.37 -10.41
CA ALA B 136 22.38 33.39 -11.33
C ALA B 136 23.75 33.07 -11.92
N GLU B 137 24.69 32.67 -11.07
CA GLU B 137 26.09 32.60 -11.47
C GLU B 137 26.32 31.47 -12.45
N PHE B 138 25.54 30.40 -12.30
CA PHE B 138 25.55 29.30 -13.25
C PHE B 138 25.02 29.81 -14.59
N ALA B 139 23.91 30.54 -14.53
CA ALA B 139 23.30 31.08 -15.73
C ALA B 139 24.32 31.93 -16.47
N TYR B 140 25.09 32.70 -15.72
CA TYR B 140 26.08 33.55 -16.35
C TYR B 140 27.11 32.78 -17.17
N LYS B 141 27.48 31.60 -16.70
CA LYS B 141 28.55 30.84 -17.31
C LYS B 141 28.03 30.09 -18.53
N THR B 142 26.71 30.01 -18.66
CA THR B 142 26.15 29.28 -19.77
C THR B 142 25.90 30.23 -20.92
N THR B 143 26.19 29.75 -22.11
CA THR B 143 26.57 30.60 -23.22
C THR B 143 26.38 29.71 -24.44
N ALA B 144 25.70 30.22 -25.45
CA ALA B 144 25.32 29.39 -26.59
C ALA B 144 26.48 29.17 -27.58
N MET B 145 26.48 28.02 -28.24
CA MET B 145 27.45 27.74 -29.31
C MET B 145 26.83 28.11 -30.65
N ASP B 146 27.69 28.34 -31.65
CA ASP B 146 27.19 28.60 -32.99
C ASP B 146 27.32 27.36 -33.88
N LYS B 147 26.69 27.43 -35.07
CA LYS B 147 26.66 26.30 -36.01
C LYS B 147 28.03 25.68 -36.30
N SER B 148 29.07 26.51 -36.33
CA SER B 148 30.44 26.02 -36.50
C SER B 148 31.14 25.75 -35.15
N ASN B 149 30.33 25.37 -34.16
CA ASN B 149 30.81 25.01 -32.83
C ASN B 149 31.82 25.96 -32.18
N GLN B 150 31.44 27.22 -32.01
CA GLN B 150 32.33 28.22 -31.41
C GLN B 150 31.69 28.88 -30.20
N ALA B 151 32.55 29.39 -29.31
CA ALA B 151 32.12 30.26 -28.22
C ALA B 151 31.23 31.39 -28.74
N THR B 152 30.21 31.74 -27.99
CA THR B 152 29.54 33.01 -28.19
C THR B 152 29.50 33.80 -26.90
N GLN B 153 28.78 34.91 -26.95
CA GLN B 153 28.64 35.82 -25.82
C GLN B 153 27.15 35.98 -25.54
N TYR B 154 26.36 35.06 -26.07
CA TYR B 154 24.91 35.05 -25.90
C TYR B 154 24.53 34.23 -24.69
N ARG B 155 23.89 34.87 -23.72
CA ARG B 155 23.46 34.17 -22.51
C ARG B 155 21.94 34.07 -22.37
N TYR B 156 21.46 32.93 -21.87
CA TYR B 156 20.01 32.69 -21.73
C TYR B 156 19.50 33.25 -20.41
N PRO B 157 18.21 33.62 -20.35
CA PRO B 157 17.64 33.93 -19.05
C PRO B 157 17.43 32.65 -18.22
N PHE B 158 17.25 32.82 -16.90
CA PHE B 158 17.09 31.66 -16.03
C PHE B 158 15.86 31.86 -15.16
N VAL B 159 15.28 30.74 -14.72
CA VAL B 159 14.34 30.78 -13.59
C VAL B 159 14.85 29.95 -12.41
N TYR B 160 14.88 30.55 -11.22
CA TYR B 160 15.07 29.75 -10.02
C TYR B 160 13.75 29.32 -9.42
N ASP B 161 13.59 28.03 -9.18
CA ASP B 161 12.44 27.52 -8.43
C ASP B 161 12.84 27.24 -6.97
N SER B 162 12.42 28.11 -6.06
CA SER B 162 12.94 28.09 -4.69
C SER B 162 12.26 27.03 -3.82
N LYS B 163 11.00 26.76 -4.10
CA LYS B 163 10.28 25.71 -3.40
C LYS B 163 10.91 24.35 -3.65
N ARG B 164 11.45 24.17 -4.86
CA ARG B 164 11.97 22.87 -5.30
C ARG B 164 13.48 22.93 -5.49
N ARG B 165 14.04 24.11 -5.24
CA ARG B 165 15.48 24.32 -5.36
C ARG B 165 16.04 23.84 -6.70
N LEU B 166 15.50 24.38 -7.80
CA LEU B 166 15.84 23.94 -9.15
C LEU B 166 16.13 25.12 -10.07
N CYS B 167 17.24 25.05 -10.78
CA CYS B 167 17.77 26.22 -11.46
C CYS B 167 17.71 26.06 -12.99
N TYR B 168 16.71 26.68 -13.60
CA TYR B 168 16.38 26.45 -15.02
C TYR B 168 17.15 27.39 -15.93
N ILE B 169 17.78 26.82 -16.95
CA ILE B 169 18.29 27.64 -18.06
C ILE B 169 17.29 27.62 -19.21
N LEU B 170 16.92 28.80 -19.71
CA LEU B 170 15.85 28.90 -20.70
C LEU B 170 16.41 29.10 -22.08
N SER B 171 16.35 28.05 -22.90
CA SER B 171 16.83 28.08 -24.28
C SER B 171 16.08 29.13 -25.08
N VAL B 172 14.76 29.21 -24.89
CA VAL B 172 13.95 30.26 -25.50
C VAL B 172 14.05 31.51 -24.65
N SER B 173 14.52 32.60 -25.25
CA SER B 173 14.60 33.87 -24.55
C SER B 173 13.46 34.80 -24.94
N MET B 174 12.61 34.36 -25.87
CA MET B 174 11.40 35.12 -26.20
C MET B 174 10.54 35.24 -24.94
N GLN B 175 9.91 36.40 -24.76
CA GLN B 175 9.06 36.59 -23.59
C GLN B 175 7.62 36.98 -23.89
N ARG B 176 7.39 37.56 -25.07
CA ARG B 176 6.03 37.93 -25.50
C ARG B 176 5.79 37.54 -26.95
N MET B 177 4.72 36.80 -27.21
CA MET B 177 4.21 36.65 -28.55
C MET B 177 2.68 36.71 -28.62
N GLU B 178 2.16 37.65 -29.40
CA GLU B 178 0.70 37.83 -29.52
C GLU B 178 0.24 37.91 -30.99
N GLY B 179 -1.06 37.70 -31.22
CA GLY B 179 -1.63 37.98 -32.54
C GLY B 179 -1.94 36.75 -33.38
N SER B 180 -3.15 36.70 -33.90
CA SER B 180 -3.62 35.54 -34.67
C SER B 180 -2.82 35.35 -35.95
N LYS B 181 -2.20 36.43 -36.41
CA LYS B 181 -1.22 36.33 -37.50
C LYS B 181 -0.04 35.47 -37.06
N TYR B 182 0.36 35.63 -35.80
CA TYR B 182 1.70 35.26 -35.35
C TYR B 182 1.75 33.97 -34.55
N CYS B 183 0.82 33.80 -33.64
CA CYS B 183 0.81 32.60 -32.78
C CYS B 183 -0.61 32.24 -32.50
N SER B 184 -0.85 31.02 -32.06
CA SER B 184 -2.21 30.63 -31.75
C SER B 184 -2.41 30.65 -30.24
N THR B 185 -3.58 31.08 -29.80
CA THR B 185 -3.95 30.99 -28.40
C THR B 185 -5.09 29.96 -28.24
N ASN B 186 -4.87 29.00 -27.34
CA ASN B 186 -5.72 27.81 -27.28
C ASN B 186 -6.14 27.29 -28.66
N ASP B 187 -5.15 27.02 -29.51
CA ASP B 187 -5.40 26.36 -30.80
C ASP B 187 -6.29 27.16 -31.76
N ASP B 188 -6.32 28.48 -31.60
CA ASP B 188 -6.97 29.35 -32.59
C ASP B 188 -6.04 30.48 -32.97
N PRO B 189 -5.71 30.61 -34.28
CA PRO B 189 -5.86 29.72 -35.44
C PRO B 189 -5.38 28.29 -35.21
N VAL B 190 -5.52 27.46 -36.25
CA VAL B 190 -5.48 26.00 -36.07
C VAL B 190 -4.14 25.37 -36.46
N ASN B 191 -3.36 26.04 -37.32
CA ASN B 191 -2.13 25.43 -37.80
C ASN B 191 -0.86 26.24 -37.53
N LEU B 192 -0.82 26.89 -36.38
CA LEU B 192 0.28 27.77 -36.07
C LEU B 192 1.36 27.05 -35.29
N THR B 193 2.60 27.22 -35.73
CA THR B 193 3.76 26.60 -35.11
C THR B 193 3.92 27.01 -33.64
N TRP B 194 3.63 28.29 -33.36
CA TRP B 194 3.86 28.85 -32.03
C TRP B 194 2.60 29.11 -31.25
N TYR B 195 2.60 28.69 -30.00
CA TYR B 195 1.58 29.10 -29.05
C TYR B 195 1.89 30.53 -28.66
N CYS B 196 0.89 31.34 -28.30
CA CYS B 196 1.21 32.65 -27.74
C CYS B 196 1.62 32.54 -26.28
N PHE B 197 2.27 33.58 -25.78
CA PHE B 197 2.73 33.61 -24.41
C PHE B 197 3.11 35.04 -24.09
N GLU B 198 3.19 35.36 -22.81
CA GLU B 198 3.43 36.74 -22.35
C GLU B 198 3.84 36.70 -20.90
N PRO B 199 4.73 37.60 -20.50
CA PRO B 199 5.13 37.57 -19.10
C PRO B 199 3.95 37.86 -18.18
N GLN B 200 4.05 37.37 -16.95
CA GLN B 200 2.97 37.50 -15.99
C GLN B 200 3.52 37.36 -14.56
N LYS B 201 2.90 38.08 -13.62
CA LYS B 201 2.88 37.66 -12.21
C LYS B 201 1.45 37.31 -11.78
N SER B 202 1.33 36.67 -10.62
CA SER B 202 0.01 36.30 -10.09
C SER B 202 -0.06 36.64 -8.62
N PRO B 203 -1.26 36.98 -8.11
CA PRO B 203 -1.46 37.30 -6.69
C PRO B 203 -1.15 36.14 -5.73
N THR B 204 -1.15 34.92 -6.26
CA THR B 204 -1.03 33.73 -5.42
C THR B 204 -0.04 32.68 -5.96
N ALA B 205 -0.02 32.51 -7.28
CA ALA B 205 0.78 31.46 -7.92
C ALA B 205 2.19 31.90 -8.34
N ASN B 206 3.15 31.00 -8.11
CA ASN B 206 4.51 31.11 -8.64
C ASN B 206 5.45 32.05 -7.91
N HIS B 207 5.19 32.35 -6.64
CA HIS B 207 6.07 33.26 -5.92
C HIS B 207 7.41 32.62 -5.64
N ASN B 208 7.50 31.30 -5.89
CA ASN B 208 8.74 30.58 -5.76
C ASN B 208 9.58 30.66 -7.05
N LEU B 209 9.02 31.30 -8.09
CA LEU B 209 9.75 31.50 -9.35
C LEU B 209 10.46 32.84 -9.36
N ILE B 210 11.78 32.82 -9.59
CA ILE B 210 12.55 34.04 -9.83
C ILE B 210 13.17 33.97 -11.21
N PHE B 211 12.78 34.94 -12.04
CA PHE B 211 13.21 35.04 -13.41
C PHE B 211 14.24 36.14 -13.50
N GLY B 212 15.32 35.91 -14.24
CA GLY B 212 16.33 36.94 -14.49
C GLY B 212 17.15 36.68 -15.73
N SER B 213 17.80 37.72 -16.24
CA SER B 213 18.76 37.55 -17.34
C SER B 213 20.04 37.06 -16.73
N ALA B 214 20.83 36.34 -17.52
CA ALA B 214 22.01 35.66 -16.98
C ALA B 214 22.95 36.68 -16.32
N TYR B 215 22.84 37.93 -16.73
CA TYR B 215 23.78 38.96 -16.31
C TYR B 215 23.60 39.37 -14.85
N VAL B 216 22.56 38.85 -14.20
CA VAL B 216 22.44 38.92 -12.75
C VAL B 216 23.56 38.12 -12.11
N GLY B 217 24.12 37.18 -12.87
CA GLY B 217 25.18 36.30 -12.37
C GLY B 217 26.58 36.75 -12.69
N LYS B 218 26.71 37.93 -13.29
CA LYS B 218 28.01 38.50 -13.59
C LYS B 218 28.76 38.98 -12.34
N ASP B 219 28.03 39.48 -11.35
CA ASP B 219 28.58 39.80 -10.03
C ASP B 219 27.57 39.37 -8.99
N PRO B 220 27.54 38.07 -8.70
CA PRO B 220 26.35 37.35 -8.22
C PRO B 220 25.87 37.80 -6.85
N ASP B 221 26.46 38.89 -6.36
CA ASP B 221 26.28 39.32 -5.00
C ASP B 221 25.73 40.73 -5.01
N ALA B 222 25.90 41.38 -6.16
CA ALA B 222 25.62 42.80 -6.30
C ALA B 222 24.14 43.13 -6.10
N PHE B 223 23.26 42.23 -6.55
CA PHE B 223 21.81 42.45 -6.48
C PHE B 223 21.28 42.40 -5.05
N LEU B 224 21.96 41.64 -4.20
CA LEU B 224 21.66 41.61 -2.76
C LEU B 224 21.51 43.00 -2.19
N THR B 225 22.11 43.99 -2.83
CA THR B 225 22.19 45.32 -2.26
C THR B 225 21.92 46.43 -3.27
N LYS B 226 21.92 46.10 -4.54
CA LYS B 226 21.61 47.08 -5.57
C LYS B 226 20.19 46.95 -6.14
N CYS B 227 19.42 45.97 -5.66
CA CYS B 227 18.10 45.72 -6.22
C CYS B 227 16.94 45.83 -5.21
N PRO B 228 15.70 45.95 -5.71
CA PRO B 228 14.57 46.10 -4.81
C PRO B 228 13.86 44.77 -4.54
N ASN B 229 14.64 43.76 -4.14
CA ASN B 229 14.10 42.44 -3.87
C ASN B 229 12.85 42.48 -3.00
N GLN B 230 12.91 43.25 -1.91
CA GLN B 230 11.83 43.30 -0.93
C GLN B 230 10.80 44.41 -1.20
N ALA B 231 9.53 44.06 -0.99
CA ALA B 231 8.50 45.08 -0.86
C ALA B 231 8.67 45.81 0.46
N LEU B 232 8.03 46.98 0.56
CA LEU B 232 8.33 47.94 1.62
C LEU B 232 7.11 48.20 2.50
N LYS B 233 7.09 47.59 3.69
CA LYS B 233 6.00 47.79 4.63
C LYS B 233 6.11 49.17 5.32
N GLY B 234 4.97 49.83 5.51
CA GLY B 234 4.92 51.02 6.35
C GLY B 234 5.14 52.35 5.66
N TYR B 235 5.42 52.33 4.36
CA TYR B 235 5.73 53.56 3.64
C TYR B 235 5.07 53.60 2.27
N ARG B 236 4.94 54.81 1.72
CA ARG B 236 4.60 55.01 0.31
C ARG B 236 5.73 55.71 -0.44
N PHE B 237 6.03 55.21 -1.64
CA PHE B 237 6.94 55.89 -2.56
C PHE B 237 6.45 57.30 -2.83
N GLY B 238 7.37 58.26 -2.79
CA GLY B 238 7.04 59.63 -3.15
C GLY B 238 8.17 60.39 -3.83
N HIS B 239 7.88 61.61 -4.25
CA HIS B 239 8.83 62.47 -4.93
C HIS B 239 8.93 63.80 -4.22
N TRP B 240 10.14 64.37 -4.16
CA TRP B 240 10.38 65.61 -3.44
C TRP B 240 10.19 66.82 -4.30
N THR B 241 9.14 67.58 -4.02
CA THR B 241 8.86 68.82 -4.74
C THR B 241 8.22 69.82 -3.79
N ASN B 242 8.49 71.11 -4.01
CA ASN B 242 7.99 72.16 -3.14
C ASN B 242 8.44 71.89 -1.72
N GLY B 243 9.65 71.38 -1.59
CA GLY B 243 10.24 71.14 -0.28
C GLY B 243 9.36 70.32 0.63
N ARG B 244 8.56 69.42 0.06
CA ARG B 244 8.01 68.30 0.82
C ARG B 244 7.73 67.07 -0.01
N CYS B 245 7.57 65.93 0.68
CA CYS B 245 7.47 64.62 0.02
C CYS B 245 6.03 64.30 -0.38
N HIS B 246 5.68 64.65 -1.62
CA HIS B 246 4.46 64.18 -2.25
C HIS B 246 4.53 62.73 -2.63
N ASP B 247 3.64 61.91 -2.08
CA ASP B 247 3.48 60.54 -2.58
C ASP B 247 2.70 60.50 -3.90
N TYR B 248 2.57 59.29 -4.47
CA TYR B 248 2.06 59.17 -5.83
C TYR B 248 0.64 59.69 -5.92
N THR B 249 -0.14 59.48 -4.86
CA THR B 249 -1.52 59.92 -4.80
C THR B 249 -1.60 61.39 -5.17
N GLU B 250 -0.54 62.13 -4.87
CA GLU B 250 -0.52 63.59 -5.01
C GLU B 250 0.12 64.08 -6.31
N LEU B 251 0.38 63.17 -7.25
CA LEU B 251 1.15 63.50 -8.46
C LEU B 251 0.32 63.51 -9.73
N ALA B 252 0.72 64.34 -10.68
CA ALA B 252 -0.09 64.63 -11.88
C ALA B 252 -0.55 63.37 -12.61
N ASP B 253 0.40 62.61 -13.14
CA ASP B 253 0.07 61.45 -13.98
C ASP B 253 0.35 60.12 -13.29
N SER B 254 -0.03 60.02 -12.01
CA SER B 254 -0.12 58.72 -11.37
C SER B 254 -1.44 58.07 -11.76
N TRP B 255 -1.52 56.75 -11.65
CA TRP B 255 -2.80 56.05 -11.78
C TRP B 255 -3.21 55.50 -10.44
N ILE B 256 -4.31 56.02 -9.92
CA ILE B 256 -4.98 55.44 -8.76
C ILE B 256 -6.02 54.46 -9.26
N GLU B 257 -5.79 53.17 -8.99
CA GLU B 257 -6.69 52.12 -9.45
C GLU B 257 -7.24 51.36 -8.25
N ALA B 258 -8.49 50.93 -8.34
CA ALA B 258 -9.14 50.22 -7.23
C ALA B 258 -8.71 48.76 -7.19
N VAL B 259 -8.26 48.31 -6.02
CA VAL B 259 -7.76 46.94 -5.86
C VAL B 259 -8.32 46.29 -4.61
N ASP B 260 -8.47 44.97 -4.64
CA ASP B 260 -9.08 44.24 -3.54
C ASP B 260 -8.06 43.63 -2.59
N SER B 261 -6.77 43.78 -2.90
CA SER B 261 -5.71 43.43 -1.94
C SER B 261 -4.36 44.01 -2.37
N LYS B 262 -3.41 43.99 -1.44
CA LYS B 262 -2.06 44.47 -1.73
C LYS B 262 -1.46 43.63 -2.86
N ALA B 263 -1.68 42.33 -2.80
CA ALA B 263 -1.20 41.42 -3.82
C ALA B 263 -1.49 41.93 -5.24
N GLN B 264 -2.72 42.35 -5.49
CA GLN B 264 -3.12 42.76 -6.83
C GLN B 264 -2.37 43.99 -7.31
N CYS B 265 -1.99 44.83 -6.37
CA CYS B 265 -1.23 46.03 -6.69
C CYS B 265 0.17 45.62 -7.10
N TRP B 266 0.80 44.81 -6.27
CA TRP B 266 2.09 44.23 -6.57
C TRP B 266 2.20 43.66 -7.97
N VAL B 267 1.18 42.91 -8.40
CA VAL B 267 1.06 42.50 -9.80
C VAL B 267 1.00 43.69 -10.76
N LYS B 268 0.18 44.68 -10.45
CA LYS B 268 -0.01 45.82 -11.32
C LYS B 268 1.28 46.59 -11.65
N THR B 269 2.24 46.59 -10.72
CA THR B 269 3.51 47.28 -10.98
C THR B 269 4.26 46.62 -12.13
N PHE B 270 3.91 45.34 -12.36
CA PHE B 270 4.54 44.52 -13.38
C PHE B 270 3.68 44.43 -14.64
N THR B 271 2.36 44.47 -14.48
CA THR B 271 1.47 44.10 -15.57
C THR B 271 0.88 45.30 -16.28
N ASN B 272 1.00 46.48 -15.68
CA ASN B 272 0.33 47.64 -16.27
C ASN B 272 0.94 48.01 -17.62
N ASP B 273 0.09 48.45 -18.54
CA ASP B 273 0.50 48.92 -19.87
C ASP B 273 1.91 49.48 -19.92
N GLU B 274 2.18 50.45 -19.05
CA GLU B 274 3.35 51.29 -19.14
C GLU B 274 4.53 50.84 -18.27
N VAL B 275 4.52 49.59 -17.82
CA VAL B 275 5.70 49.03 -17.15
C VAL B 275 6.82 48.97 -18.16
N ALA B 276 8.06 49.12 -17.70
CA ALA B 276 9.19 49.17 -18.63
C ALA B 276 9.34 47.87 -19.40
N SER B 277 9.33 47.96 -20.72
CA SER B 277 9.46 46.78 -21.57
C SER B 277 10.27 47.10 -22.81
N ASP B 278 11.08 46.14 -23.25
CA ASP B 278 11.80 46.22 -24.50
C ASP B 278 11.04 45.45 -25.56
N GLN B 279 9.72 45.54 -25.53
CA GLN B 279 8.87 44.84 -26.49
C GLN B 279 7.61 45.65 -26.81
N PRO B 280 7.36 45.90 -28.11
CA PRO B 280 6.18 46.67 -28.57
C PRO B 280 4.84 46.16 -28.00
N HIS B 289 8.18 33.58 -37.42
CA HIS B 289 8.96 32.72 -36.53
C HIS B 289 8.90 31.26 -36.88
N SER B 290 10.06 30.66 -37.06
CA SER B 290 10.19 29.23 -37.35
C SER B 290 10.32 28.43 -36.05
N TRP B 291 10.29 27.09 -36.14
CA TRP B 291 10.09 26.24 -34.98
C TRP B 291 11.28 26.08 -34.07
N ASN B 292 12.47 25.96 -34.65
CA ASN B 292 13.65 25.66 -33.88
C ASN B 292 14.35 26.95 -33.51
N ASP B 293 13.53 27.99 -33.39
CA ASP B 293 13.92 29.38 -33.58
C ASP B 293 13.73 30.19 -32.28
N TRP B 294 14.70 30.16 -31.38
CA TRP B 294 14.43 30.44 -29.98
C TRP B 294 14.62 31.84 -29.46
N TRP B 295 15.33 32.69 -30.20
CA TRP B 295 15.56 34.05 -29.72
C TRP B 295 14.96 35.11 -30.60
N PRO B 296 14.57 36.26 -30.03
CA PRO B 296 14.09 37.38 -30.82
C PRO B 296 15.15 37.93 -31.79
N VAL B 297 14.75 38.14 -33.04
CA VAL B 297 15.63 38.73 -34.06
C VAL B 297 15.78 40.23 -33.83
N HIS B 298 16.89 40.82 -34.27
CA HIS B 298 17.11 42.25 -34.09
C HIS B 298 16.42 43.04 -35.15
N GLU B 299 15.69 44.08 -34.73
CA GLU B 299 15.21 45.14 -35.64
C GLU B 299 15.68 46.51 -35.13
N LYS B 300 15.91 47.43 -36.07
CA LYS B 300 16.71 48.65 -35.79
C LYS B 300 15.97 49.77 -35.08
N ASP B 301 14.75 49.50 -34.62
CA ASP B 301 13.85 50.51 -34.06
C ASP B 301 13.11 49.88 -32.90
N GLN B 302 13.71 48.83 -32.34
CA GLN B 302 13.20 48.09 -31.20
C GLN B 302 13.49 48.88 -29.95
N PRO B 303 12.51 48.99 -29.04
CA PRO B 303 12.64 49.71 -27.78
C PRO B 303 13.72 49.17 -26.82
N HIS B 304 14.42 50.10 -26.17
CA HIS B 304 15.25 49.81 -25.00
C HIS B 304 14.85 50.77 -23.89
N SER B 305 13.99 50.29 -23.00
CA SER B 305 13.64 51.04 -21.80
C SER B 305 14.87 51.51 -21.01
N GLY B 306 15.87 50.66 -20.88
CA GLY B 306 16.89 50.81 -19.84
C GLY B 306 16.32 50.96 -18.44
N GLY B 307 15.19 50.33 -18.17
CA GLY B 307 14.55 50.37 -16.85
C GLY B 307 13.48 51.44 -16.73
N ASP B 308 13.38 52.28 -17.74
CA ASP B 308 12.55 53.45 -17.69
C ASP B 308 11.09 53.05 -17.93
N GLY B 309 10.26 53.22 -16.90
CA GLY B 309 8.84 52.81 -16.98
C GLY B 309 8.02 53.03 -15.71
N ARG B 310 6.71 52.82 -15.83
CA ARG B 310 5.82 52.86 -14.71
C ARG B 310 5.99 51.57 -13.92
N ASN B 311 6.99 51.57 -13.04
CA ASN B 311 7.48 50.37 -12.38
C ASN B 311 7.14 50.34 -10.91
N TYR B 312 6.64 51.46 -10.41
CA TYR B 312 6.59 51.73 -8.98
C TYR B 312 5.17 51.96 -8.52
N GLY B 313 4.79 51.34 -7.43
CA GLY B 313 3.49 51.60 -6.84
C GLY B 313 3.47 51.36 -5.35
N PHE B 314 2.37 51.72 -4.71
CA PHE B 314 2.10 51.24 -3.38
C PHE B 314 0.61 50.92 -3.16
N PHE B 315 0.34 49.92 -2.35
CA PHE B 315 -1.01 49.67 -1.87
C PHE B 315 -1.30 50.55 -0.66
N TYR B 316 -2.54 51.03 -0.57
CA TYR B 316 -2.98 51.90 0.53
C TYR B 316 -4.50 51.96 0.60
N PHE B 317 -5.02 52.16 1.81
CA PHE B 317 -6.44 52.41 2.00
C PHE B 317 -6.66 53.93 1.99
N ASP B 318 -7.50 54.40 1.09
CA ASP B 318 -7.81 55.84 1.03
C ASP B 318 -8.52 56.35 2.28
N SER B 319 -8.80 57.66 2.32
CA SER B 319 -9.47 58.28 3.47
C SER B 319 -10.96 57.94 3.51
N ASN B 320 -11.29 56.79 2.94
CA ASN B 320 -12.66 56.47 2.59
C ASN B 320 -12.94 54.98 2.77
N GLY B 321 -11.95 54.27 3.31
CA GLY B 321 -12.07 52.84 3.58
C GLY B 321 -11.43 51.94 2.54
N LYS B 322 -11.55 52.32 1.26
CA LYS B 322 -11.19 51.45 0.13
C LYS B 322 -9.67 51.33 -0.13
N GLY B 323 -9.19 50.09 -0.28
CA GLY B 323 -7.82 49.83 -0.70
C GLY B 323 -7.58 50.14 -2.18
N LYS B 324 -6.51 50.88 -2.46
CA LYS B 324 -6.24 51.32 -3.83
C LYS B 324 -4.79 51.11 -4.26
N CYS B 325 -4.53 51.26 -5.55
CA CYS B 325 -3.18 51.11 -6.08
C CYS B 325 -2.80 52.35 -6.87
N ALA B 326 -1.79 53.08 -6.37
CA ALA B 326 -1.24 54.24 -7.07
C ALA B 326 0.03 53.84 -7.78
N LEU B 327 0.08 54.05 -9.09
CA LEU B 327 1.22 53.61 -9.91
C LEU B 327 1.90 54.78 -10.61
N SER B 328 3.23 54.77 -10.62
CA SER B 328 3.99 55.92 -11.09
C SER B 328 5.23 55.56 -11.92
N HIS B 329 5.46 56.38 -12.95
CA HIS B 329 6.71 56.39 -13.71
C HIS B 329 7.83 56.81 -12.82
N LYS B 330 7.53 57.55 -11.76
CA LYS B 330 8.53 58.31 -11.01
C LYS B 330 9.20 57.52 -9.87
N ALA B 331 10.50 57.28 -9.99
CA ALA B 331 11.23 56.56 -8.95
C ALA B 331 11.34 57.37 -7.68
N PRO B 332 11.12 56.73 -6.52
CA PRO B 332 11.13 57.48 -5.26
C PRO B 332 12.50 58.08 -4.97
N ASP B 333 12.48 59.36 -4.59
CA ASP B 333 13.62 59.99 -3.91
C ASP B 333 13.22 60.34 -2.47
N CYS B 334 12.03 59.90 -2.08
CA CYS B 334 11.55 60.09 -0.70
C CYS B 334 10.33 59.22 -0.34
N LEU B 335 10.04 59.12 0.96
CA LEU B 335 8.92 58.30 1.45
C LEU B 335 7.97 59.06 2.37
N VAL B 336 6.67 58.79 2.19
CA VAL B 336 5.65 59.12 3.19
C VAL B 336 5.45 57.85 4.01
N SER B 337 5.26 57.99 5.31
CA SER B 337 4.99 56.82 6.16
C SER B 337 3.50 56.52 6.34
N ASP B 338 3.16 55.24 6.41
CA ASP B 338 1.78 54.79 6.53
C ASP B 338 1.83 53.31 6.89
N SER B 339 1.52 53.00 8.14
CA SER B 339 1.68 51.64 8.67
C SER B 339 0.81 50.61 7.94
N LYS B 340 -0.22 51.09 7.25
CA LYS B 340 -1.13 50.22 6.54
C LYS B 340 -0.85 50.14 5.04
N ALA B 341 0.32 50.62 4.63
CA ALA B 341 0.64 50.73 3.22
C ALA B 341 1.89 49.95 2.87
N VAL B 342 1.90 49.35 1.68
CA VAL B 342 3.06 48.64 1.18
C VAL B 342 3.47 49.20 -0.17
N SER B 343 4.78 49.33 -0.38
CA SER B 343 5.29 49.85 -1.64
C SER B 343 5.98 48.78 -2.47
N TYR B 344 5.68 48.78 -3.77
CA TYR B 344 6.05 47.70 -4.67
C TYR B 344 6.70 48.20 -5.96
N THR B 345 7.53 47.36 -6.57
CA THR B 345 8.10 47.65 -7.87
C THR B 345 7.92 46.49 -8.80
N ALA B 346 8.12 46.73 -10.09
CA ALA B 346 7.97 45.68 -11.08
C ALA B 346 8.94 44.53 -10.86
N LEU B 347 10.05 44.80 -10.18
CA LEU B 347 11.08 43.78 -9.97
C LEU B 347 10.84 42.88 -8.77
N GLY B 348 10.36 43.46 -7.67
CA GLY B 348 10.46 42.83 -6.36
C GLY B 348 9.39 41.79 -6.07
N SER B 349 9.53 41.10 -4.94
CA SER B 349 8.54 40.11 -4.54
C SER B 349 7.45 40.79 -3.76
N LEU B 350 6.49 39.99 -3.32
CA LEU B 350 5.30 40.45 -2.63
C LEU B 350 5.57 40.46 -1.11
N SER B 351 6.44 39.55 -0.69
CA SER B 351 6.82 39.43 0.71
C SER B 351 7.74 40.57 1.12
N GLU B 352 7.44 41.20 2.26
CA GLU B 352 8.19 42.38 2.70
C GLU B 352 9.36 42.04 3.61
N GLU B 353 9.58 40.76 3.84
CA GLU B 353 10.67 40.31 4.69
C GLU B 353 11.64 39.51 3.83
N THR B 354 12.93 39.70 4.06
CA THR B 354 13.96 39.10 3.23
C THR B 354 13.88 37.58 3.22
N PRO B 355 13.58 36.98 2.06
CA PRO B 355 13.49 35.53 1.99
C PRO B 355 14.87 34.88 2.14
N ASP B 356 14.88 33.65 2.63
CA ASP B 356 16.11 32.93 2.99
C ASP B 356 17.09 32.77 1.81
N ILE B 357 16.54 32.58 0.61
CA ILE B 357 17.35 32.25 -0.57
C ILE B 357 18.27 33.41 -0.98
N ILE B 358 18.20 34.51 -0.26
CA ILE B 358 19.12 35.63 -0.45
C ILE B 358 19.78 36.04 0.86
N ILE B 359 19.69 35.16 1.85
CA ILE B 359 20.48 35.32 3.08
C ILE B 359 21.75 34.49 2.94
N PRO B 360 22.92 35.14 2.96
CA PRO B 360 24.18 34.53 2.51
C PRO B 360 24.53 33.22 3.21
N THR B 369 22.23 43.82 5.35
CA THR B 369 21.83 44.99 4.58
C THR B 369 20.54 45.63 5.15
N PRO B 370 19.66 46.17 4.29
CA PRO B 370 18.58 46.98 4.85
C PRO B 370 17.49 46.10 5.50
N ASP B 371 16.41 46.71 5.99
CA ASP B 371 16.13 48.14 5.82
C ASP B 371 16.71 48.99 6.94
N GLU B 372 17.99 48.75 7.24
CA GLU B 372 18.68 49.37 8.36
C GLU B 372 18.95 50.84 8.10
N ALA B 373 18.81 51.25 6.85
CA ALA B 373 18.96 52.66 6.51
C ALA B 373 17.78 53.48 7.03
N LEU B 374 16.68 52.80 7.38
CA LEU B 374 15.48 53.47 7.85
C LEU B 374 15.46 53.63 9.37
N GLN B 375 16.55 53.23 10.02
CA GLN B 375 16.64 53.28 11.46
C GLN B 375 17.15 54.63 11.94
N CYS B 376 16.32 55.30 12.72
CA CYS B 376 16.71 56.52 13.44
C CYS B 376 16.64 56.24 14.94
N ARG B 377 17.34 57.05 15.73
CA ARG B 377 17.04 57.19 17.14
C ARG B 377 16.58 58.63 17.42
N SER B 378 15.62 58.77 18.34
CA SER B 378 14.94 60.05 18.61
C SER B 378 15.85 61.10 19.26
N SER B 379 17.04 61.28 18.68
CA SER B 379 18.17 61.95 19.32
C SER B 379 19.32 61.85 18.32
N GLU B 380 20.04 62.94 18.11
CA GLU B 380 20.83 63.13 16.89
C GLU B 380 19.93 63.13 15.64
N PHE B 381 18.65 62.79 15.84
CA PHE B 381 17.67 62.83 14.77
C PHE B 381 16.35 63.45 15.25
N PRO B 382 16.29 64.80 15.26
CA PRO B 382 15.24 65.55 15.93
C PRO B 382 14.01 65.86 15.06
N GLU B 383 12.89 66.11 15.73
CA GLU B 383 11.61 66.40 15.08
C GLU B 383 11.70 67.69 14.26
N THR B 384 12.02 67.53 12.98
CA THR B 384 12.31 68.68 12.11
C THR B 384 11.11 69.06 11.23
N PHE B 385 10.95 70.34 10.93
CA PHE B 385 9.84 70.81 10.10
C PHE B 385 10.30 71.46 8.79
N GLY B 386 9.37 71.55 7.83
CA GLY B 386 9.66 72.18 6.54
C GLY B 386 8.83 73.42 6.31
N SER B 387 9.16 74.18 5.27
CA SER B 387 8.46 75.43 4.96
C SER B 387 7.11 75.16 4.30
N CYS B 388 6.14 76.03 4.56
CA CYS B 388 4.77 75.78 4.14
C CYS B 388 4.60 75.67 2.63
N ASP B 389 4.24 74.47 2.19
CA ASP B 389 3.87 74.20 0.81
C ASP B 389 2.56 74.90 0.46
N VAL B 390 2.67 76.09 -0.13
CA VAL B 390 1.54 77.00 -0.31
C VAL B 390 0.38 76.41 -1.14
N GLN B 391 0.73 75.62 -2.15
CA GLN B 391 -0.26 75.05 -3.07
C GLN B 391 -1.19 74.06 -2.38
N ALA B 392 -0.66 73.30 -1.43
CA ALA B 392 -1.40 72.24 -0.76
C ALA B 392 -1.78 72.64 0.67
N CYS B 393 -1.36 73.83 1.08
CA CYS B 393 -1.31 74.23 2.49
C CYS B 393 -0.92 73.12 3.47
N LYS B 394 0.22 72.49 3.19
CA LYS B 394 0.72 71.37 4.00
C LYS B 394 2.24 71.43 4.04
N ARG B 395 2.83 71.27 5.22
CA ARG B 395 4.29 71.16 5.32
C ARG B 395 4.78 69.76 5.68
N GLN B 396 6.03 69.47 5.35
CA GLN B 396 6.66 68.20 5.69
C GLN B 396 7.03 68.17 7.17
N LYS B 397 6.62 67.10 7.84
CA LYS B 397 7.10 66.81 9.19
C LYS B 397 7.84 65.47 9.26
N THR B 398 9.10 65.55 9.66
CA THR B 398 9.97 64.39 9.75
C THR B 398 10.40 64.22 11.20
N SER B 399 10.07 63.09 11.80
CA SER B 399 10.46 62.82 13.19
C SER B 399 10.88 61.37 13.37
N CYS B 400 11.27 61.00 14.59
CA CYS B 400 11.70 59.62 14.85
C CYS B 400 10.79 58.85 15.79
N VAL B 401 9.83 58.14 15.21
CA VAL B 401 8.84 57.43 16.01
C VAL B 401 9.19 55.95 16.17
N GLY B 402 9.77 55.63 17.34
CA GLY B 402 10.07 54.26 17.71
C GLY B 402 10.96 53.60 16.68
N GLY B 403 12.17 54.13 16.53
CA GLY B 403 13.22 53.46 15.78
C GLY B 403 13.23 53.78 14.30
N GLN B 404 12.05 53.98 13.72
CA GLN B 404 11.92 54.20 12.29
C GLN B 404 11.63 55.67 11.95
N ILE B 405 12.21 56.13 10.85
CA ILE B 405 11.89 57.44 10.29
C ILE B 405 10.39 57.54 9.99
N GLN B 406 9.75 58.57 10.55
CA GLN B 406 8.43 58.97 10.08
C GLN B 406 8.59 60.21 9.22
N SER B 407 7.97 60.17 8.04
CA SER B 407 7.84 61.34 7.21
C SER B 407 6.39 61.42 6.79
N THR B 408 5.64 62.29 7.48
CA THR B 408 4.25 62.55 7.13
C THR B 408 4.10 63.98 6.57
N SER B 409 2.89 64.29 6.11
CA SER B 409 2.50 65.68 5.87
C SER B 409 1.56 66.18 6.96
N VAL B 410 1.85 67.39 7.46
CA VAL B 410 1.08 68.01 8.54
C VAL B 410 0.49 69.35 8.11
N ASP B 411 -0.18 70.03 9.04
CA ASP B 411 -0.71 71.35 8.77
C ASP B 411 0.29 72.45 9.07
N CYS B 412 0.31 73.47 8.23
CA CYS B 412 1.13 74.66 8.44
C CYS B 412 0.66 75.42 9.68
N THR B 413 1.53 76.29 10.21
CA THR B 413 1.26 76.98 11.47
C THR B 413 0.22 78.10 11.34
N ALA B 414 -0.31 78.52 12.48
CA ALA B 414 -1.32 79.57 12.56
C ALA B 414 -1.14 80.66 11.50
N GLU B 415 0.08 81.18 11.42
CA GLU B 415 0.37 82.37 10.63
C GLU B 415 0.70 82.06 9.17
N GLU B 416 1.21 80.85 8.92
CA GLU B 416 1.61 80.45 7.58
C GLU B 416 0.42 80.34 6.63
N GLN B 417 -0.72 79.89 7.16
CA GLN B 417 -1.90 79.61 6.35
C GLN B 417 -2.50 80.85 5.69
N ASN B 418 -2.11 82.04 6.16
CA ASN B 418 -2.57 83.30 5.59
C ASN B 418 -2.23 83.44 4.10
N ASP B 419 -1.08 82.89 3.72
CA ASP B 419 -0.54 83.04 2.37
C ASP B 419 -0.99 81.90 1.47
N CYS B 420 -1.59 80.88 2.08
CA CYS B 420 -1.98 79.65 1.37
C CYS B 420 -3.01 79.94 0.28
N GLN C 11 -26.03 -7.17 -11.70
CA GLN C 11 -24.78 -7.45 -10.94
C GLN C 11 -24.08 -6.19 -10.43
N ASN C 12 -24.07 -5.15 -11.26
CA ASN C 12 -23.56 -3.81 -10.89
C ASN C 12 -24.33 -3.19 -9.71
N PRO C 13 -23.64 -3.00 -8.58
CA PRO C 13 -24.31 -2.65 -7.33
C PRO C 13 -24.87 -1.24 -7.31
N PHE C 14 -24.48 -0.41 -8.28
CA PHE C 14 -24.91 0.98 -8.34
C PHE C 14 -26.15 1.14 -9.20
N GLN C 15 -26.86 0.05 -9.44
CA GLN C 15 -28.00 0.07 -10.34
C GLN C 15 -29.31 0.03 -9.55
N THR C 16 -29.15 -0.15 -8.23
CA THR C 16 -30.14 0.19 -7.22
C THR C 16 -30.87 1.50 -7.53
N PRO C 17 -32.21 1.49 -7.46
CA PRO C 17 -33.00 2.71 -7.60
C PRO C 17 -32.28 3.89 -6.97
N GLU C 18 -31.84 3.67 -5.73
CA GLU C 18 -31.35 4.71 -4.85
C GLU C 18 -29.98 5.24 -5.27
N LEU C 19 -29.07 4.32 -5.63
CA LEU C 19 -27.74 4.71 -6.08
C LEU C 19 -27.73 5.21 -7.52
N LYS C 20 -28.58 4.65 -8.37
CA LYS C 20 -28.73 5.16 -9.74
C LYS C 20 -29.15 6.63 -9.75
N ALA C 21 -30.06 7.00 -8.84
CA ALA C 21 -30.47 8.40 -8.74
C ALA C 21 -29.29 9.24 -8.31
N PHE C 22 -28.47 8.69 -7.40
CA PHE C 22 -27.31 9.40 -6.90
C PHE C 22 -26.28 9.67 -8.00
N LEU C 23 -26.13 8.71 -8.92
CA LEU C 23 -25.10 8.80 -9.93
C LEU C 23 -25.54 9.61 -11.13
N GLU C 24 -26.85 9.69 -11.35
CA GLU C 24 -27.40 10.33 -12.54
C GLU C 24 -27.20 11.82 -12.42
N ARG C 25 -27.16 12.25 -11.17
CA ARG C 25 -27.11 13.64 -10.84
C ARG C 25 -25.78 14.24 -11.30
N TYR C 26 -24.82 13.36 -11.60
CA TYR C 26 -23.55 13.73 -12.25
C TYR C 26 -23.62 13.88 -13.76
N ASN C 27 -24.55 13.18 -14.41
CA ASN C 27 -24.73 13.28 -15.87
C ASN C 27 -25.23 14.65 -16.33
N VAL C 28 -24.34 15.41 -16.97
CA VAL C 28 -24.65 16.79 -17.39
C VAL C 28 -25.79 16.74 -18.40
N THR C 29 -25.77 15.65 -19.17
CA THR C 29 -26.73 15.41 -20.21
C THR C 29 -28.16 15.28 -19.72
N LEU C 30 -28.34 14.58 -18.60
CA LEU C 30 -29.66 14.30 -18.04
C LEU C 30 -30.41 15.53 -17.52
N HIS C 31 -29.86 16.23 -16.51
CA HIS C 31 -30.54 17.35 -15.86
CA HIS C 31 -30.58 17.36 -15.93
C HIS C 31 -30.19 18.71 -16.45
N HIS C 32 -28.88 18.96 -16.59
CA HIS C 32 -28.38 20.26 -17.00
C HIS C 32 -28.80 20.58 -18.40
N GLN C 33 -28.43 19.70 -19.34
CA GLN C 33 -28.94 19.74 -20.73
C GLN C 33 -28.45 20.91 -21.57
N SER C 34 -27.25 21.41 -21.31
CA SER C 34 -26.66 22.45 -22.17
C SER C 34 -25.15 22.55 -21.95
N GLY C 35 -24.46 23.20 -22.87
CA GLY C 35 -23.04 23.49 -22.68
C GLY C 35 -22.77 24.00 -21.26
N VAL C 36 -21.58 23.73 -20.74
CA VAL C 36 -21.17 24.36 -19.47
C VAL C 36 -20.04 25.37 -19.56
N ASN C 37 -19.06 25.12 -20.41
CA ASN C 37 -18.06 26.16 -20.66
C ASN C 37 -18.68 27.37 -21.35
N VAL C 38 -19.26 27.16 -22.53
CA VAL C 38 -20.23 28.12 -23.05
C VAL C 38 -21.62 27.52 -23.12
N ASP C 39 -22.59 28.26 -22.58
CA ASP C 39 -23.96 27.77 -22.46
C ASP C 39 -24.91 28.60 -23.32
N LEU C 40 -25.41 28.00 -24.39
CA LEU C 40 -26.23 28.75 -25.35
C LEU C 40 -27.29 27.86 -25.99
N GLY C 41 -27.94 27.03 -25.16
CA GLY C 41 -28.74 25.93 -25.67
C GLY C 41 -30.16 26.31 -26.05
N GLN C 42 -30.44 27.61 -26.06
CA GLN C 42 -31.76 28.07 -26.47
C GLN C 42 -31.65 29.24 -27.42
N ASP C 43 -32.78 29.58 -28.04
CA ASP C 43 -32.91 30.67 -28.98
C ASP C 43 -34.21 31.39 -28.66
N LYS C 44 -34.19 32.71 -28.55
CA LYS C 44 -35.41 33.46 -28.26
C LYS C 44 -35.62 34.61 -29.23
N GLU C 45 -36.87 34.90 -29.57
CA GLU C 45 -37.21 36.04 -30.42
C GLU C 45 -37.20 37.35 -29.62
N VAL C 46 -36.43 38.32 -30.11
CA VAL C 46 -36.48 39.68 -29.60
C VAL C 46 -36.31 40.64 -30.76
N ASP C 47 -37.32 41.50 -30.95
CA ASP C 47 -37.33 42.46 -32.06
C ASP C 47 -37.18 41.82 -33.44
N GLY C 48 -37.76 40.63 -33.63
CA GLY C 48 -37.74 39.95 -34.93
C GLY C 48 -36.44 39.27 -35.27
N LYS C 49 -35.39 39.54 -34.51
CA LYS C 49 -34.17 38.74 -34.60
C LYS C 49 -34.16 37.61 -33.59
N LEU C 50 -33.31 36.63 -33.83
CA LEU C 50 -33.24 35.42 -33.02
C LEU C 50 -31.88 35.36 -32.30
N TYR C 51 -31.92 35.34 -30.98
CA TYR C 51 -30.71 35.46 -30.18
C TYR C 51 -30.46 34.18 -29.42
N ARG C 52 -29.19 33.92 -29.08
CA ARG C 52 -28.81 32.73 -28.33
C ARG C 52 -28.98 32.95 -26.83
N GLU C 53 -29.44 31.93 -26.14
CA GLU C 53 -29.78 32.06 -24.74
C GLU C 53 -29.21 30.91 -23.88
N ALA C 54 -28.61 31.30 -22.76
CA ALA C 54 -28.19 30.36 -21.73
C ALA C 54 -29.40 29.63 -21.15
N ALA C 55 -29.27 28.32 -21.00
CA ALA C 55 -30.42 27.45 -20.81
C ALA C 55 -30.19 26.40 -19.73
N GLY C 56 -28.93 26.17 -19.38
CA GLY C 56 -28.55 25.05 -18.52
C GLY C 56 -29.21 25.08 -17.15
N LEU C 57 -29.67 23.92 -16.72
CA LEU C 57 -30.42 23.84 -15.48
C LEU C 57 -29.55 23.83 -14.24
N CYS C 58 -28.26 23.54 -14.37
CA CYS C 58 -27.39 23.41 -13.20
C CYS C 58 -26.48 24.62 -13.03
N PRO C 59 -26.31 25.10 -11.78
CA PRO C 59 -25.35 26.19 -11.57
C PRO C 59 -23.92 25.66 -11.75
N VAL C 60 -23.04 26.50 -12.30
CA VAL C 60 -21.65 26.10 -12.48
C VAL C 60 -20.72 26.91 -11.59
N TRP C 61 -20.16 26.21 -10.62
CA TRP C 61 -19.43 26.81 -9.50
C TRP C 61 -18.07 27.32 -9.91
N GLY C 62 -17.79 28.57 -9.56
CA GLY C 62 -16.46 29.13 -9.76
C GLY C 62 -16.19 29.58 -11.18
N LYS C 63 -17.19 29.48 -12.04
CA LYS C 63 -17.06 29.96 -13.41
C LYS C 63 -17.17 31.48 -13.44
N TYR C 64 -16.21 32.11 -14.10
CA TYR C 64 -16.28 33.54 -14.42
C TYR C 64 -15.82 33.76 -15.85
N ILE C 65 -16.27 34.85 -16.45
CA ILE C 65 -15.75 35.27 -17.73
C ILE C 65 -14.56 36.16 -17.48
N GLN C 66 -13.40 35.74 -17.97
CA GLN C 66 -12.25 36.60 -17.91
C GLN C 66 -12.05 37.46 -19.15
N LEU C 67 -11.77 38.74 -18.89
CA LEU C 67 -11.73 39.77 -19.91
C LEU C 67 -10.28 40.03 -20.32
N HIS C 68 -10.10 40.75 -21.42
CA HIS C 68 -8.76 41.07 -21.88
C HIS C 68 -8.66 42.48 -22.32
N GLN C 69 -9.14 43.37 -21.45
CA GLN C 69 -9.03 44.81 -21.64
C GLN C 69 -7.56 45.22 -21.55
N PRO C 70 -7.22 46.42 -22.06
CA PRO C 70 -5.90 46.96 -21.83
C PRO C 70 -5.68 47.09 -20.33
N ASN C 71 -4.44 46.98 -19.89
CA ASN C 71 -4.12 47.16 -18.49
C ASN C 71 -3.77 48.60 -18.19
N ARG C 72 -4.81 49.43 -18.11
CA ARG C 72 -4.68 50.85 -17.76
C ARG C 72 -6.06 51.41 -17.52
N PRO C 73 -6.14 52.57 -16.83
CA PRO C 73 -7.42 53.26 -16.72
C PRO C 73 -8.08 53.50 -18.08
N PRO C 74 -9.42 53.42 -18.14
CA PRO C 74 -10.34 53.11 -17.05
C PRO C 74 -10.68 51.62 -16.89
N TYR C 75 -9.96 50.76 -17.59
CA TYR C 75 -10.29 49.33 -17.63
C TYR C 75 -9.92 48.61 -16.34
N LYS C 76 -10.91 47.92 -15.76
CA LYS C 76 -10.73 47.23 -14.50
C LYS C 76 -10.69 45.70 -14.67
N ASN C 77 -10.86 45.23 -15.91
CA ASN C 77 -10.83 43.79 -16.23
C ASN C 77 -11.65 42.86 -15.32
N ASN C 78 -12.86 43.29 -14.96
CA ASN C 78 -13.77 42.51 -14.14
C ASN C 78 -15.09 42.45 -14.89
N PHE C 79 -15.67 41.26 -15.08
CA PHE C 79 -16.93 41.16 -15.83
C PHE C 79 -18.19 41.57 -15.07
N LEU C 80 -18.04 41.92 -13.80
CA LEU C 80 -19.18 42.24 -12.97
C LEU C 80 -19.37 43.76 -12.85
N GLU C 81 -18.48 44.50 -13.50
CA GLU C 81 -18.70 45.92 -13.72
C GLU C 81 -19.95 46.15 -14.59
N ASP C 82 -20.64 47.27 -14.37
CA ASP C 82 -21.77 47.60 -15.24
C ASP C 82 -21.27 47.68 -16.67
N ILE C 83 -22.14 47.34 -17.61
CA ILE C 83 -21.87 47.64 -19.01
C ILE C 83 -21.60 49.14 -19.17
N PRO C 84 -20.82 49.50 -20.19
CA PRO C 84 -20.46 50.87 -20.48
C PRO C 84 -21.65 51.76 -20.86
N THR C 85 -21.62 53.01 -20.40
CA THR C 85 -22.51 54.07 -20.89
C THR C 85 -22.03 54.54 -22.25
N GLU C 86 -22.96 54.96 -23.11
CA GLU C 86 -22.63 55.75 -24.29
C GLU C 86 -21.55 56.78 -23.95
N ALA C 87 -21.82 57.57 -22.92
CA ALA C 87 -20.88 58.59 -22.43
C ALA C 87 -19.50 58.05 -22.05
N GLU C 88 -19.47 57.00 -21.24
CA GLU C 88 -18.19 56.47 -20.73
C GLU C 88 -17.38 55.88 -21.87
N TYR C 89 -18.09 55.41 -22.90
CA TYR C 89 -17.46 54.78 -24.05
C TYR C 89 -16.75 55.80 -24.94
N GLN C 90 -17.43 56.91 -25.26
CA GLN C 90 -16.82 57.99 -26.03
C GLN C 90 -15.61 58.56 -25.30
N LYS C 91 -15.73 58.66 -23.97
CA LYS C 91 -14.64 59.18 -23.14
C LYS C 91 -13.36 58.36 -23.21
N SER C 92 -13.49 57.06 -23.46
CA SER C 92 -12.38 56.12 -23.35
C SER C 92 -11.78 55.71 -24.69
N GLY C 93 -12.60 55.72 -25.73
CA GLY C 93 -12.22 55.12 -27.00
C GLY C 93 -12.40 53.62 -26.94
N ASN C 94 -11.88 52.91 -27.94
CA ASN C 94 -11.90 51.46 -27.91
C ASN C 94 -10.74 50.90 -27.09
N PRO C 95 -10.92 49.73 -26.47
CA PRO C 95 -12.15 48.94 -26.53
C PRO C 95 -13.21 49.41 -25.50
N LEU C 96 -14.42 48.87 -25.66
CA LEU C 96 -15.45 48.98 -24.63
C LEU C 96 -14.82 48.90 -23.25
N PRO C 97 -15.14 49.86 -22.37
CA PRO C 97 -14.77 49.76 -20.96
C PRO C 97 -15.80 48.95 -20.16
N GLY C 98 -15.72 48.95 -18.84
CA GLY C 98 -16.73 48.28 -18.00
C GLY C 98 -16.72 46.77 -18.03
N GLY C 99 -17.89 46.16 -18.12
CA GLY C 99 -18.04 44.72 -17.95
C GLY C 99 -19.34 44.18 -18.52
N PHE C 100 -19.87 43.14 -17.88
CA PHE C 100 -21.00 42.39 -18.44
C PHE C 100 -22.30 42.70 -17.70
N ASN C 101 -22.17 43.24 -16.48
CA ASN C 101 -23.32 43.43 -15.59
C ASN C 101 -24.37 44.43 -16.10
N MET C 102 -25.63 44.18 -15.74
CA MET C 102 -26.78 45.00 -16.18
C MET C 102 -27.00 46.23 -15.31
N ASN C 103 -27.03 47.39 -15.96
CA ASN C 103 -27.21 48.67 -15.27
C ASN C 103 -28.54 49.34 -15.56
N PHE C 104 -29.47 48.59 -16.14
CA PHE C 104 -30.82 49.11 -16.37
C PHE C 104 -31.48 49.40 -15.03
N VAL C 105 -32.34 50.41 -14.99
CA VAL C 105 -33.25 50.59 -13.85
C VAL C 105 -34.72 50.25 -14.13
N THR C 106 -35.38 49.72 -13.10
CA THR C 106 -36.83 49.67 -12.99
C THR C 106 -37.52 50.97 -13.38
N PRO C 107 -38.74 50.89 -13.95
CA PRO C 107 -39.56 52.08 -14.15
C PRO C 107 -39.77 52.90 -12.88
N ALA C 108 -39.62 52.28 -11.72
CA ALA C 108 -39.65 53.02 -10.46
C ALA C 108 -38.32 53.67 -10.09
N GLY C 109 -37.32 53.49 -10.94
CA GLY C 109 -36.00 54.07 -10.70
C GLY C 109 -35.09 53.12 -9.94
N GLN C 110 -35.58 51.90 -9.70
CA GLN C 110 -34.82 50.89 -8.95
C GLN C 110 -33.65 50.35 -9.75
N ARG C 111 -32.52 50.23 -9.07
CA ARG C 111 -31.34 49.58 -9.62
C ARG C 111 -31.50 48.06 -9.60
N ILE C 112 -31.47 47.43 -10.79
CA ILE C 112 -31.73 45.99 -10.91
C ILE C 112 -30.58 45.06 -10.43
N SER C 113 -29.37 45.30 -10.92
CA SER C 113 -28.26 44.38 -10.66
C SER C 113 -26.97 45.15 -10.41
N PRO C 114 -26.26 44.84 -9.31
CA PRO C 114 -26.49 43.73 -8.38
C PRO C 114 -27.56 44.00 -7.33
N TYR C 115 -28.32 42.96 -6.98
CA TYR C 115 -29.36 43.04 -5.97
C TYR C 115 -28.90 42.22 -4.78
N PRO C 116 -28.95 42.80 -3.56
CA PRO C 116 -28.43 42.11 -2.37
C PRO C 116 -29.35 41.01 -1.85
N MET C 117 -28.74 39.91 -1.38
CA MET C 117 -29.50 38.79 -0.85
C MET C 117 -30.41 39.26 0.27
N GLU C 118 -29.92 40.22 1.04
CA GLU C 118 -30.68 40.85 2.12
C GLU C 118 -32.12 41.10 1.70
N LEU C 119 -32.30 41.92 0.67
CA LEU C 119 -33.62 42.25 0.12
C LEU C 119 -34.32 41.07 -0.55
N LEU C 120 -33.58 40.01 -0.87
CA LEU C 120 -34.16 38.87 -1.55
C LEU C 120 -34.83 37.92 -0.56
N GLU C 121 -34.27 37.84 0.65
CA GLU C 121 -34.87 37.04 1.71
C GLU C 121 -35.79 37.90 2.56
N LYS C 122 -36.43 38.87 1.91
CA LYS C 122 -37.48 39.67 2.54
C LYS C 122 -38.66 39.76 1.59
N SER C 123 -38.58 39.02 0.49
CA SER C 123 -39.49 39.21 -0.61
C SER C 123 -40.40 38.00 -0.72
N SER C 124 -41.70 38.23 -0.56
CA SER C 124 -42.70 37.16 -0.63
C SER C 124 -42.56 36.42 -1.97
N LYS C 125 -42.23 37.17 -3.00
CA LYS C 125 -42.24 36.66 -4.37
C LYS C 125 -41.05 35.74 -4.65
N ILE C 126 -40.10 35.72 -3.72
CA ILE C 126 -38.93 34.83 -3.79
C ILE C 126 -39.12 33.65 -2.82
N LYS C 127 -39.32 32.47 -3.39
CA LYS C 127 -39.81 31.31 -2.64
C LYS C 127 -38.69 30.34 -2.28
N ALA C 128 -37.58 30.42 -3.00
CA ALA C 128 -36.55 29.37 -2.96
C ALA C 128 -36.05 29.09 -1.54
N SER C 129 -35.62 27.86 -1.28
CA SER C 129 -35.23 27.45 0.07
C SER C 129 -33.75 27.69 0.41
N THR C 130 -32.93 27.98 -0.60
CA THR C 130 -31.53 28.25 -0.35
C THR C 130 -31.21 29.59 -0.93
N GLU C 131 -30.11 30.19 -0.48
CA GLU C 131 -29.83 31.55 -0.88
C GLU C 131 -29.26 31.62 -2.30
N LEU C 132 -28.65 30.53 -2.75
CA LEU C 132 -28.32 30.40 -4.15
C LEU C 132 -29.62 30.29 -4.92
N GLY C 133 -30.50 29.42 -4.45
CA GLY C 133 -31.83 29.28 -5.02
C GLY C 133 -32.48 30.64 -5.23
N LYS C 134 -32.53 31.43 -4.16
CA LYS C 134 -33.11 32.75 -4.23
C LYS C 134 -32.55 33.59 -5.38
N CYS C 135 -31.25 33.45 -5.62
CA CYS C 135 -30.57 34.20 -6.67
C CYS C 135 -30.92 33.66 -8.06
N ALA C 136 -31.02 32.34 -8.17
CA ALA C 136 -31.51 31.75 -9.41
C ALA C 136 -32.94 32.22 -9.70
N GLU C 137 -33.77 32.29 -8.66
CA GLU C 137 -35.14 32.75 -8.82
C GLU C 137 -35.19 34.19 -9.33
N PHE C 138 -34.43 35.06 -8.70
CA PHE C 138 -34.36 36.47 -9.09
C PHE C 138 -34.15 36.58 -10.59
N ALA C 139 -33.12 35.87 -11.09
CA ALA C 139 -32.77 35.89 -12.50
C ALA C 139 -33.88 35.33 -13.41
N TYR C 140 -34.55 34.27 -12.95
CA TYR C 140 -35.59 33.65 -13.75
C TYR C 140 -36.81 34.56 -13.95
N LYS C 141 -37.14 35.32 -12.91
CA LYS C 141 -38.24 36.29 -12.95
C LYS C 141 -37.83 37.61 -13.57
N THR C 142 -36.65 37.63 -14.16
CA THR C 142 -36.16 38.82 -14.84
C THR C 142 -35.99 38.58 -16.33
N THR C 143 -36.99 39.02 -17.09
CA THR C 143 -37.00 38.93 -18.55
C THR C 143 -36.53 40.24 -19.19
N ALA C 144 -36.05 40.17 -20.43
CA ALA C 144 -35.53 41.35 -21.12
C ALA C 144 -36.64 42.18 -21.76
N MET C 145 -36.49 43.50 -21.78
CA MET C 145 -37.44 44.37 -22.46
C MET C 145 -36.99 44.67 -23.89
N ASP C 146 -37.90 44.52 -24.84
CA ASP C 146 -37.56 44.76 -26.24
C ASP C 146 -37.37 46.26 -26.56
N LYS C 147 -37.15 46.57 -27.83
CA LYS C 147 -36.84 47.96 -28.23
C LYS C 147 -37.99 48.92 -27.98
N SER C 148 -39.22 48.41 -28.02
CA SER C 148 -40.38 49.23 -27.68
C SER C 148 -40.97 48.90 -26.29
N ASN C 149 -40.07 48.68 -25.33
CA ASN C 149 -40.45 48.49 -23.93
C ASN C 149 -41.49 47.40 -23.68
N GLN C 150 -41.44 46.34 -24.50
CA GLN C 150 -42.36 45.22 -24.36
C GLN C 150 -41.65 44.07 -23.64
N ALA C 151 -42.41 43.32 -22.84
CA ALA C 151 -41.85 42.19 -22.08
C ALA C 151 -41.48 41.05 -23.02
N THR C 152 -40.36 40.39 -22.76
CA THR C 152 -39.84 39.35 -23.66
C THR C 152 -39.78 37.98 -22.99
N GLN C 153 -39.41 36.98 -23.78
CA GLN C 153 -39.13 35.65 -23.24
C GLN C 153 -37.64 35.37 -23.05
N TYR C 154 -36.80 36.34 -23.43
CA TYR C 154 -35.35 36.22 -23.27
C TYR C 154 -34.96 36.41 -21.82
N ARG C 155 -34.08 35.52 -21.33
CA ARG C 155 -33.61 35.57 -19.96
C ARG C 155 -32.10 35.65 -19.88
N TYR C 156 -31.62 36.55 -19.02
CA TYR C 156 -30.19 36.78 -18.85
C TYR C 156 -29.60 35.71 -17.95
N PRO C 157 -28.27 35.48 -18.05
CA PRO C 157 -27.58 34.62 -17.08
C PRO C 157 -27.28 35.41 -15.83
N PHE C 158 -27.19 34.74 -14.69
CA PHE C 158 -26.84 35.41 -13.44
C PHE C 158 -25.46 34.98 -12.89
N VAL C 159 -24.87 35.83 -12.05
CA VAL C 159 -23.77 35.40 -11.19
C VAL C 159 -24.09 35.70 -9.75
N TYR C 160 -24.07 34.68 -8.90
CA TYR C 160 -24.07 34.90 -7.47
C TYR C 160 -22.67 35.02 -6.93
N ASP C 161 -22.41 36.09 -6.19
CA ASP C 161 -21.16 36.29 -5.48
C ASP C 161 -21.42 36.04 -4.00
N SER C 162 -21.07 34.85 -3.53
CA SER C 162 -21.50 34.41 -2.21
C SER C 162 -20.78 35.09 -1.06
N LYS C 163 -19.73 35.84 -1.35
CA LYS C 163 -18.97 36.56 -0.33
C LYS C 163 -19.62 37.93 -0.06
N ARG C 164 -19.45 38.83 -1.02
CA ARG C 164 -20.10 40.14 -1.08
C ARG C 164 -21.64 40.07 -0.92
N ARG C 165 -22.19 38.87 -1.07
CA ARG C 165 -23.63 38.60 -0.98
C ARG C 165 -24.46 39.39 -1.99
N LEU C 166 -24.13 39.22 -3.26
CA LEU C 166 -24.77 39.96 -4.34
C LEU C 166 -25.16 39.04 -5.48
N CYS C 167 -26.29 39.37 -6.10
CA CYS C 167 -26.86 38.54 -7.15
C CYS C 167 -26.83 39.36 -8.44
N TYR C 168 -26.04 38.90 -9.41
CA TYR C 168 -25.70 39.71 -10.59
C TYR C 168 -26.49 39.23 -11.80
N ILE C 169 -27.00 40.18 -12.57
CA ILE C 169 -27.74 39.84 -13.79
C ILE C 169 -26.96 40.35 -14.98
N LEU C 170 -26.58 39.46 -15.89
CA LEU C 170 -25.61 39.83 -16.91
C LEU C 170 -26.26 40.24 -18.22
N SER C 171 -26.35 41.55 -18.46
CA SER C 171 -26.82 42.06 -19.75
C SER C 171 -26.13 41.42 -20.96
N VAL C 172 -24.80 41.35 -20.94
CA VAL C 172 -24.03 40.64 -21.96
C VAL C 172 -24.15 39.15 -21.66
N SER C 173 -24.38 38.35 -22.68
CA SER C 173 -24.54 36.92 -22.48
C SER C 173 -23.62 36.09 -23.37
N MET C 174 -22.84 36.78 -24.20
CA MET C 174 -21.68 36.18 -24.83
C MET C 174 -20.74 35.70 -23.73
N GLN C 175 -20.05 34.60 -23.97
CA GLN C 175 -19.17 34.03 -22.96
C GLN C 175 -17.82 33.73 -23.54
N ARG C 176 -17.73 33.77 -24.87
CA ARG C 176 -16.47 33.61 -25.56
C ARG C 176 -16.38 34.51 -26.79
N MET C 177 -15.33 35.32 -26.82
CA MET C 177 -14.96 36.12 -27.98
C MET C 177 -13.45 36.04 -28.16
N GLU C 178 -13.03 35.38 -29.23
CA GLU C 178 -11.60 35.20 -29.51
C GLU C 178 -11.30 35.64 -30.94
N GLY C 179 -10.03 35.97 -31.20
CA GLY C 179 -9.55 36.18 -32.57
C GLY C 179 -9.29 37.63 -32.96
N SER C 180 -8.01 37.95 -33.13
CA SER C 180 -7.52 39.31 -33.41
C SER C 180 -8.29 40.04 -34.49
N LYS C 181 -9.07 39.30 -35.28
CA LYS C 181 -9.92 39.92 -36.28
C LYS C 181 -11.17 40.50 -35.62
N TYR C 182 -11.50 40.01 -34.43
CA TYR C 182 -12.82 40.26 -33.84
C TYR C 182 -12.77 41.03 -32.53
N CYS C 183 -11.69 40.80 -31.76
CA CYS C 183 -11.53 41.46 -30.46
C CYS C 183 -10.06 41.70 -30.14
N SER C 184 -9.81 42.78 -29.40
CA SER C 184 -8.46 43.12 -28.97
C SER C 184 -8.16 42.38 -27.67
N THR C 185 -7.05 41.66 -27.64
CA THR C 185 -6.62 41.08 -26.39
C THR C 185 -5.48 41.92 -25.80
N ASN C 186 -5.74 42.52 -24.65
CA ASN C 186 -4.92 43.63 -24.16
C ASN C 186 -4.54 44.67 -25.23
N ASP C 187 -5.54 45.40 -25.74
CA ASP C 187 -5.32 46.51 -26.68
C ASP C 187 -4.55 46.19 -27.97
N ASP C 188 -4.52 44.91 -28.37
CA ASP C 188 -3.83 44.51 -29.58
C ASP C 188 -4.71 43.60 -30.45
N PRO C 189 -5.22 44.10 -31.60
CA PRO C 189 -5.05 45.41 -32.26
C PRO C 189 -5.70 46.57 -31.53
N VAL C 190 -5.49 47.79 -32.05
CA VAL C 190 -5.69 49.01 -31.26
C VAL C 190 -7.12 49.54 -31.31
N ASN C 191 -7.68 49.63 -32.51
CA ASN C 191 -8.94 50.34 -32.69
C ASN C 191 -10.14 49.39 -32.76
N LEU C 192 -10.11 48.35 -31.92
CA LEU C 192 -11.18 47.37 -31.93
C LEU C 192 -12.20 47.65 -30.83
N THR C 193 -13.49 47.52 -31.17
CA THR C 193 -14.58 47.86 -30.27
C THR C 193 -14.64 46.88 -29.11
N TRP C 194 -14.44 45.60 -29.40
CA TRP C 194 -14.51 44.57 -28.39
C TRP C 194 -13.20 44.02 -27.91
N TYR C 195 -13.04 43.95 -26.59
CA TYR C 195 -11.93 43.24 -25.98
C TYR C 195 -12.23 41.74 -25.95
N CYS C 196 -11.18 40.92 -25.90
CA CYS C 196 -11.39 39.46 -25.86
C CYS C 196 -11.77 38.96 -24.48
N PHE C 197 -12.36 37.77 -24.42
CA PHE C 197 -12.84 37.20 -23.16
C PHE C 197 -13.24 35.76 -23.31
N GLU C 198 -13.10 35.00 -22.22
CA GLU C 198 -13.45 33.58 -22.21
C GLU C 198 -13.71 33.13 -20.78
N PRO C 199 -14.58 32.11 -20.64
CA PRO C 199 -14.90 31.58 -19.34
C PRO C 199 -13.69 30.90 -18.76
N GLN C 200 -13.67 30.78 -17.45
CA GLN C 200 -12.56 30.17 -16.78
C GLN C 200 -13.05 29.63 -15.42
N LYS C 201 -12.29 28.70 -14.87
CA LYS C 201 -12.26 28.49 -13.43
C LYS C 201 -10.81 28.61 -12.98
N SER C 202 -10.61 28.77 -11.68
CA SER C 202 -9.29 29.06 -11.17
C SER C 202 -9.02 28.20 -9.96
N PRO C 203 -7.76 27.82 -9.75
CA PRO C 203 -7.45 26.94 -8.63
C PRO C 203 -7.64 27.66 -7.32
N THR C 204 -7.52 28.98 -7.35
CA THR C 204 -7.39 29.77 -6.14
C THR C 204 -8.42 30.91 -6.05
N ALA C 205 -8.83 31.42 -7.21
CA ALA C 205 -9.72 32.59 -7.25
C ALA C 205 -11.18 32.29 -7.63
N ASN C 206 -12.09 33.15 -7.15
CA ASN C 206 -13.46 33.23 -7.65
C ASN C 206 -14.30 32.01 -7.33
N HIS C 207 -13.92 31.25 -6.31
CA HIS C 207 -14.75 30.13 -5.88
C HIS C 207 -16.03 30.67 -5.34
N ASN C 208 -16.04 31.94 -4.96
CA ASN C 208 -17.25 32.57 -4.46
C ASN C 208 -18.18 33.07 -5.56
N LEU C 209 -17.77 32.89 -6.82
CA LEU C 209 -18.61 33.25 -7.95
C LEU C 209 -19.32 32.00 -8.45
N ILE C 210 -20.62 32.13 -8.74
CA ILE C 210 -21.43 31.03 -9.28
C ILE C 210 -22.26 31.50 -10.46
N PHE C 211 -22.08 30.82 -11.59
CA PHE C 211 -22.63 31.26 -12.88
C PHE C 211 -23.72 30.27 -13.29
N GLY C 212 -24.84 30.78 -13.80
CA GLY C 212 -25.85 29.92 -14.40
C GLY C 212 -26.87 30.65 -15.24
N SER C 213 -27.49 29.95 -16.19
CA SER C 213 -28.63 30.50 -16.93
C SER C 213 -29.78 30.73 -15.96
N ALA C 214 -30.63 31.70 -16.26
CA ALA C 214 -31.76 32.02 -15.38
C ALA C 214 -32.61 30.79 -15.07
N TYR C 215 -32.51 29.75 -15.92
CA TYR C 215 -33.43 28.62 -15.83
C TYR C 215 -33.15 27.67 -14.68
N VAL C 216 -32.05 27.94 -13.96
CA VAL C 216 -31.76 27.29 -12.70
C VAL C 216 -32.82 27.70 -11.68
N GLY C 217 -33.38 28.89 -11.86
CA GLY C 217 -34.48 29.39 -11.03
C GLY C 217 -35.88 29.12 -11.56
N LYS C 218 -36.01 28.27 -12.57
CA LYS C 218 -37.31 27.78 -13.01
C LYS C 218 -37.88 26.97 -11.87
N ASP C 219 -37.08 26.05 -11.35
CA ASP C 219 -37.43 25.33 -10.14
C ASP C 219 -36.29 25.43 -9.15
N PRO C 220 -36.24 26.56 -8.43
CA PRO C 220 -35.10 26.98 -7.60
C PRO C 220 -34.75 26.00 -6.48
N ASP C 221 -35.52 24.93 -6.33
CA ASP C 221 -35.15 23.95 -5.34
C ASP C 221 -34.56 22.69 -5.98
N ALA C 222 -34.89 22.46 -7.24
CA ALA C 222 -34.45 21.24 -7.92
C ALA C 222 -32.95 21.00 -7.77
N PHE C 223 -32.14 21.93 -8.25
CA PHE C 223 -30.68 21.74 -8.33
C PHE C 223 -30.06 21.22 -7.04
N LEU C 224 -30.80 21.31 -5.93
CA LEU C 224 -30.36 20.79 -4.64
C LEU C 224 -30.16 19.28 -4.66
N THR C 225 -31.12 18.56 -5.22
CA THR C 225 -31.06 17.10 -5.23
C THR C 225 -30.81 16.55 -6.63
N LYS C 226 -30.64 17.44 -7.61
CA LYS C 226 -30.59 17.02 -9.01
C LYS C 226 -29.28 17.34 -9.73
N CYS C 227 -28.54 18.33 -9.23
CA CYS C 227 -27.24 18.67 -9.82
C CYS C 227 -26.07 18.21 -8.94
N PRO C 228 -24.85 18.20 -9.50
CA PRO C 228 -23.68 17.71 -8.80
C PRO C 228 -22.83 18.85 -8.22
N ASN C 229 -23.34 19.51 -7.20
CA ASN C 229 -22.74 20.74 -6.69
C ASN C 229 -21.45 20.54 -5.89
N GLN C 230 -21.21 19.28 -5.51
CA GLN C 230 -20.09 18.94 -4.66
C GLN C 230 -19.10 18.06 -5.40
N ALA C 231 -17.82 18.29 -5.14
CA ALA C 231 -16.80 17.31 -5.41
C ALA C 231 -17.16 16.02 -4.67
N LEU C 232 -16.76 14.87 -5.20
CA LEU C 232 -16.99 13.61 -4.50
C LEU C 232 -15.71 13.04 -3.90
N LYS C 233 -15.59 13.12 -2.59
CA LYS C 233 -14.41 12.61 -1.89
C LYS C 233 -14.46 11.10 -1.72
N GLY C 234 -13.32 10.46 -1.97
CA GLY C 234 -13.16 9.04 -1.69
C GLY C 234 -13.53 8.08 -2.82
N TYR C 235 -13.76 8.61 -4.02
CA TYR C 235 -14.22 7.78 -5.13
C TYR C 235 -13.70 8.26 -6.48
N ARG C 236 -13.35 7.31 -7.34
CA ARG C 236 -13.10 7.62 -8.74
C ARG C 236 -14.31 7.25 -9.58
N PHE C 237 -14.88 8.22 -10.29
CA PHE C 237 -15.88 7.92 -11.30
C PHE C 237 -15.53 6.68 -12.10
N GLY C 238 -16.54 5.96 -12.57
CA GLY C 238 -16.31 4.70 -13.25
C GLY C 238 -17.41 4.33 -14.21
N HIS C 239 -17.10 3.37 -15.09
CA HIS C 239 -18.09 2.77 -15.96
C HIS C 239 -18.11 1.28 -15.74
N TRP C 240 -19.30 0.71 -15.75
CA TRP C 240 -19.46 -0.70 -15.47
C TRP C 240 -19.45 -1.48 -16.74
N THR C 241 -18.44 -2.33 -16.88
CA THR C 241 -18.27 -3.14 -18.08
C THR C 241 -17.50 -4.40 -17.74
N ASN C 242 -17.81 -5.51 -18.40
CA ASN C 242 -17.11 -6.78 -18.17
C ASN C 242 -17.25 -7.29 -16.73
N GLY C 243 -18.39 -7.00 -16.11
CA GLY C 243 -18.67 -7.53 -14.78
C GLY C 243 -17.97 -6.85 -13.62
N ARG C 244 -17.42 -5.66 -13.85
CA ARG C 244 -16.87 -4.84 -12.76
C ARG C 244 -16.70 -3.35 -13.10
N CYS C 245 -16.40 -2.53 -12.09
CA CYS C 245 -16.39 -1.07 -12.23
C CYS C 245 -15.02 -0.58 -12.67
N HIS C 246 -14.90 -0.26 -13.95
CA HIS C 246 -13.68 0.30 -14.53
C HIS C 246 -13.65 1.79 -14.31
N ASP C 247 -12.70 2.29 -13.52
CA ASP C 247 -12.52 3.76 -13.42
C ASP C 247 -11.89 4.37 -14.68
N TYR C 248 -11.85 5.69 -14.75
CA TYR C 248 -11.46 6.35 -16.00
C TYR C 248 -10.08 5.94 -16.49
N THR C 249 -9.23 5.46 -15.60
CA THR C 249 -7.83 5.15 -15.94
C THR C 249 -7.66 3.78 -16.59
N GLU C 250 -8.78 3.16 -16.92
CA GLU C 250 -8.81 1.89 -17.63
C GLU C 250 -9.60 2.07 -18.92
N LEU C 251 -10.49 3.05 -18.93
CA LEU C 251 -11.18 3.49 -20.14
C LEU C 251 -10.22 4.07 -21.18
N ALA C 252 -10.39 3.66 -22.43
CA ALA C 252 -9.31 3.81 -23.43
C ALA C 252 -9.10 5.24 -23.92
N ASP C 253 -10.16 6.06 -23.89
CA ASP C 253 -10.06 7.41 -24.43
C ASP C 253 -10.12 8.45 -23.33
N SER C 254 -9.69 8.07 -22.13
CA SER C 254 -9.58 9.04 -21.05
C SER C 254 -8.28 9.82 -21.14
N TRP C 255 -8.30 11.06 -20.67
CA TRP C 255 -7.07 11.81 -20.54
C TRP C 255 -6.49 11.68 -19.18
N ILE C 256 -5.22 11.30 -19.16
CA ILE C 256 -4.43 11.34 -17.94
C ILE C 256 -3.35 12.37 -18.11
N GLU C 257 -3.52 13.49 -17.43
CA GLU C 257 -2.53 14.56 -17.42
C GLU C 257 -2.07 14.70 -15.98
N ALA C 258 -0.91 15.31 -15.79
CA ALA C 258 -0.34 15.41 -14.45
C ALA C 258 -0.74 16.75 -13.84
N VAL C 259 -1.06 16.76 -12.55
CA VAL C 259 -1.37 18.01 -11.85
C VAL C 259 -0.69 18.10 -10.50
N ASP C 260 -0.41 19.32 -10.05
CA ASP C 260 0.26 19.51 -8.78
C ASP C 260 -0.69 19.41 -7.59
N SER C 261 -1.93 19.81 -7.79
CA SER C 261 -2.95 19.65 -6.75
C SER C 261 -4.26 19.15 -7.35
N LYS C 262 -5.07 18.51 -6.52
CA LYS C 262 -6.43 18.17 -6.91
C LYS C 262 -7.11 19.38 -7.59
N ALA C 263 -7.05 20.53 -6.92
CA ALA C 263 -7.65 21.76 -7.43
C ALA C 263 -7.46 21.95 -8.94
N GLN C 264 -6.26 21.67 -9.44
CA GLN C 264 -5.95 21.90 -10.85
C GLN C 264 -6.68 20.93 -11.75
N CYS C 265 -6.89 19.72 -11.24
CA CYS C 265 -7.73 18.75 -11.93
C CYS C 265 -9.19 19.22 -12.05
N TRP C 266 -9.73 19.72 -10.95
CA TRP C 266 -11.05 20.32 -10.95
C TRP C 266 -11.22 21.32 -12.08
N VAL C 267 -10.29 22.27 -12.18
CA VAL C 267 -10.31 23.25 -13.24
C VAL C 267 -10.32 22.57 -14.62
N LYS C 268 -9.61 21.45 -14.74
CA LYS C 268 -9.40 20.82 -16.03
C LYS C 268 -10.66 20.17 -16.60
N THR C 269 -11.56 19.72 -15.72
CA THR C 269 -12.84 19.22 -16.19
C THR C 269 -13.69 20.33 -16.80
N PHE C 270 -13.26 21.58 -16.66
CA PHE C 270 -14.03 22.75 -17.11
C PHE C 270 -13.35 23.45 -18.30
N THR C 271 -12.03 23.34 -18.37
CA THR C 271 -11.30 24.05 -19.40
C THR C 271 -10.84 23.18 -20.55
N ASN C 272 -10.71 21.88 -20.33
CA ASN C 272 -10.19 21.00 -21.36
C ASN C 272 -10.94 21.19 -22.68
N ASP C 273 -10.19 21.23 -23.78
CA ASP C 273 -10.73 21.47 -25.13
C ASP C 273 -12.09 20.84 -25.39
N GLU C 274 -12.38 19.74 -24.71
CA GLU C 274 -13.51 18.91 -25.07
C GLU C 274 -14.72 19.00 -24.12
N VAL C 275 -14.63 19.88 -23.13
CA VAL C 275 -15.73 20.13 -22.20
C VAL C 275 -17.00 20.52 -22.97
N ALA C 276 -18.16 20.11 -22.47
CA ALA C 276 -19.43 20.41 -23.13
C ALA C 276 -19.58 21.91 -23.34
N SER C 277 -19.76 22.32 -24.59
CA SER C 277 -19.75 23.72 -24.97
C SER C 277 -20.67 23.99 -26.14
N ASP C 278 -21.21 25.21 -26.20
CA ASP C 278 -22.14 25.59 -27.25
C ASP C 278 -21.54 26.59 -28.23
N GLN C 279 -20.22 26.77 -28.19
CA GLN C 279 -19.54 27.85 -28.92
C GLN C 279 -18.84 27.37 -30.20
N PRO C 280 -19.12 28.02 -31.37
CA PRO C 280 -18.51 27.67 -32.68
C PRO C 280 -17.12 28.28 -32.93
N ARG C 281 -16.15 27.44 -33.28
CA ARG C 281 -14.73 27.85 -33.36
C ARG C 281 -14.43 28.88 -34.45
N HIS C 289 -19.17 42.68 -34.94
CA HIS C 289 -19.93 42.75 -33.69
C HIS C 289 -19.87 44.12 -33.07
N SER C 290 -21.00 44.85 -33.11
CA SER C 290 -21.03 46.28 -32.77
C SER C 290 -21.15 46.53 -31.25
N TRP C 291 -21.02 47.79 -30.84
CA TRP C 291 -20.80 48.11 -29.42
C TRP C 291 -21.86 47.65 -28.45
N ASN C 292 -23.12 48.04 -28.69
CA ASN C 292 -24.20 47.65 -27.78
C ASN C 292 -24.86 46.31 -28.11
N ASP C 293 -24.20 45.53 -28.97
CA ASP C 293 -24.61 44.16 -29.22
C ASP C 293 -24.19 43.20 -28.11
N TRP C 294 -25.08 43.02 -27.13
CA TRP C 294 -24.79 42.29 -25.88
C TRP C 294 -24.96 40.79 -26.01
N TRP C 295 -25.72 40.34 -27.01
CA TRP C 295 -26.05 38.92 -27.12
C TRP C 295 -25.47 38.26 -28.35
N PRO C 296 -25.13 36.97 -28.25
CA PRO C 296 -24.77 36.23 -29.45
C PRO C 296 -25.98 36.12 -30.35
N VAL C 297 -25.78 35.67 -31.58
CA VAL C 297 -26.84 35.76 -32.56
C VAL C 297 -27.08 34.43 -33.23
N HIS C 298 -28.34 34.13 -33.53
CA HIS C 298 -28.72 32.82 -34.03
C HIS C 298 -28.15 32.54 -35.39
N GLU C 299 -27.87 31.26 -35.66
CA GLU C 299 -27.46 30.81 -37.00
C GLU C 299 -27.90 29.39 -37.31
N LYS C 300 -27.71 28.97 -38.56
CA LYS C 300 -28.25 27.69 -39.06
C LYS C 300 -27.59 26.45 -38.41
N ASP C 301 -26.45 26.69 -37.78
CA ASP C 301 -25.41 25.67 -37.69
C ASP C 301 -24.75 25.63 -36.31
N GLN C 302 -25.22 26.48 -35.40
CA GLN C 302 -24.57 26.63 -34.10
C GLN C 302 -24.70 25.37 -33.27
N PRO C 303 -23.60 24.93 -32.64
CA PRO C 303 -23.63 23.67 -31.92
C PRO C 303 -24.42 23.78 -30.63
N HIS C 304 -25.32 22.82 -30.42
CA HIS C 304 -25.84 22.52 -29.10
C HIS C 304 -25.20 21.23 -28.67
N SER C 305 -24.64 21.22 -27.47
CA SER C 305 -24.05 20.00 -26.91
C SER C 305 -25.05 19.18 -26.11
N GLY C 306 -26.13 19.80 -25.64
CA GLY C 306 -27.03 19.17 -24.68
C GLY C 306 -26.31 18.63 -23.46
N GLY C 307 -25.18 19.24 -23.13
CA GLY C 307 -24.41 18.91 -21.95
C GLY C 307 -23.58 17.68 -22.23
N ASP C 308 -23.17 17.54 -23.47
CA ASP C 308 -22.47 16.38 -23.94
C ASP C 308 -21.02 16.82 -24.18
N GLY C 309 -20.08 16.25 -23.42
CA GLY C 309 -18.68 16.62 -23.55
C GLY C 309 -17.82 15.89 -22.55
N ARG C 310 -16.53 16.24 -22.53
CA ARG C 310 -15.56 15.67 -21.58
C ARG C 310 -15.64 16.45 -20.30
N ASN C 311 -16.54 16.02 -19.42
CA ASN C 311 -17.00 16.85 -18.33
C ASN C 311 -16.58 16.33 -16.97
N TYR C 312 -15.88 15.20 -16.94
CA TYR C 312 -15.75 14.44 -15.71
C TYR C 312 -14.31 13.99 -15.51
N GLY C 313 -13.85 14.10 -14.28
CA GLY C 313 -12.58 13.54 -13.92
C GLY C 313 -12.49 13.29 -12.44
N PHE C 314 -11.44 12.58 -12.06
CA PHE C 314 -11.08 12.55 -10.66
C PHE C 314 -9.60 12.84 -10.49
N PHE C 315 -9.22 13.29 -9.31
CA PHE C 315 -7.83 13.43 -8.96
C PHE C 315 -7.38 12.15 -8.28
N TYR C 316 -6.22 11.65 -8.67
CA TYR C 316 -5.67 10.48 -8.00
C TYR C 316 -4.15 10.48 -7.90
N PHE C 317 -3.64 9.39 -7.35
CA PHE C 317 -2.21 9.23 -7.16
C PHE C 317 -1.75 7.97 -7.86
N ASP C 318 -0.64 8.10 -8.58
CA ASP C 318 -0.04 7.02 -9.36
C ASP C 318 0.27 5.74 -8.59
N SER C 319 0.61 4.71 -9.36
CA SER C 319 1.44 3.60 -8.90
C SER C 319 2.69 4.11 -8.18
N ASN C 320 3.28 5.18 -8.69
CA ASN C 320 4.48 5.76 -8.09
C ASN C 320 4.25 7.07 -7.33
N GLY C 321 3.02 7.25 -6.84
CA GLY C 321 2.69 8.37 -5.95
C GLY C 321 2.68 9.74 -6.60
N LYS C 322 2.80 9.79 -7.92
CA LYS C 322 2.69 11.04 -8.65
C LYS C 322 1.23 11.44 -8.78
N GLY C 323 0.92 12.70 -8.52
CA GLY C 323 -0.46 13.22 -8.59
C GLY C 323 -0.98 13.43 -10.00
N LYS C 324 -2.22 13.01 -10.25
CA LYS C 324 -2.74 12.90 -11.63
C LYS C 324 -4.24 13.10 -11.76
N CYS C 325 -4.68 13.29 -13.00
CA CYS C 325 -6.04 13.73 -13.29
C CYS C 325 -6.62 12.98 -14.48
N ALA C 326 -7.67 12.20 -14.24
CA ALA C 326 -8.32 11.43 -15.29
C ALA C 326 -9.52 12.17 -15.88
N LEU C 327 -9.53 12.37 -17.20
CA LEU C 327 -10.62 13.13 -17.85
C LEU C 327 -11.41 12.28 -18.85
N SER C 328 -12.72 12.20 -18.66
CA SER C 328 -13.55 11.31 -19.46
C SER C 328 -14.71 12.02 -20.15
N HIS C 329 -15.29 11.34 -21.15
CA HIS C 329 -16.53 11.78 -21.79
C HIS C 329 -17.69 11.08 -21.16
N LYS C 330 -17.40 10.06 -20.37
CA LYS C 330 -18.40 9.09 -19.92
C LYS C 330 -18.91 9.37 -18.51
N ALA C 331 -20.14 9.90 -18.44
CA ALA C 331 -20.86 10.04 -17.18
C ALA C 331 -20.79 8.74 -16.37
N PRO C 332 -20.51 8.86 -15.07
CA PRO C 332 -20.27 7.70 -14.24
C PRO C 332 -21.56 6.97 -13.94
N ASP C 333 -21.51 5.64 -14.00
CA ASP C 333 -22.63 4.80 -13.62
C ASP C 333 -22.18 3.76 -12.59
N CYS C 334 -20.95 3.95 -12.09
CA CYS C 334 -20.49 3.25 -10.90
C CYS C 334 -19.29 4.02 -10.34
N LEU C 335 -18.77 3.58 -9.20
CA LEU C 335 -17.67 4.28 -8.57
C LEU C 335 -16.66 3.27 -8.04
N VAL C 336 -15.38 3.64 -8.07
CA VAL C 336 -14.33 2.87 -7.43
C VAL C 336 -13.89 3.66 -6.20
N SER C 337 -13.90 3.01 -5.04
CA SER C 337 -13.51 3.71 -3.81
C SER C 337 -12.01 3.85 -3.69
N ASP C 338 -11.57 4.99 -3.18
CA ASP C 338 -10.16 5.31 -3.07
C ASP C 338 -10.03 6.51 -2.15
N SER C 339 -9.44 6.28 -0.98
CA SER C 339 -9.29 7.29 0.07
C SER C 339 -8.80 8.62 -0.47
N LYS C 340 -7.96 8.56 -1.49
CA LYS C 340 -7.14 9.68 -1.93
C LYS C 340 -7.76 10.42 -3.12
N ALA C 341 -8.64 9.73 -3.82
CA ALA C 341 -9.25 10.26 -5.03
C ALA C 341 -10.34 11.27 -4.70
N VAL C 342 -10.50 12.29 -5.55
CA VAL C 342 -11.65 13.19 -5.51
C VAL C 342 -12.27 13.36 -6.90
N SER C 343 -13.59 13.20 -6.99
CA SER C 343 -14.30 13.21 -8.29
C SER C 343 -14.98 14.55 -8.59
N TYR C 344 -14.62 15.15 -9.72
CA TYR C 344 -15.08 16.50 -10.09
C TYR C 344 -15.93 16.50 -11.37
N THR C 345 -16.78 17.50 -11.52
CA THR C 345 -17.49 17.78 -12.78
C THR C 345 -17.22 19.20 -13.30
N ALA C 346 -17.48 19.43 -14.58
CA ALA C 346 -17.46 20.79 -15.13
C ALA C 346 -18.45 21.72 -14.44
N LEU C 347 -19.49 21.15 -13.86
CA LEU C 347 -20.54 21.97 -13.24
C LEU C 347 -20.22 22.26 -11.80
N GLY C 348 -19.45 21.36 -11.18
CA GLY C 348 -19.40 21.27 -9.72
C GLY C 348 -18.52 22.29 -9.03
N SER C 349 -18.41 22.19 -7.73
CA SER C 349 -17.49 23.06 -7.03
C SER C 349 -16.27 22.32 -6.53
N LEU C 350 -15.31 23.08 -6.03
CA LEU C 350 -14.07 22.50 -5.51
C LEU C 350 -14.32 21.87 -4.15
N SER C 351 -15.40 22.30 -3.51
CA SER C 351 -15.72 21.94 -2.14
C SER C 351 -16.20 20.52 -2.08
N GLU C 352 -15.55 19.71 -1.26
CA GLU C 352 -15.96 18.34 -1.10
C GLU C 352 -17.16 18.24 -0.16
N GLU C 353 -17.56 19.37 0.40
CA GLU C 353 -18.66 19.38 1.37
C GLU C 353 -19.67 20.48 1.05
N THR C 354 -20.90 20.28 1.48
CA THR C 354 -22.00 21.20 1.17
C THR C 354 -21.74 22.63 1.68
N PRO C 355 -21.62 23.59 0.75
CA PRO C 355 -21.47 24.99 1.14
C PRO C 355 -22.81 25.52 1.63
N ASP C 356 -22.80 26.34 2.67
CA ASP C 356 -24.06 26.66 3.34
C ASP C 356 -24.97 27.61 2.56
N ILE C 357 -24.56 28.01 1.35
CA ILE C 357 -25.47 28.73 0.47
C ILE C 357 -26.45 27.81 -0.26
N ILE C 358 -26.32 26.50 -0.03
CA ILE C 358 -27.30 25.56 -0.56
C ILE C 358 -27.88 24.62 0.50
N ILE C 359 -27.77 25.02 1.76
CA ILE C 359 -28.53 24.40 2.86
C ILE C 359 -29.81 25.20 3.10
N PRO C 360 -30.97 24.51 3.20
CA PRO C 360 -32.23 25.15 3.58
C PRO C 360 -32.27 25.55 5.07
N SER C 361 -33.48 25.70 5.63
CA SER C 361 -33.65 26.02 7.06
C SER C 361 -34.95 25.45 7.65
N PRO C 370 -26.93 14.87 -1.59
CA PRO C 370 -27.77 13.82 -1.02
C PRO C 370 -27.04 12.48 -0.87
N ASP C 371 -25.79 12.52 -0.42
CA ASP C 371 -24.99 11.29 -0.30
C ASP C 371 -25.21 10.49 0.99
N GLU C 372 -26.48 10.23 1.30
CA GLU C 372 -26.88 9.11 2.14
C GLU C 372 -26.94 7.86 1.28
N ALA C 373 -26.85 8.03 -0.04
CA ALA C 373 -26.88 6.90 -0.96
C ALA C 373 -25.66 6.02 -0.74
N LEU C 374 -24.54 6.64 -0.41
CA LEU C 374 -23.29 5.93 -0.30
C LEU C 374 -23.15 5.22 1.04
N GLN C 375 -24.04 5.54 1.96
CA GLN C 375 -24.05 4.88 3.27
C GLN C 375 -24.66 3.50 3.21
N CYS C 376 -24.01 2.56 3.86
CA CYS C 376 -24.53 1.21 4.01
C CYS C 376 -24.42 0.82 5.46
N ARG C 377 -25.11 -0.24 5.84
CA ARG C 377 -24.78 -0.91 7.06
C ARG C 377 -24.25 -2.29 6.75
N SER C 378 -23.16 -2.64 7.43
CA SER C 378 -22.49 -3.93 7.26
C SER C 378 -23.50 -5.03 6.97
N SER C 379 -24.49 -5.16 7.85
CA SER C 379 -25.36 -6.34 7.85
C SER C 379 -26.69 -6.11 7.15
N GLU C 380 -26.65 -5.26 6.13
CA GLU C 380 -27.80 -5.03 5.25
C GLU C 380 -27.26 -4.85 3.84
N PHE C 381 -25.95 -5.04 3.70
CA PHE C 381 -25.22 -4.87 2.45
C PHE C 381 -23.97 -5.75 2.58
N PRO C 382 -24.10 -7.04 2.23
CA PRO C 382 -23.02 -8.01 2.47
C PRO C 382 -21.82 -7.82 1.52
N GLU C 383 -20.65 -8.36 1.91
CA GLU C 383 -19.49 -8.44 1.03
C GLU C 383 -19.80 -9.35 -0.14
N THR C 384 -19.46 -8.91 -1.34
CA THR C 384 -19.83 -9.61 -2.56
C THR C 384 -18.66 -9.58 -3.55
N PHE C 385 -18.45 -10.69 -4.26
CA PHE C 385 -17.38 -10.77 -5.25
C PHE C 385 -17.93 -11.06 -6.63
N GLY C 386 -17.46 -10.32 -7.63
CA GLY C 386 -17.86 -10.55 -9.01
C GLY C 386 -17.05 -11.64 -9.68
N SER C 387 -17.40 -11.95 -10.92
CA SER C 387 -16.69 -12.96 -11.68
C SER C 387 -15.36 -12.42 -12.16
N CYS C 388 -14.44 -13.31 -12.51
CA CYS C 388 -13.09 -12.88 -12.86
C CYS C 388 -13.00 -12.34 -14.30
N ASP C 389 -12.58 -11.10 -14.44
CA ASP C 389 -12.13 -10.55 -15.73
C ASP C 389 -10.81 -11.22 -16.11
N VAL C 390 -10.83 -12.07 -17.12
CA VAL C 390 -9.61 -12.78 -17.55
C VAL C 390 -8.61 -11.86 -18.24
N GLN C 391 -9.13 -10.90 -18.99
CA GLN C 391 -8.28 -10.01 -19.76
C GLN C 391 -7.41 -9.15 -18.85
N ALA C 392 -7.82 -9.03 -17.58
CA ALA C 392 -7.20 -8.09 -16.67
C ALA C 392 -6.84 -8.68 -15.30
N CYS C 393 -7.25 -9.93 -15.07
CA CYS C 393 -7.02 -10.61 -13.80
C CYS C 393 -7.50 -9.84 -12.58
N LYS C 394 -8.77 -9.47 -12.59
CA LYS C 394 -9.37 -8.72 -11.50
C LYS C 394 -10.84 -9.14 -11.34
N ARG C 395 -11.41 -8.85 -10.18
CA ARG C 395 -12.86 -8.96 -10.02
C ARG C 395 -13.37 -7.81 -9.19
N GLN C 396 -14.64 -7.47 -9.38
CA GLN C 396 -15.32 -6.54 -8.50
C GLN C 396 -15.44 -7.17 -7.12
N LYS C 397 -15.03 -6.41 -6.10
CA LYS C 397 -15.45 -6.69 -4.74
C LYS C 397 -16.26 -5.51 -4.21
N THR C 398 -17.40 -5.81 -3.61
CA THR C 398 -18.28 -4.79 -3.06
C THR C 398 -18.56 -5.16 -1.60
N SER C 399 -18.39 -4.20 -0.70
CA SER C 399 -18.56 -4.45 0.71
C SER C 399 -18.86 -3.16 1.48
N CYS C 400 -19.38 -3.29 2.70
CA CYS C 400 -19.55 -2.11 3.54
C CYS C 400 -18.33 -1.95 4.42
N VAL C 401 -17.66 -0.79 4.31
CA VAL C 401 -16.49 -0.49 5.14
C VAL C 401 -16.60 0.89 5.78
N GLY C 402 -16.45 0.95 7.10
CA GLY C 402 -16.71 2.17 7.86
C GLY C 402 -18.09 2.73 7.60
N GLY C 403 -19.03 1.87 7.21
CA GLY C 403 -20.37 2.32 6.85
C GLY C 403 -20.47 3.12 5.56
N GLN C 404 -19.47 2.98 4.70
CA GLN C 404 -19.54 3.50 3.35
C GLN C 404 -19.51 2.34 2.38
N ILE C 405 -20.23 2.44 1.27
CA ILE C 405 -20.01 1.47 0.19
C ILE C 405 -18.56 1.52 -0.22
N GLN C 406 -17.88 0.39 -0.11
CA GLN C 406 -16.58 0.22 -0.71
C GLN C 406 -16.82 -0.58 -1.97
N SER C 407 -16.10 -0.24 -3.03
CA SER C 407 -16.13 -1.04 -4.24
C SER C 407 -14.84 -0.85 -5.02
N THR C 408 -14.04 -1.91 -5.07
CA THR C 408 -12.73 -1.88 -5.70
C THR C 408 -12.60 -3.14 -6.54
N SER C 409 -11.57 -3.19 -7.38
CA SER C 409 -11.15 -4.42 -8.03
C SER C 409 -10.05 -5.08 -7.20
N VAL C 410 -10.18 -6.38 -6.95
CA VAL C 410 -9.11 -7.12 -6.25
C VAL C 410 -8.60 -8.30 -7.07
N ASP C 411 -7.58 -8.98 -6.55
CA ASP C 411 -7.05 -10.19 -7.19
C ASP C 411 -8.19 -11.17 -7.43
N CYS C 412 -8.16 -11.84 -8.58
CA CYS C 412 -8.91 -13.06 -8.75
C CYS C 412 -8.39 -14.15 -7.80
N THR C 413 -9.15 -15.23 -7.64
CA THR C 413 -8.76 -16.28 -6.70
C THR C 413 -7.76 -17.24 -7.32
N ALA C 414 -7.06 -17.98 -6.48
CA ALA C 414 -6.06 -18.95 -6.95
C ALA C 414 -6.59 -19.73 -8.15
N GLU C 415 -7.73 -20.40 -7.98
CA GLU C 415 -8.35 -21.16 -9.06
C GLU C 415 -8.58 -20.36 -10.35
N GLU C 416 -8.95 -19.08 -10.20
CA GLU C 416 -9.25 -18.22 -11.34
C GLU C 416 -7.99 -17.82 -12.07
N GLN C 417 -6.97 -17.41 -11.31
CA GLN C 417 -5.74 -16.94 -11.91
C GLN C 417 -5.14 -17.93 -12.92
N ASN C 418 -5.39 -19.23 -12.68
CA ASN C 418 -4.83 -20.27 -13.53
C ASN C 418 -5.49 -20.22 -14.89
N ASP C 419 -5.85 -19.01 -15.31
CA ASP C 419 -6.75 -18.81 -16.43
C ASP C 419 -6.70 -17.37 -16.94
N CYS C 420 -5.93 -16.52 -16.27
CA CYS C 420 -5.78 -15.14 -16.68
C CYS C 420 -4.88 -15.05 -17.90
N GLN D 11 -5.22 -71.29 36.11
CA GLN D 11 -4.89 -70.44 37.30
C GLN D 11 -4.23 -69.09 36.91
N ASN D 12 -4.86 -68.37 35.97
CA ASN D 12 -4.43 -67.02 35.60
C ASN D 12 -4.75 -66.01 36.71
N PRO D 13 -3.72 -65.56 37.45
CA PRO D 13 -3.94 -64.67 38.60
C PRO D 13 -4.72 -63.42 38.24
N PHE D 14 -4.74 -63.08 36.95
CA PHE D 14 -5.41 -61.88 36.47
C PHE D 14 -6.87 -62.15 36.11
N GLN D 15 -7.38 -63.31 36.53
CA GLN D 15 -8.76 -63.74 36.26
C GLN D 15 -9.69 -63.42 37.44
N THR D 16 -9.05 -63.17 38.58
CA THR D 16 -9.66 -62.47 39.71
C THR D 16 -10.69 -61.45 39.21
N PRO D 17 -11.86 -61.41 39.86
CA PRO D 17 -12.89 -60.44 39.51
C PRO D 17 -12.34 -59.02 39.38
N GLU D 18 -11.53 -58.61 40.35
CA GLU D 18 -10.98 -57.25 40.42
C GLU D 18 -9.97 -56.95 39.31
N LEU D 19 -9.02 -57.85 39.11
CA LEU D 19 -8.00 -57.72 38.05
C LEU D 19 -8.57 -57.65 36.64
N LYS D 20 -9.50 -58.56 36.31
CA LYS D 20 -10.12 -58.53 34.98
C LYS D 20 -10.99 -57.30 34.77
N ALA D 21 -11.84 -57.00 35.74
CA ALA D 21 -12.51 -55.69 35.79
C ALA D 21 -11.56 -54.59 35.33
N PHE D 22 -10.35 -54.63 35.89
CA PHE D 22 -9.27 -53.73 35.49
C PHE D 22 -8.87 -53.96 34.04
N LEU D 23 -8.31 -55.13 33.76
CA LEU D 23 -7.82 -55.44 32.41
C LEU D 23 -8.87 -55.23 31.32
N GLU D 24 -10.14 -55.24 31.70
CA GLU D 24 -11.24 -55.08 30.75
C GLU D 24 -11.27 -53.64 30.24
N ARG D 25 -10.73 -52.72 31.04
CA ARG D 25 -10.70 -51.33 30.65
C ARG D 25 -9.96 -51.14 29.32
N TYR D 26 -9.14 -52.12 28.94
CA TYR D 26 -8.28 -52.00 27.76
C TYR D 26 -8.93 -52.49 26.47
N ASN D 27 -9.90 -53.40 26.63
CA ASN D 27 -10.52 -54.01 25.48
C ASN D 27 -11.38 -52.99 24.78
N VAL D 28 -10.91 -52.50 23.63
CA VAL D 28 -11.62 -51.47 22.87
C VAL D 28 -12.97 -52.02 22.44
N THR D 29 -13.00 -53.34 22.30
CA THR D 29 -14.18 -54.07 21.90
C THR D 29 -15.30 -53.96 22.95
N LEU D 30 -14.91 -53.88 24.22
CA LEU D 30 -15.85 -54.01 25.33
C LEU D 30 -16.75 -52.79 25.55
N HIS D 31 -16.15 -51.66 25.93
CA HIS D 31 -16.93 -50.46 26.20
CA HIS D 31 -16.92 -50.46 26.21
C HIS D 31 -16.94 -49.47 25.07
N HIS D 32 -15.78 -49.21 24.47
CA HIS D 32 -15.71 -48.26 23.36
C HIS D 32 -16.61 -48.68 22.23
N GLN D 33 -16.44 -49.91 21.76
CA GLN D 33 -17.40 -50.54 20.85
C GLN D 33 -17.41 -49.96 19.44
N SER D 34 -16.38 -49.18 19.11
CA SER D 34 -16.34 -48.54 17.80
C SER D 34 -14.92 -48.30 17.33
N GLY D 35 -14.77 -47.68 16.16
CA GLY D 35 -13.46 -47.33 15.62
C GLY D 35 -12.75 -46.31 16.48
N VAL D 36 -11.42 -46.29 16.41
CA VAL D 36 -10.68 -45.31 17.16
C VAL D 36 -9.92 -44.33 16.28
N ASN D 37 -9.18 -44.84 15.28
CA ASN D 37 -8.54 -43.99 14.28
C ASN D 37 -9.60 -43.18 13.52
N VAL D 38 -10.43 -43.86 12.75
CA VAL D 38 -11.71 -43.26 12.34
C VAL D 38 -12.87 -43.91 13.06
N ASP D 39 -13.68 -43.07 13.70
CA ASP D 39 -14.84 -43.53 14.43
C ASP D 39 -16.11 -43.15 13.69
N LEU D 40 -16.76 -44.14 13.09
CA LEU D 40 -18.04 -43.93 12.40
C LEU D 40 -18.91 -45.16 12.55
N GLY D 41 -19.18 -45.54 13.80
CA GLY D 41 -19.71 -46.86 14.10
C GLY D 41 -21.22 -46.94 14.08
N GLN D 42 -21.87 -45.85 13.72
CA GLN D 42 -23.32 -45.82 13.70
C GLN D 42 -23.81 -45.12 12.45
N ASP D 43 -25.12 -45.18 12.25
CA ASP D 43 -25.81 -44.45 11.20
C ASP D 43 -27.03 -43.76 11.79
N LYS D 44 -27.37 -42.60 11.24
CA LYS D 44 -28.60 -41.90 11.61
C LYS D 44 -29.27 -41.34 10.36
N GLU D 45 -30.58 -41.16 10.44
CA GLU D 45 -31.34 -40.61 9.32
C GLU D 45 -31.51 -39.10 9.44
N VAL D 46 -31.15 -38.40 8.37
CA VAL D 46 -31.39 -36.97 8.25
C VAL D 46 -31.83 -36.65 6.82
N ASP D 47 -32.93 -35.91 6.68
CA ASP D 47 -33.40 -35.43 5.38
C ASP D 47 -33.71 -36.56 4.40
N GLY D 48 -34.05 -37.74 4.92
CA GLY D 48 -34.45 -38.84 4.07
C GLY D 48 -33.38 -39.88 3.77
N LYS D 49 -32.12 -39.49 3.90
CA LYS D 49 -31.01 -40.44 3.70
C LYS D 49 -30.23 -40.71 4.98
N LEU D 50 -29.21 -41.54 4.86
CA LEU D 50 -28.53 -42.13 6.02
C LEU D 50 -27.08 -41.65 6.10
N TYR D 51 -26.65 -41.22 7.29
CA TYR D 51 -25.31 -40.66 7.49
C TYR D 51 -24.55 -41.31 8.64
N ARG D 52 -23.23 -41.40 8.50
CA ARG D 52 -22.37 -42.06 9.50
C ARG D 52 -22.08 -41.16 10.70
N GLU D 53 -21.89 -41.76 11.88
CA GLU D 53 -21.88 -41.01 13.12
C GLU D 53 -20.86 -41.56 14.12
N ALA D 54 -19.88 -40.75 14.51
CA ALA D 54 -18.92 -41.18 15.53
C ALA D 54 -19.67 -41.58 16.80
N ALA D 55 -19.28 -42.72 17.36
CA ALA D 55 -20.20 -43.52 18.19
C ALA D 55 -19.48 -44.25 19.33
N GLY D 56 -18.16 -44.11 19.38
CA GLY D 56 -17.35 -44.83 20.37
C GLY D 56 -17.54 -44.19 21.71
N LEU D 57 -17.56 -45.00 22.76
CA LEU D 57 -17.92 -44.51 24.09
C LEU D 57 -16.75 -43.93 24.87
N CYS D 58 -15.53 -44.29 24.49
CA CYS D 58 -14.33 -43.74 25.10
C CYS D 58 -13.85 -42.47 24.36
N PRO D 59 -13.11 -41.60 25.09
CA PRO D 59 -12.43 -40.47 24.47
C PRO D 59 -11.05 -40.88 23.97
N VAL D 60 -10.69 -40.43 22.79
CA VAL D 60 -9.39 -40.77 22.24
C VAL D 60 -8.39 -39.64 22.39
N TRP D 61 -7.34 -39.92 23.16
CA TRP D 61 -6.47 -38.91 23.70
C TRP D 61 -5.39 -38.53 22.76
N GLY D 62 -5.32 -37.25 22.44
CA GLY D 62 -4.27 -36.72 21.59
C GLY D 62 -4.55 -36.85 20.10
N LYS D 63 -5.70 -37.42 19.76
CA LYS D 63 -6.14 -37.50 18.37
C LYS D 63 -6.39 -36.12 17.87
N TYR D 64 -6.02 -35.86 16.62
CA TYR D 64 -6.52 -34.70 15.91
C TYR D 64 -6.64 -35.03 14.43
N ILE D 65 -7.15 -34.07 13.66
CA ILE D 65 -7.24 -34.27 12.23
C ILE D 65 -6.27 -33.32 11.54
N GLN D 66 -5.22 -33.87 10.97
CA GLN D 66 -4.26 -33.06 10.23
C GLN D 66 -4.82 -32.69 8.85
N LEU D 67 -4.84 -31.40 8.56
CA LEU D 67 -5.35 -30.94 7.27
C LEU D 67 -4.21 -30.87 6.27
N HIS D 68 -4.53 -30.45 5.05
CA HIS D 68 -3.59 -30.48 3.94
C HIS D 68 -3.99 -29.41 2.97
N GLN D 69 -4.54 -28.35 3.53
CA GLN D 69 -4.84 -27.14 2.80
C GLN D 69 -3.54 -26.58 2.21
N PRO D 70 -3.63 -25.76 1.15
CA PRO D 70 -2.44 -25.08 0.63
C PRO D 70 -1.75 -24.23 1.71
N ASN D 71 -0.42 -24.26 1.72
CA ASN D 71 0.35 -23.40 2.58
C ASN D 71 0.37 -21.99 2.00
N ARG D 72 -0.66 -21.21 2.34
CA ARG D 72 -0.76 -19.79 1.98
C ARG D 72 -2.12 -19.26 2.44
N PRO D 73 -2.30 -17.94 2.41
CA PRO D 73 -3.59 -17.46 2.89
C PRO D 73 -4.75 -17.82 1.96
N PRO D 74 -5.96 -17.94 2.54
CA PRO D 74 -6.19 -17.76 3.98
C PRO D 74 -5.97 -19.02 4.80
N TYR D 75 -5.47 -20.07 4.19
CA TYR D 75 -5.45 -21.38 4.84
C TYR D 75 -4.60 -21.44 6.09
N LYS D 76 -5.18 -22.01 7.14
CA LYS D 76 -4.57 -22.05 8.45
C LYS D 76 -4.04 -23.45 8.75
N ASN D 77 -4.53 -24.43 8.00
CA ASN D 77 -4.27 -25.86 8.25
C ASN D 77 -4.47 -26.32 9.69
N ASN D 78 -5.63 -25.96 10.23
CA ASN D 78 -5.99 -26.27 11.60
C ASN D 78 -7.46 -26.64 11.63
N PHE D 79 -7.77 -27.88 11.97
CA PHE D 79 -9.17 -28.35 11.94
C PHE D 79 -10.12 -27.69 12.94
N LEU D 80 -9.59 -26.83 13.81
CA LEU D 80 -10.42 -26.24 14.87
C LEU D 80 -10.83 -24.83 14.51
N GLU D 81 -10.52 -24.43 13.29
CA GLU D 81 -11.05 -23.18 12.74
C GLU D 81 -12.51 -23.38 12.33
N ASP D 82 -13.29 -22.31 12.34
CA ASP D 82 -14.68 -22.38 11.85
C ASP D 82 -14.72 -23.00 10.46
N ILE D 83 -15.70 -23.89 10.27
CA ILE D 83 -16.22 -24.22 8.96
C ILE D 83 -16.40 -22.95 8.12
N PRO D 84 -15.91 -22.95 6.86
CA PRO D 84 -15.96 -21.72 6.10
C PRO D 84 -17.38 -21.26 5.88
N THR D 85 -17.56 -19.99 5.57
CA THR D 85 -18.86 -19.43 5.27
C THR D 85 -18.90 -19.07 3.79
N GLU D 86 -20.08 -19.18 3.17
CA GLU D 86 -20.19 -18.92 1.73
C GLU D 86 -19.30 -17.79 1.27
N ALA D 87 -19.49 -16.62 1.89
CA ALA D 87 -18.69 -15.43 1.58
C ALA D 87 -17.19 -15.70 1.71
N GLU D 88 -16.80 -16.34 2.81
CA GLU D 88 -15.41 -16.71 3.03
C GLU D 88 -14.90 -17.60 1.90
N TYR D 89 -15.74 -18.56 1.53
CA TYR D 89 -15.42 -19.53 0.50
C TYR D 89 -15.41 -18.89 -0.90
N GLN D 90 -16.43 -18.06 -1.17
CA GLN D 90 -16.50 -17.27 -2.38
C GLN D 90 -15.19 -16.49 -2.53
N LYS D 91 -14.66 -16.04 -1.40
CA LYS D 91 -13.46 -15.20 -1.39
C LYS D 91 -12.23 -16.01 -1.69
N SER D 92 -12.10 -17.14 -1.03
CA SER D 92 -10.91 -17.96 -1.16
C SER D 92 -10.91 -18.79 -2.43
N GLY D 93 -12.08 -19.15 -2.93
CA GLY D 93 -12.21 -20.14 -4.00
C GLY D 93 -11.87 -21.54 -3.50
N ASN D 94 -11.61 -22.47 -4.42
CA ASN D 94 -11.17 -23.81 -4.03
C ASN D 94 -9.68 -23.88 -3.61
N PRO D 95 -9.37 -24.63 -2.53
CA PRO D 95 -10.32 -25.48 -1.80
C PRO D 95 -10.95 -24.77 -0.61
N LEU D 96 -11.97 -25.39 -0.03
CA LEU D 96 -12.56 -24.91 1.23
C LEU D 96 -11.50 -24.40 2.19
N PRO D 97 -11.67 -23.17 2.69
CA PRO D 97 -10.79 -22.67 3.74
C PRO D 97 -11.28 -23.14 5.11
N GLY D 98 -10.57 -22.77 6.16
CA GLY D 98 -11.06 -22.94 7.53
C GLY D 98 -10.80 -24.30 8.15
N GLY D 99 -11.84 -24.83 8.78
CA GLY D 99 -11.72 -26.08 9.53
C GLY D 99 -13.05 -26.80 9.72
N PHE D 100 -13.18 -27.50 10.86
CA PHE D 100 -14.28 -28.43 11.12
C PHE D 100 -15.27 -27.93 12.18
N ASN D 101 -14.92 -26.83 12.83
CA ASN D 101 -15.67 -26.36 14.00
C ASN D 101 -17.04 -25.77 13.67
N MET D 102 -18.04 -26.22 14.42
CA MET D 102 -19.36 -25.61 14.42
C MET D 102 -19.28 -24.08 14.47
N ASN D 103 -19.73 -23.42 13.42
CA ASN D 103 -19.76 -21.95 13.41
C ASN D 103 -21.13 -21.37 13.76
N PHE D 104 -22.03 -22.23 14.20
CA PHE D 104 -23.41 -21.84 14.46
C PHE D 104 -23.53 -20.83 15.61
N VAL D 105 -24.59 -20.00 15.60
CA VAL D 105 -24.74 -18.96 16.63
C VAL D 105 -25.97 -19.08 17.52
N THR D 106 -25.86 -18.45 18.69
CA THR D 106 -26.98 -18.09 19.55
C THR D 106 -27.90 -17.12 18.81
N PRO D 107 -29.22 -17.22 19.06
CA PRO D 107 -30.14 -16.33 18.35
C PRO D 107 -29.77 -14.87 18.56
N ALA D 108 -29.09 -14.60 19.68
CA ALA D 108 -28.64 -13.26 20.03
C ALA D 108 -27.27 -12.96 19.44
N GLY D 109 -26.77 -13.85 18.58
CA GLY D 109 -25.57 -13.59 17.79
C GLY D 109 -24.26 -14.15 18.31
N GLN D 110 -24.27 -14.68 19.54
CA GLN D 110 -23.05 -15.16 20.19
C GLN D 110 -22.69 -16.59 19.76
N ARG D 111 -21.41 -16.98 19.84
CA ARG D 111 -20.97 -18.26 19.29
C ARG D 111 -21.06 -19.43 20.27
N ILE D 112 -21.32 -20.62 19.75
CA ILE D 112 -21.42 -21.80 20.57
C ILE D 112 -20.06 -22.49 20.72
N SER D 113 -19.44 -22.82 19.59
CA SER D 113 -18.20 -23.58 19.59
C SER D 113 -17.00 -22.72 19.17
N PRO D 114 -15.89 -22.78 19.93
CA PRO D 114 -15.71 -23.58 21.14
C PRO D 114 -16.41 -22.97 22.35
N TYR D 115 -16.77 -23.80 23.32
CA TYR D 115 -17.41 -23.29 24.52
C TYR D 115 -16.43 -23.16 25.66
N PRO D 116 -16.32 -21.95 26.24
CA PRO D 116 -15.50 -21.74 27.42
C PRO D 116 -15.90 -22.69 28.53
N MET D 117 -14.93 -23.48 29.01
CA MET D 117 -15.21 -24.48 30.03
C MET D 117 -15.86 -23.85 31.27
N GLU D 118 -15.39 -22.67 31.65
CA GLU D 118 -15.97 -21.93 32.77
C GLU D 118 -17.50 -21.85 32.70
N LEU D 119 -18.02 -21.27 31.61
CA LEU D 119 -19.47 -21.23 31.33
C LEU D 119 -20.19 -22.58 31.50
N LEU D 120 -19.43 -23.68 31.45
CA LEU D 120 -20.00 -25.01 31.65
C LEU D 120 -20.12 -25.35 33.14
N GLU D 121 -19.05 -25.11 33.90
CA GLU D 121 -19.01 -25.49 35.31
C GLU D 121 -19.76 -24.52 36.23
N LYS D 122 -20.46 -23.56 35.63
CA LYS D 122 -21.35 -22.67 36.38
C LYS D 122 -22.80 -22.96 36.02
N SER D 123 -22.99 -23.97 35.17
CA SER D 123 -24.32 -24.42 34.78
C SER D 123 -24.68 -25.68 35.54
N SER D 124 -25.94 -25.76 35.94
CA SER D 124 -26.41 -26.87 36.79
C SER D 124 -26.86 -28.03 35.93
N LYS D 125 -27.23 -27.74 34.68
CA LYS D 125 -27.63 -28.77 33.72
C LYS D 125 -26.43 -29.53 33.15
N ILE D 126 -25.26 -29.33 33.77
CA ILE D 126 -24.08 -30.11 33.46
C ILE D 126 -23.65 -30.91 34.69
N LYS D 127 -24.13 -32.14 34.78
CA LYS D 127 -24.02 -32.96 35.98
C LYS D 127 -22.75 -33.82 35.97
N ALA D 128 -21.97 -33.69 34.90
CA ALA D 128 -20.78 -34.51 34.73
C ALA D 128 -19.67 -34.18 35.74
N SER D 129 -19.09 -35.22 36.30
CA SER D 129 -18.19 -35.08 37.46
C SER D 129 -16.82 -34.53 37.11
N THR D 130 -16.50 -34.47 35.82
CA THR D 130 -15.16 -34.08 35.37
C THR D 130 -15.21 -33.08 34.22
N GLU D 131 -14.13 -32.31 34.09
CA GLU D 131 -13.94 -31.38 32.98
C GLU D 131 -14.29 -31.99 31.62
N LEU D 132 -13.54 -33.03 31.24
CA LEU D 132 -13.71 -33.71 29.96
C LEU D 132 -15.14 -34.21 29.80
N GLY D 133 -15.69 -34.74 30.88
CA GLY D 133 -17.07 -35.18 30.91
C GLY D 133 -18.04 -34.05 30.66
N LYS D 134 -17.78 -32.90 31.25
CA LYS D 134 -18.62 -31.73 31.02
C LYS D 134 -18.64 -31.41 29.54
N CYS D 135 -17.47 -31.34 28.94
CA CYS D 135 -17.33 -31.18 27.49
C CYS D 135 -18.20 -32.17 26.70
N ALA D 136 -17.99 -33.46 26.97
CA ALA D 136 -18.69 -34.53 26.26
C ALA D 136 -20.20 -34.52 26.44
N GLU D 137 -20.67 -34.12 27.63
CA GLU D 137 -22.09 -34.11 27.93
C GLU D 137 -22.78 -32.99 27.16
N PHE D 138 -22.09 -31.85 27.08
CA PHE D 138 -22.50 -30.74 26.23
C PHE D 138 -22.52 -31.15 24.75
N ALA D 139 -21.49 -31.91 24.35
CA ALA D 139 -21.50 -32.55 23.05
C ALA D 139 -22.77 -33.36 22.84
N TYR D 140 -23.07 -34.23 23.79
CA TYR D 140 -24.19 -35.18 23.66
C TYR D 140 -25.53 -34.47 23.49
N LYS D 141 -25.66 -33.29 24.09
CA LYS D 141 -26.93 -32.59 24.08
C LYS D 141 -27.10 -31.73 22.84
N THR D 142 -26.12 -31.78 21.94
CA THR D 142 -26.24 -31.10 20.66
C THR D 142 -26.57 -32.09 19.57
N THR D 143 -27.40 -31.66 18.63
CA THR D 143 -28.00 -32.53 17.66
C THR D 143 -28.15 -31.76 16.35
N ALA D 144 -28.24 -32.45 15.23
CA ALA D 144 -28.44 -31.76 13.96
C ALA D 144 -29.92 -31.54 13.67
N MET D 145 -30.26 -30.42 13.05
CA MET D 145 -31.60 -30.22 12.49
C MET D 145 -31.62 -30.47 10.99
N ASP D 146 -32.61 -31.24 10.53
CA ASP D 146 -32.76 -31.54 9.11
C ASP D 146 -33.27 -30.33 8.33
N LYS D 147 -33.28 -30.44 7.01
CA LYS D 147 -33.77 -29.35 6.15
C LYS D 147 -35.16 -28.85 6.52
N SER D 148 -36.01 -29.73 7.05
CA SER D 148 -37.35 -29.33 7.47
C SER D 148 -37.37 -28.70 8.89
N ASN D 149 -36.18 -28.40 9.42
CA ASN D 149 -36.04 -27.78 10.73
C ASN D 149 -36.52 -28.66 11.88
N GLN D 150 -36.32 -29.97 11.78
CA GLN D 150 -36.85 -30.90 12.78
C GLN D 150 -35.72 -31.58 13.54
N ALA D 151 -36.01 -32.00 14.77
CA ALA D 151 -35.00 -32.63 15.64
C ALA D 151 -34.49 -33.92 15.01
N THR D 152 -33.26 -34.28 15.32
CA THR D 152 -32.63 -35.46 14.74
C THR D 152 -31.89 -36.28 15.80
N GLN D 153 -31.47 -37.48 15.44
CA GLN D 153 -30.72 -38.32 16.36
C GLN D 153 -29.21 -38.25 16.10
N TYR D 154 -28.82 -37.42 15.13
CA TYR D 154 -27.43 -37.30 14.73
C TYR D 154 -26.66 -36.38 15.68
N ARG D 155 -25.67 -36.93 16.38
CA ARG D 155 -24.78 -36.13 17.21
C ARG D 155 -23.37 -35.94 16.64
N TYR D 156 -22.79 -34.77 16.87
CA TYR D 156 -21.49 -34.44 16.32
C TYR D 156 -20.38 -34.93 17.24
N PRO D 157 -19.16 -35.10 16.69
CA PRO D 157 -18.03 -35.41 17.56
C PRO D 157 -17.50 -34.13 18.15
N PHE D 158 -16.71 -34.24 19.22
CA PHE D 158 -16.15 -33.08 19.91
C PHE D 158 -14.64 -33.22 20.09
N VAL D 159 -13.97 -32.07 20.27
CA VAL D 159 -12.58 -32.05 20.69
C VAL D 159 -12.38 -31.15 21.92
N TYR D 160 -11.96 -31.73 23.04
CA TYR D 160 -11.68 -30.91 24.21
C TYR D 160 -10.26 -30.44 24.17
N ASP D 161 -10.06 -29.15 24.41
CA ASP D 161 -8.72 -28.57 24.46
C ASP D 161 -8.34 -28.27 25.89
N SER D 162 -7.56 -29.17 26.48
CA SER D 162 -7.24 -29.07 27.90
C SER D 162 -6.30 -27.92 28.24
N LYS D 163 -5.57 -27.39 27.25
CA LYS D 163 -4.76 -26.21 27.53
C LYS D 163 -5.66 -25.00 27.74
N ARG D 164 -6.40 -24.62 26.69
CA ARG D 164 -7.20 -23.41 26.69
C ARG D 164 -8.55 -23.57 27.38
N ARG D 165 -8.80 -24.76 27.93
CA ARG D 165 -10.10 -25.08 28.52
C ARG D 165 -11.23 -24.69 27.56
N LEU D 166 -11.16 -25.27 26.37
CA LEU D 166 -12.12 -24.98 25.32
C LEU D 166 -12.75 -26.26 24.80
N CYS D 167 -14.04 -26.20 24.51
CA CYS D 167 -14.82 -27.38 24.17
C CYS D 167 -15.35 -27.20 22.76
N TYR D 168 -14.90 -28.03 21.83
CA TYR D 168 -15.25 -27.82 20.43
C TYR D 168 -16.30 -28.81 20.02
N ILE D 169 -17.31 -28.35 19.30
CA ILE D 169 -18.22 -29.25 18.61
C ILE D 169 -17.92 -29.23 17.12
N LEU D 170 -17.42 -30.34 16.59
CA LEU D 170 -17.03 -30.40 15.18
C LEU D 170 -18.23 -30.66 14.27
N SER D 171 -18.63 -29.65 13.52
CA SER D 171 -19.73 -29.76 12.57
C SER D 171 -19.44 -30.72 11.40
N VAL D 172 -18.16 -30.95 11.13
CA VAL D 172 -17.75 -31.94 10.16
C VAL D 172 -17.29 -33.19 10.91
N SER D 173 -17.79 -34.35 10.52
CA SER D 173 -17.48 -35.60 11.22
C SER D 173 -16.71 -36.59 10.36
N MET D 174 -16.54 -36.25 9.09
CA MET D 174 -15.50 -36.86 8.28
C MET D 174 -14.21 -36.86 9.09
N GLN D 175 -13.37 -37.86 8.87
CA GLN D 175 -12.12 -37.97 9.60
C GLN D 175 -10.98 -38.43 8.72
N ARG D 176 -11.29 -39.06 7.59
CA ARG D 176 -10.30 -39.33 6.57
C ARG D 176 -10.82 -38.98 5.20
N MET D 177 -9.92 -38.49 4.35
CA MET D 177 -10.22 -38.17 2.97
C MET D 177 -8.91 -38.14 2.22
N GLU D 178 -8.77 -39.03 1.24
CA GLU D 178 -7.52 -39.18 0.48
C GLU D 178 -7.85 -39.50 -0.97
N GLY D 179 -7.04 -39.01 -1.89
CA GLY D 179 -7.24 -39.32 -3.31
C GLY D 179 -7.44 -38.12 -4.23
N SER D 180 -6.62 -38.10 -5.29
CA SER D 180 -6.67 -37.05 -6.31
C SER D 180 -8.00 -36.91 -7.06
N LYS D 181 -8.94 -37.81 -6.80
CA LYS D 181 -10.29 -37.69 -7.34
C LYS D 181 -11.23 -36.91 -6.42
N TYR D 182 -11.02 -37.05 -5.11
CA TYR D 182 -11.95 -36.53 -4.11
C TYR D 182 -11.43 -35.29 -3.37
N CYS D 183 -10.15 -35.32 -3.01
CA CYS D 183 -9.54 -34.15 -2.38
C CYS D 183 -8.16 -33.82 -2.92
N SER D 184 -7.86 -32.51 -2.95
CA SER D 184 -6.51 -32.01 -3.21
C SER D 184 -5.66 -32.13 -1.96
N THR D 185 -4.37 -32.44 -2.13
CA THR D 185 -3.42 -32.31 -1.03
C THR D 185 -2.34 -31.28 -1.37
N ASN D 186 -2.48 -30.07 -0.80
CA ASN D 186 -1.60 -28.94 -1.12
C ASN D 186 -1.96 -28.17 -2.39
N ASP D 187 -3.23 -28.17 -2.75
CA ASP D 187 -3.70 -27.54 -3.98
C ASP D 187 -3.41 -28.40 -5.19
N ASP D 188 -2.83 -29.57 -4.95
CA ASP D 188 -2.43 -30.51 -5.99
C ASP D 188 -3.35 -31.75 -5.95
N PRO D 189 -4.30 -31.85 -6.91
CA PRO D 189 -4.62 -30.97 -8.02
C PRO D 189 -5.51 -29.78 -7.63
N VAL D 190 -5.79 -28.90 -8.59
CA VAL D 190 -6.13 -27.50 -8.28
C VAL D 190 -7.63 -27.17 -8.24
N ASN D 191 -8.47 -28.05 -8.76
CA ASN D 191 -9.86 -27.68 -8.97
C ASN D 191 -10.79 -28.22 -7.89
N LEU D 192 -10.22 -28.70 -6.79
CA LEU D 192 -10.98 -29.51 -5.85
C LEU D 192 -11.61 -28.72 -4.70
N THR D 193 -12.91 -28.94 -4.48
CA THR D 193 -13.62 -28.41 -3.32
C THR D 193 -12.89 -28.74 -2.01
N TRP D 194 -12.48 -30.00 -1.88
CA TRP D 194 -11.98 -30.52 -0.60
C TRP D 194 -10.49 -30.70 -0.49
N TYR D 195 -9.93 -30.28 0.65
CA TYR D 195 -8.57 -30.62 1.03
C TYR D 195 -8.57 -32.03 1.63
N CYS D 196 -7.44 -32.72 1.54
CA CYS D 196 -7.34 -34.04 2.13
C CYS D 196 -7.06 -33.95 3.61
N PHE D 197 -7.41 -35.00 4.34
CA PHE D 197 -7.18 -35.02 5.76
C PHE D 197 -7.21 -36.44 6.29
N GLU D 198 -6.46 -36.67 7.35
CA GLU D 198 -6.46 -37.94 8.02
C GLU D 198 -6.34 -37.72 9.53
N PRO D 199 -6.71 -38.71 10.32
CA PRO D 199 -6.50 -38.58 11.75
C PRO D 199 -5.05 -38.79 12.08
N GLN D 200 -4.59 -38.17 13.15
CA GLN D 200 -3.18 -38.16 13.48
C GLN D 200 -2.95 -38.14 14.98
N LYS D 201 -1.84 -38.71 15.41
CA LYS D 201 -1.28 -38.42 16.74
C LYS D 201 0.17 -38.05 16.59
N SER D 202 0.70 -37.26 17.52
CA SER D 202 2.07 -36.81 17.44
C SER D 202 2.87 -36.99 18.74
N PRO D 203 4.14 -37.46 18.60
CA PRO D 203 5.00 -37.61 19.77
C PRO D 203 5.06 -36.35 20.61
N THR D 204 4.83 -35.20 19.97
CA THR D 204 5.14 -33.89 20.58
C THR D 204 4.02 -32.86 20.60
N ALA D 205 3.08 -32.95 19.66
CA ALA D 205 2.01 -31.95 19.56
C ALA D 205 0.62 -32.47 19.96
N ASN D 206 -0.14 -31.62 20.64
CA ASN D 206 -1.56 -31.85 20.82
C ASN D 206 -1.94 -32.86 21.90
N HIS D 207 -1.01 -33.20 22.78
CA HIS D 207 -1.33 -34.10 23.89
C HIS D 207 -2.48 -33.56 24.70
N ASN D 208 -2.70 -32.26 24.56
CA ASN D 208 -3.77 -31.53 25.24
C ASN D 208 -5.06 -31.53 24.42
N LEU D 209 -5.09 -32.29 23.34
CA LEU D 209 -6.31 -32.40 22.55
C LEU D 209 -6.95 -33.77 22.75
N ILE D 210 -8.20 -33.78 23.22
CA ILE D 210 -8.95 -35.01 23.29
C ILE D 210 -10.14 -34.99 22.34
N PHE D 211 -10.24 -36.02 21.52
CA PHE D 211 -11.29 -36.12 20.53
C PHE D 211 -12.14 -37.31 20.89
N GLY D 212 -13.45 -37.20 20.69
CA GLY D 212 -14.36 -38.30 20.98
C GLY D 212 -15.75 -38.07 20.42
N SER D 213 -16.57 -39.12 20.41
CA SER D 213 -17.95 -39.02 19.94
C SER D 213 -18.85 -38.30 20.95
N ALA D 214 -19.97 -37.77 20.48
CA ALA D 214 -21.02 -37.25 21.38
C ALA D 214 -21.39 -38.26 22.47
N TYR D 215 -21.29 -39.54 22.15
CA TYR D 215 -21.83 -40.54 23.04
C TYR D 215 -20.96 -40.82 24.26
N VAL D 216 -19.72 -40.34 24.22
CA VAL D 216 -18.91 -40.25 25.42
C VAL D 216 -19.70 -39.50 26.48
N GLY D 217 -20.46 -38.50 26.03
CA GLY D 217 -21.34 -37.74 26.92
C GLY D 217 -22.72 -38.34 27.20
N LYS D 218 -22.99 -39.55 26.71
CA LYS D 218 -24.27 -40.19 27.02
C LYS D 218 -24.35 -40.55 28.50
N ASP D 219 -23.25 -41.11 29.02
CA ASP D 219 -23.07 -41.27 30.47
C ASP D 219 -21.74 -40.67 30.91
N PRO D 220 -21.71 -39.35 31.11
CA PRO D 220 -20.51 -38.54 31.29
C PRO D 220 -19.52 -39.02 32.37
N ASP D 221 -19.90 -40.03 33.12
CA ASP D 221 -19.04 -40.56 34.18
C ASP D 221 -18.49 -41.93 33.83
N ALA D 222 -19.12 -42.57 32.85
CA ALA D 222 -18.73 -43.92 32.41
C ALA D 222 -17.25 -44.00 32.07
N PHE D 223 -16.81 -43.16 31.12
CA PHE D 223 -15.45 -43.22 30.60
C PHE D 223 -14.37 -43.16 31.69
N LEU D 224 -14.72 -42.51 32.81
CA LEU D 224 -13.83 -42.44 33.97
C LEU D 224 -13.22 -43.80 34.29
N THR D 225 -14.09 -44.81 34.19
CA THR D 225 -13.98 -46.02 34.99
C THR D 225 -14.00 -47.28 34.12
N LYS D 226 -14.11 -47.07 32.81
CA LYS D 226 -14.32 -48.19 31.90
C LYS D 226 -13.40 -48.06 30.70
N CYS D 227 -12.69 -46.93 30.62
CA CYS D 227 -11.83 -46.61 29.48
C CYS D 227 -10.36 -46.60 29.89
N PRO D 228 -9.45 -46.86 28.92
CA PRO D 228 -8.02 -46.83 29.15
C PRO D 228 -7.42 -45.47 28.83
N ASN D 229 -7.82 -44.45 29.57
CA ASN D 229 -7.24 -43.11 29.48
C ASN D 229 -5.72 -43.05 29.70
N GLN D 230 -5.22 -43.87 30.63
CA GLN D 230 -3.81 -43.82 31.03
C GLN D 230 -2.94 -44.82 30.30
N ALA D 231 -1.71 -44.41 30.00
CA ALA D 231 -0.63 -45.35 29.72
C ALA D 231 -0.32 -46.19 30.98
N LEU D 232 0.05 -47.45 30.80
CA LEU D 232 0.36 -48.30 31.94
C LEU D 232 1.85 -48.27 32.30
N LYS D 233 2.11 -47.90 33.55
CA LYS D 233 3.45 -47.48 33.97
C LYS D 233 4.45 -48.64 34.00
N GLY D 234 4.22 -49.64 34.83
CA GLY D 234 5.25 -50.67 35.04
C GLY D 234 5.05 -52.05 34.42
N TYR D 235 4.31 -52.14 33.33
CA TYR D 235 3.83 -53.44 32.83
C TYR D 235 3.84 -53.61 31.31
N ARG D 236 3.96 -54.87 30.87
CA ARG D 236 3.72 -55.23 29.48
C ARG D 236 2.41 -55.99 29.36
N PHE D 237 1.62 -55.65 28.36
CA PHE D 237 0.44 -56.41 28.02
C PHE D 237 0.85 -57.83 27.61
N GLY D 238 0.04 -58.81 28.03
CA GLY D 238 0.20 -60.19 27.59
C GLY D 238 -1.10 -60.98 27.45
N HIS D 239 -1.05 -62.07 26.69
CA HIS D 239 -2.12 -63.06 26.64
C HIS D 239 -1.79 -64.25 27.52
N TRP D 240 -2.77 -65.11 27.80
CA TRP D 240 -2.56 -66.24 28.73
C TRP D 240 -2.65 -67.60 28.06
N THR D 241 -1.49 -68.18 27.72
CA THR D 241 -1.44 -69.53 27.13
C THR D 241 -0.50 -70.45 27.91
N ASN D 242 -0.88 -71.73 27.98
CA ASN D 242 -0.08 -72.75 28.63
C ASN D 242 0.42 -72.33 30.00
N GLY D 243 -0.44 -71.69 30.78
CA GLY D 243 -0.18 -71.54 32.21
C GLY D 243 0.93 -70.58 32.62
N ARG D 244 1.24 -69.63 31.73
CA ARG D 244 1.96 -68.40 32.11
C ARG D 244 1.59 -67.24 31.19
N CYS D 245 1.95 -66.03 31.61
CA CYS D 245 1.60 -64.82 30.87
C CYS D 245 2.60 -64.52 29.75
N HIS D 246 2.09 -64.45 28.52
CA HIS D 246 2.91 -64.27 27.32
C HIS D 246 2.83 -62.84 26.85
N ASP D 247 3.84 -62.02 27.11
CA ASP D 247 3.78 -60.65 26.61
C ASP D 247 3.83 -60.61 25.09
N TYR D 248 3.51 -59.45 24.49
CA TYR D 248 3.33 -59.38 23.05
C TYR D 248 4.54 -59.86 22.22
N THR D 249 5.73 -59.78 22.80
CA THR D 249 6.95 -60.23 22.12
C THR D 249 7.02 -61.75 22.00
N GLU D 250 6.11 -62.44 22.68
CA GLU D 250 6.08 -63.90 22.66
C GLU D 250 5.01 -64.43 21.71
N LEU D 251 4.13 -63.55 21.24
CA LEU D 251 3.13 -63.93 20.24
C LEU D 251 3.67 -63.64 18.84
N ALA D 252 3.54 -64.60 17.94
CA ALA D 252 4.13 -64.47 16.60
C ALA D 252 3.31 -63.55 15.68
N ASP D 253 2.02 -63.39 15.99
CA ASP D 253 1.12 -62.50 15.26
C ASP D 253 1.36 -61.01 15.53
N SER D 254 2.36 -60.73 16.39
CA SER D 254 2.61 -59.38 16.90
C SER D 254 3.74 -58.66 16.16
N TRP D 255 3.57 -57.35 15.93
CA TRP D 255 4.58 -56.55 15.24
C TRP D 255 5.59 -56.03 16.22
N ILE D 256 6.87 -56.22 15.89
CA ILE D 256 7.97 -55.66 16.66
C ILE D 256 8.69 -54.60 15.82
N GLU D 257 8.57 -53.34 16.22
CA GLU D 257 9.11 -52.21 15.43
C GLU D 257 10.07 -51.39 16.25
N ALA D 258 11.08 -50.84 15.59
CA ALA D 258 12.09 -50.02 16.25
C ALA D 258 11.56 -48.62 16.59
N VAL D 259 11.88 -48.12 17.79
CA VAL D 259 11.56 -46.74 18.17
C VAL D 259 12.65 -46.04 19.00
N ASP D 260 12.75 -44.71 18.85
CA ASP D 260 13.74 -43.91 19.58
C ASP D 260 13.22 -43.42 20.94
N SER D 261 11.90 -43.27 21.07
CA SER D 261 11.31 -42.97 22.38
C SER D 261 10.03 -43.77 22.61
N LYS D 262 9.62 -43.84 23.88
CA LYS D 262 8.34 -44.42 24.23
C LYS D 262 7.19 -43.72 23.53
N ALA D 263 7.26 -42.39 23.46
CA ALA D 263 6.21 -41.58 22.85
C ALA D 263 5.85 -42.05 21.46
N GLN D 264 6.88 -42.32 20.64
CA GLN D 264 6.67 -42.81 19.28
C GLN D 264 5.80 -44.05 19.23
N CYS D 265 6.05 -44.98 20.15
CA CYS D 265 5.29 -46.23 20.20
C CYS D 265 3.81 -45.98 20.48
N TRP D 266 3.53 -45.08 21.41
CA TRP D 266 2.17 -44.72 21.74
C TRP D 266 1.42 -44.19 20.55
N VAL D 267 2.13 -43.45 19.69
CA VAL D 267 1.56 -42.99 18.42
C VAL D 267 1.31 -44.17 17.49
N LYS D 268 2.21 -45.14 17.51
CA LYS D 268 2.13 -46.30 16.64
C LYS D 268 0.88 -47.14 16.92
N THR D 269 0.44 -47.18 18.18
CA THR D 269 -0.78 -47.91 18.53
C THR D 269 -1.98 -47.26 17.86
N PHE D 270 -1.84 -45.98 17.52
CA PHE D 270 -2.91 -45.23 16.90
C PHE D 270 -2.80 -45.18 15.38
N THR D 271 -1.58 -45.27 14.85
CA THR D 271 -1.37 -45.00 13.41
C THR D 271 -1.20 -46.21 12.50
N ASN D 272 -0.86 -47.36 13.08
CA ASN D 272 -0.47 -48.51 12.26
C ASN D 272 -1.57 -48.99 11.32
N ASP D 273 -1.16 -49.62 10.22
CA ASP D 273 -2.06 -50.05 9.15
C ASP D 273 -3.37 -50.64 9.65
N GLU D 274 -3.31 -51.38 10.75
CA GLU D 274 -4.39 -52.26 11.18
C GLU D 274 -5.00 -51.84 12.51
N VAL D 275 -4.88 -50.56 12.87
CA VAL D 275 -5.61 -50.04 14.03
C VAL D 275 -7.11 -50.10 13.79
N ALA D 276 -7.87 -50.17 14.87
CA ALA D 276 -9.32 -50.26 14.77
C ALA D 276 -9.91 -49.02 14.09
N SER D 277 -10.13 -49.12 12.78
CA SER D 277 -10.75 -48.02 12.03
C SER D 277 -12.09 -48.40 11.40
N ASP D 278 -12.92 -47.40 11.15
CA ASP D 278 -14.17 -47.59 10.40
C ASP D 278 -14.04 -47.05 8.97
N GLN D 279 -12.81 -46.83 8.52
CA GLN D 279 -12.55 -46.38 7.15
C GLN D 279 -11.55 -47.29 6.41
N HIS D 289 -17.53 -35.16 -2.54
CA HIS D 289 -18.39 -34.37 -1.65
C HIS D 289 -18.69 -33.01 -2.22
N SER D 290 -19.85 -32.45 -1.86
CA SER D 290 -20.12 -31.03 -2.10
C SER D 290 -19.51 -30.17 -1.00
N TRP D 291 -19.80 -28.88 -1.05
CA TRP D 291 -19.12 -27.93 -0.18
C TRP D 291 -19.64 -27.90 1.25
N ASN D 292 -20.89 -28.34 1.44
CA ASN D 292 -21.46 -28.51 2.80
C ASN D 292 -21.52 -29.95 3.29
N ASP D 293 -21.18 -30.91 2.44
CA ASP D 293 -21.35 -32.30 2.82
C ASP D 293 -20.37 -32.66 3.95
N TRP D 294 -20.76 -32.26 5.16
CA TRP D 294 -19.91 -32.36 6.34
C TRP D 294 -19.83 -33.76 6.87
N TRP D 295 -20.78 -34.61 6.48
CA TRP D 295 -20.87 -35.96 7.05
C TRP D 295 -20.67 -37.03 6.04
N PRO D 296 -20.05 -38.15 6.44
CA PRO D 296 -19.88 -39.29 5.53
C PRO D 296 -21.21 -40.00 5.30
N VAL D 297 -21.44 -40.46 4.08
CA VAL D 297 -22.70 -41.12 3.72
C VAL D 297 -22.65 -42.62 3.98
N HIS D 298 -23.82 -43.18 4.28
CA HIS D 298 -23.96 -44.63 4.39
C HIS D 298 -23.80 -45.30 3.06
N GLU D 299 -23.12 -46.45 3.05
CA GLU D 299 -23.11 -47.34 1.91
C GLU D 299 -23.39 -48.77 2.37
N LYS D 300 -23.86 -49.61 1.46
CA LYS D 300 -24.32 -50.96 1.79
C LYS D 300 -23.31 -51.76 2.64
N ASP D 301 -22.03 -51.54 2.38
CA ASP D 301 -20.99 -52.48 2.82
C ASP D 301 -19.98 -51.92 3.82
N GLN D 302 -19.98 -50.60 4.03
CA GLN D 302 -18.91 -49.91 4.80
C GLN D 302 -18.52 -50.60 6.11
N PRO D 303 -17.21 -50.61 6.43
CA PRO D 303 -16.70 -51.47 7.48
C PRO D 303 -17.03 -50.96 8.88
N HIS D 304 -17.48 -51.85 9.76
CA HIS D 304 -17.64 -51.54 11.17
C HIS D 304 -16.72 -52.37 11.99
N SER D 305 -15.83 -51.69 12.72
CA SER D 305 -14.77 -52.36 13.47
C SER D 305 -15.27 -52.86 14.83
N GLY D 306 -16.21 -52.14 15.42
CA GLY D 306 -16.61 -52.39 16.80
C GLY D 306 -15.46 -52.44 17.79
N GLY D 307 -14.30 -51.92 17.39
CA GLY D 307 -13.18 -51.75 18.30
C GLY D 307 -12.08 -52.75 18.06
N ASP D 308 -12.29 -53.62 17.09
CA ASP D 308 -11.31 -54.67 16.76
C ASP D 308 -10.13 -54.10 16.01
N GLY D 309 -8.93 -54.36 16.51
CA GLY D 309 -7.75 -54.26 15.66
C GLY D 309 -6.45 -54.19 16.42
N ARG D 310 -5.41 -53.74 15.74
CA ARG D 310 -4.12 -53.60 16.39
C ARG D 310 -4.05 -52.30 17.19
N ASN D 311 -4.71 -52.30 18.35
CA ASN D 311 -4.80 -51.12 19.18
C ASN D 311 -3.98 -51.19 20.44
N TYR D 312 -3.07 -52.17 20.51
CA TYR D 312 -2.38 -52.45 21.77
C TYR D 312 -0.86 -52.61 21.63
N GLY D 313 -0.11 -51.87 22.41
CA GLY D 313 1.33 -52.03 22.40
C GLY D 313 2.00 -51.62 23.69
N PHE D 314 3.27 -51.97 23.81
CA PHE D 314 4.10 -51.38 24.84
C PHE D 314 5.45 -50.98 24.26
N PHE D 315 6.06 -49.99 24.89
CA PHE D 315 7.46 -49.68 24.66
C PHE D 315 8.30 -50.50 25.64
N TYR D 316 9.41 -51.06 25.15
CA TYR D 316 10.31 -51.83 26.00
C TYR D 316 11.73 -51.73 25.49
N PHE D 317 12.69 -51.94 26.39
CA PHE D 317 14.08 -52.08 25.98
C PHE D 317 14.41 -53.53 25.62
N ASP D 318 15.02 -53.70 24.45
CA ASP D 318 15.48 -55.01 23.96
C ASP D 318 16.59 -55.59 24.85
N SER D 319 17.09 -56.76 24.46
CA SER D 319 18.29 -57.32 25.08
C SER D 319 19.57 -56.67 24.54
N ASN D 320 19.48 -56.08 23.34
CA ASN D 320 20.56 -55.26 22.81
C ASN D 320 20.47 -53.83 23.32
N GLY D 321 19.57 -53.60 24.29
CA GLY D 321 19.36 -52.27 24.85
C GLY D 321 18.66 -51.31 23.90
N LYS D 322 18.26 -51.82 22.73
CA LYS D 322 17.58 -51.01 21.73
C LYS D 322 16.10 -50.79 22.10
N GLY D 323 15.62 -49.56 21.93
CA GLY D 323 14.23 -49.21 22.22
C GLY D 323 13.28 -49.72 21.15
N LYS D 324 12.14 -50.25 21.59
CA LYS D 324 11.26 -50.98 20.68
C LYS D 324 9.78 -50.94 21.06
N CYS D 325 8.95 -51.35 20.11
CA CYS D 325 7.51 -51.19 20.21
C CYS D 325 6.83 -52.44 19.67
N ALA D 326 6.01 -53.06 20.52
CA ALA D 326 5.37 -54.33 20.19
C ALA D 326 3.88 -54.09 20.07
N LEU D 327 3.30 -54.49 18.94
CA LEU D 327 1.91 -54.14 18.67
C LEU D 327 1.08 -55.37 18.39
N SER D 328 -0.10 -55.42 19.01
CA SER D 328 -0.92 -56.61 19.01
C SER D 328 -2.38 -56.31 18.66
N HIS D 329 -3.00 -57.26 17.97
CA HIS D 329 -4.46 -57.37 17.89
C HIS D 329 -5.10 -57.72 19.21
N LYS D 330 -4.35 -58.39 20.09
CA LYS D 330 -4.93 -59.11 21.23
C LYS D 330 -5.00 -58.27 22.48
N ALA D 331 -6.21 -57.90 22.86
CA ALA D 331 -6.47 -57.16 24.09
C ALA D 331 -5.96 -57.95 25.27
N PRO D 332 -5.27 -57.27 26.20
CA PRO D 332 -4.55 -57.96 27.27
C PRO D 332 -5.49 -58.69 28.22
N ASP D 333 -5.09 -59.88 28.67
CA ASP D 333 -5.77 -60.55 29.78
C ASP D 333 -4.83 -60.95 30.92
N CYS D 334 -3.60 -60.43 30.87
CA CYS D 334 -2.61 -60.62 31.95
C CYS D 334 -1.47 -59.62 31.77
N LEU D 335 -0.58 -59.54 32.78
CA LEU D 335 0.51 -58.57 32.77
C LEU D 335 1.86 -59.15 33.20
N VAL D 336 2.90 -58.86 32.41
CA VAL D 336 4.30 -59.08 32.80
C VAL D 336 4.91 -57.77 33.29
N SER D 337 5.42 -57.75 34.50
CA SER D 337 6.00 -56.52 35.05
C SER D 337 7.42 -56.26 34.55
N ASP D 338 7.70 -55.00 34.22
CA ASP D 338 8.92 -54.60 33.54
C ASP D 338 9.09 -53.10 33.76
N SER D 339 9.99 -52.75 34.67
CA SER D 339 10.14 -51.36 35.13
C SER D 339 10.29 -50.33 34.01
N LYS D 340 11.00 -50.69 32.95
CA LYS D 340 11.33 -49.73 31.89
C LYS D 340 10.29 -49.68 30.76
N ALA D 341 9.35 -50.63 30.74
CA ALA D 341 8.33 -50.68 29.70
C ALA D 341 7.08 -49.87 30.08
N VAL D 342 6.36 -49.41 29.05
CA VAL D 342 5.06 -48.74 29.23
C VAL D 342 4.04 -49.26 28.23
N SER D 343 2.82 -49.53 28.70
CA SER D 343 1.76 -50.06 27.84
C SER D 343 0.77 -48.99 27.38
N TYR D 344 0.59 -48.90 26.07
CA TYR D 344 -0.27 -47.87 25.47
C TYR D 344 -1.43 -48.50 24.69
N THR D 345 -2.56 -47.78 24.65
CA THR D 345 -3.63 -48.11 23.71
C THR D 345 -3.78 -47.01 22.66
N ALA D 346 -4.47 -47.30 21.55
CA ALA D 346 -4.79 -46.31 20.53
C ALA D 346 -5.71 -45.26 21.12
N LEU D 347 -6.35 -45.65 22.22
CA LEU D 347 -7.38 -44.87 22.86
C LEU D 347 -6.79 -43.85 23.84
N GLY D 348 -5.77 -44.25 24.57
CA GLY D 348 -5.28 -43.50 25.73
C GLY D 348 -4.20 -42.49 25.40
N SER D 349 -3.85 -41.69 26.40
CA SER D 349 -2.84 -40.67 26.23
C SER D 349 -1.47 -41.25 26.47
N LEU D 350 -0.47 -40.39 26.38
CA LEU D 350 0.90 -40.78 26.64
C LEU D 350 1.18 -40.62 28.13
N SER D 351 0.35 -39.82 28.79
CA SER D 351 0.55 -39.47 30.21
C SER D 351 0.15 -40.60 31.16
N GLU D 352 1.14 -41.29 31.73
CA GLU D 352 0.86 -42.45 32.58
C GLU D 352 0.38 -42.10 33.99
N GLU D 353 0.31 -40.80 34.29
CA GLU D 353 -0.37 -40.33 35.49
C GLU D 353 -1.78 -39.81 35.14
N THR D 354 -2.69 -39.91 36.10
CA THR D 354 -4.06 -39.41 35.95
C THR D 354 -4.09 -37.88 35.75
N PRO D 355 -4.46 -37.42 34.53
CA PRO D 355 -4.52 -35.97 34.26
C PRO D 355 -5.69 -35.26 34.96
N ASP D 356 -5.41 -34.07 35.52
CA ASP D 356 -6.42 -33.22 36.16
C ASP D 356 -7.76 -33.25 35.41
N ILE D 357 -7.66 -33.21 34.09
CA ILE D 357 -8.79 -33.14 33.17
C ILE D 357 -9.84 -34.21 33.44
N ILE D 358 -9.46 -35.25 34.19
CA ILE D 358 -10.36 -36.37 34.50
C ILE D 358 -10.42 -36.77 35.98
N ILE D 359 -9.84 -35.94 36.87
CA ILE D 359 -10.04 -36.10 38.32
C ILE D 359 -11.26 -35.31 38.78
N PRO D 360 -12.24 -35.99 39.42
CA PRO D 360 -13.52 -35.36 39.75
C PRO D 360 -13.40 -34.26 40.81
N GLU D 372 -5.62 -48.91 41.58
CA GLU D 372 -5.50 -49.44 42.93
C GLU D 372 -5.73 -50.95 42.95
N ALA D 373 -6.45 -51.44 41.96
CA ALA D 373 -6.68 -52.88 41.79
C ALA D 373 -5.37 -53.64 41.54
N LEU D 374 -4.29 -52.89 41.30
CA LEU D 374 -2.99 -53.48 41.05
C LEU D 374 -2.22 -53.67 42.36
N GLN D 375 -2.73 -53.08 43.43
CA GLN D 375 -2.00 -53.02 44.69
C GLN D 375 -2.30 -54.22 45.59
N CYS D 376 -1.27 -54.69 46.29
CA CYS D 376 -1.34 -55.90 47.10
C CYS D 376 -0.74 -55.66 48.48
N ARG D 377 -1.05 -56.54 49.43
CA ARG D 377 -0.41 -56.52 50.74
C ARG D 377 0.69 -57.58 50.84
N SER D 378 1.77 -57.26 51.57
CA SER D 378 2.95 -58.12 51.71
C SER D 378 2.60 -59.58 52.03
N SER D 379 1.60 -59.76 52.89
CA SER D 379 1.22 -61.09 53.36
C SER D 379 0.08 -61.68 52.53
N GLU D 380 -0.99 -60.89 52.35
CA GLU D 380 -2.26 -61.39 51.83
C GLU D 380 -2.21 -61.74 50.35
N PHE D 381 -1.08 -61.44 49.71
CA PHE D 381 -0.77 -61.96 48.39
C PHE D 381 0.37 -62.96 48.49
N PRO D 382 0.04 -64.27 48.46
CA PRO D 382 1.07 -65.31 48.58
C PRO D 382 1.73 -65.62 47.24
N GLU D 383 3.06 -65.69 47.23
CA GLU D 383 3.81 -66.07 46.03
C GLU D 383 3.25 -67.34 45.41
N THR D 384 2.98 -67.30 44.11
CA THR D 384 2.45 -68.46 43.40
C THR D 384 3.23 -68.71 42.12
N PHE D 385 3.52 -69.98 41.87
CA PHE D 385 4.17 -70.41 40.64
C PHE D 385 3.15 -71.21 39.84
N GLY D 386 3.16 -71.05 38.52
CA GLY D 386 2.30 -71.83 37.64
C GLY D 386 2.96 -73.10 37.18
N SER D 387 2.25 -73.90 36.39
CA SER D 387 2.86 -75.05 35.73
C SER D 387 3.99 -74.61 34.79
N CYS D 388 4.97 -75.48 34.59
CA CYS D 388 6.10 -75.16 33.72
C CYS D 388 5.72 -75.29 32.24
N ASP D 389 5.50 -74.13 31.61
CA ASP D 389 5.38 -74.04 30.16
C ASP D 389 6.62 -74.65 29.51
N VAL D 390 6.44 -75.81 28.86
CA VAL D 390 7.55 -76.64 28.43
C VAL D 390 8.12 -76.25 27.07
N GLN D 391 7.31 -75.61 26.23
CA GLN D 391 7.78 -75.16 24.94
C GLN D 391 8.83 -74.05 25.07
N ALA D 392 8.61 -73.17 26.05
CA ALA D 392 9.54 -72.08 26.35
C ALA D 392 10.45 -72.41 27.54
N CYS D 393 10.12 -73.49 28.24
CA CYS D 393 10.76 -73.91 29.51
C CYS D 393 10.87 -72.84 30.61
N LYS D 394 10.11 -71.76 30.46
CA LYS D 394 9.90 -70.82 31.56
C LYS D 394 8.64 -71.22 32.34
N ARG D 395 8.37 -70.51 33.43
CA ARG D 395 7.13 -70.71 34.20
C ARG D 395 6.67 -69.44 34.87
N GLN D 396 5.35 -69.32 35.05
CA GLN D 396 4.75 -68.13 35.63
C GLN D 396 5.15 -67.95 37.10
N LYS D 397 5.57 -66.74 37.47
CA LYS D 397 5.67 -66.37 38.88
C LYS D 397 4.89 -65.10 39.19
N THR D 398 3.84 -65.25 39.98
CA THR D 398 3.05 -64.10 40.40
C THR D 398 3.26 -63.86 41.89
N SER D 399 3.59 -62.62 42.24
CA SER D 399 4.01 -62.27 43.59
C SER D 399 3.54 -60.87 43.99
N CYS D 400 4.18 -60.30 45.02
CA CYS D 400 3.91 -58.92 45.42
C CYS D 400 5.19 -58.21 45.88
N VAL D 401 5.97 -57.71 44.92
CA VAL D 401 7.15 -56.91 45.21
C VAL D 401 6.85 -55.42 45.00
N GLY D 402 7.15 -54.61 46.01
CA GLY D 402 6.66 -53.23 46.08
C GLY D 402 5.35 -53.19 46.84
N GLY D 403 4.43 -52.34 46.41
CA GLY D 403 3.05 -52.42 46.87
C GLY D 403 2.16 -52.97 45.78
N GLN D 404 2.77 -53.23 44.63
CA GLN D 404 2.04 -53.48 43.38
C GLN D 404 2.15 -54.96 43.00
N ILE D 405 1.10 -55.51 42.38
CA ILE D 405 1.15 -56.87 41.86
C ILE D 405 2.20 -56.98 40.77
N GLN D 406 3.22 -57.81 41.01
CA GLN D 406 4.24 -58.03 40.00
C GLN D 406 4.17 -59.47 39.54
N SER D 407 4.30 -59.67 38.23
CA SER D 407 4.17 -60.97 37.62
C SER D 407 5.19 -61.11 36.49
N THR D 408 5.95 -62.21 36.53
CA THR D 408 7.04 -62.42 35.58
C THR D 408 7.01 -63.85 35.07
N SER D 409 8.09 -64.24 34.40
CA SER D 409 8.29 -65.62 33.99
C SER D 409 9.69 -66.11 34.36
N VAL D 410 9.80 -66.75 35.51
CA VAL D 410 11.09 -67.25 35.99
C VAL D 410 11.37 -68.68 35.51
N ASP D 411 12.46 -69.26 36.01
CA ASP D 411 12.87 -70.61 35.64
C ASP D 411 12.00 -71.67 36.30
N CYS D 412 11.84 -72.80 35.62
CA CYS D 412 11.30 -74.01 36.21
C CYS D 412 12.35 -74.68 37.10
N THR D 413 11.92 -75.24 38.22
CA THR D 413 12.84 -75.88 39.16
C THR D 413 13.59 -77.02 38.50
N ALA D 414 14.65 -77.48 39.16
CA ALA D 414 15.54 -78.52 38.66
C ALA D 414 14.81 -79.62 37.87
N GLU D 415 14.14 -80.52 38.59
CA GLU D 415 13.55 -81.72 37.98
C GLU D 415 12.22 -81.42 37.27
N GLU D 416 12.01 -80.14 36.96
CA GLU D 416 10.94 -79.71 36.07
C GLU D 416 11.53 -79.47 34.68
N GLN D 417 12.80 -79.10 34.66
CA GLN D 417 13.45 -78.60 33.45
C GLN D 417 13.69 -79.66 32.37
N ASN D 418 13.92 -80.91 32.78
CA ASN D 418 14.18 -81.98 31.82
C ASN D 418 12.93 -82.54 31.16
N ASP D 419 11.78 -81.95 31.50
CA ASP D 419 10.54 -82.15 30.75
C ASP D 419 10.43 -81.12 29.64
N CYS D 420 11.55 -80.49 29.29
CA CYS D 420 11.62 -79.58 28.15
C CYS D 420 12.55 -80.15 27.08
#